data_4A56
# 
_entry.id   4A56 
# 
_audit_conform.dict_name       mmcif_pdbx.dic 
_audit_conform.dict_version    5.397 
_audit_conform.dict_location   http://mmcif.pdb.org/dictionaries/ascii/mmcif_pdbx.dic 
# 
loop_
_database_2.database_id 
_database_2.database_code 
_database_2.pdbx_database_accession 
_database_2.pdbx_DOI 
PDB   4A56         pdb_00004a56 10.2210/pdb4a56/pdb 
PDBE  EBI-50039    ?            ?                   
WWPDB D_1290050039 ?            ?                   
# 
loop_
_pdbx_audit_revision_history.ordinal 
_pdbx_audit_revision_history.data_content_type 
_pdbx_audit_revision_history.major_revision 
_pdbx_audit_revision_history.minor_revision 
_pdbx_audit_revision_history.revision_date 
1 'Structure model' 1 0 2011-12-07 
2 'Structure model' 1 1 2011-12-28 
3 'Structure model' 1 2 2024-10-16 
# 
_pdbx_audit_revision_details.ordinal             1 
_pdbx_audit_revision_details.revision_ordinal    1 
_pdbx_audit_revision_details.data_content_type   'Structure model' 
_pdbx_audit_revision_details.provider            repository 
_pdbx_audit_revision_details.type                'Initial release' 
_pdbx_audit_revision_details.description         ? 
_pdbx_audit_revision_details.details             ? 
# 
loop_
_pdbx_audit_revision_group.ordinal 
_pdbx_audit_revision_group.revision_ordinal 
_pdbx_audit_revision_group.data_content_type 
_pdbx_audit_revision_group.group 
1 2 'Structure model' Other                  
2 3 'Structure model' 'Data collection'      
3 3 'Structure model' 'Database references'  
4 3 'Structure model' 'Derived calculations' 
5 3 'Structure model' Other                  
6 3 'Structure model' 'Structure summary'    
# 
loop_
_pdbx_audit_revision_category.ordinal 
_pdbx_audit_revision_category.revision_ordinal 
_pdbx_audit_revision_category.data_content_type 
_pdbx_audit_revision_category.category 
1 3 'Structure model' chem_comp_atom               
2 3 'Structure model' chem_comp_bond               
3 3 'Structure model' database_2                   
4 3 'Structure model' pdbx_database_status         
5 3 'Structure model' pdbx_entry_details           
6 3 'Structure model' pdbx_modification_feature    
7 3 'Structure model' pdbx_struct_special_symmetry 
8 3 'Structure model' struct_site                  
# 
loop_
_pdbx_audit_revision_item.ordinal 
_pdbx_audit_revision_item.revision_ordinal 
_pdbx_audit_revision_item.data_content_type 
_pdbx_audit_revision_item.item 
1 3 'Structure model' '_database_2.pdbx_DOI'                 
2 3 'Structure model' '_database_2.pdbx_database_accession'  
3 3 'Structure model' '_pdbx_database_status.status_code_sf' 
4 3 'Structure model' '_struct_site.pdbx_auth_asym_id'       
5 3 'Structure model' '_struct_site.pdbx_auth_comp_id'       
6 3 'Structure model' '_struct_site.pdbx_auth_seq_id'        
# 
_pdbx_database_status.status_code                     REL 
_pdbx_database_status.entry_id                        4A56 
_pdbx_database_status.deposit_site                    PDBE 
_pdbx_database_status.process_site                    PDBE 
_pdbx_database_status.SG_entry                        . 
_pdbx_database_status.recvd_initial_deposition_date   2011-10-24 
_pdbx_database_status.pdb_format_compatible           Y 
_pdbx_database_status.status_code_sf                  REL 
_pdbx_database_status.status_code_mr                  ? 
_pdbx_database_status.status_code_cs                  ? 
_pdbx_database_status.methods_development_category    ? 
_pdbx_database_status.status_code_nmr_data            ? 
# 
loop_
_audit_author.name 
_audit_author.pdbx_ordinal 
'Tosi, T.'              1 
'Nickerson, N.N.'       2 
'Mollica, L.'           3 
'RingkjobingJensen, M.' 4 
'Blackledge, M.'        5 
'Baron, B.'             6 
'England, P.'           7 
'Pugsley, A.P.'         8 
'Dessen, A.'            9 
# 
_citation.id                        primary 
_citation.title                     'Pilotin-Secretin Recognition in the Type II Secretion System of Klebsiella Oxytoca.' 
_citation.journal_abbrev            Mol.Microbiol 
_citation.journal_volume            82 
_citation.page_first                1422 
_citation.page_last                 ? 
_citation.year                      2011 
_citation.journal_id_ASTM           MOMIEE 
_citation.country                   UK 
_citation.journal_id_ISSN           0950-382X 
_citation.journal_id_CSD            2007 
_citation.book_publisher            ? 
_citation.pdbx_database_id_PubMed   22098633 
_citation.pdbx_database_id_DOI      10.1111/J.1365-2958.2011.07896.X 
# 
loop_
_citation_author.citation_id 
_citation_author.name 
_citation_author.ordinal 
_citation_author.identifier_ORCID 
primary 'Tosi, T.'        1 ? 
primary 'Nickerson, N.N.' 2 ? 
primary 'Mollica, L.'     3 ? 
primary 'Jensen, M.R.'    4 ? 
primary 'Blackledge, M.'  5 ? 
primary 'Baron, B.'       6 ? 
primary 'England, P.'     7 ? 
primary 'Pugsley, A.P.'   8 ? 
primary 'Dessen, A.'      9 ? 
# 
loop_
_entity.id 
_entity.type 
_entity.src_method 
_entity.pdbx_description 
_entity.formula_weight 
_entity.pdbx_number_of_molecules 
_entity.pdbx_ec 
_entity.pdbx_mutation 
_entity.pdbx_fragment 
_entity.details 
1 polymer     man 'PULLULANASE SECRETION PROTEIN PULS' 10243.445 1  ? ? ? 'RESIDUES 30-122' 
2 non-polymer syn '(4R)-2-METHYLPENTANE-2,4-DIOL'      118.174   1  ? ? ? ?                 
3 water       nat water                                18.015    83 ? ? ? ?                 
# 
_entity_name_com.entity_id   1 
_entity_name_com.name        PULS 
# 
_entity_poly.entity_id                      1 
_entity_poly.type                           'polypeptide(L)' 
_entity_poly.nstd_linkage                   no 
_entity_poly.nstd_monomer                   no 
_entity_poly.pdbx_seq_one_letter_code       
;VSGQAQLEQLASVAAGARYLKNKCNRSDLPADEAINRAAINVGKKRGWANIDANLLSQRSAQLYQQLQQDSTPEATKCSQ
FNRQLAPFIDSLR
;
_entity_poly.pdbx_seq_one_letter_code_can   
;VSGQAQLEQLASVAAGARYLKNKCNRSDLPADEAINRAAINVGKKRGWANIDANLLSQRSAQLYQQLQQDSTPEATKCSQ
FNRQLAPFIDSLR
;
_entity_poly.pdbx_strand_id                 A 
_entity_poly.pdbx_target_identifier         ? 
# 
loop_
_pdbx_entity_nonpoly.entity_id 
_pdbx_entity_nonpoly.name 
_pdbx_entity_nonpoly.comp_id 
2 '(4R)-2-METHYLPENTANE-2,4-DIOL' MRD 
3 water                           HOH 
# 
loop_
_entity_poly_seq.entity_id 
_entity_poly_seq.num 
_entity_poly_seq.mon_id 
_entity_poly_seq.hetero 
1 1  VAL n 
1 2  SER n 
1 3  GLY n 
1 4  GLN n 
1 5  ALA n 
1 6  GLN n 
1 7  LEU n 
1 8  GLU n 
1 9  GLN n 
1 10 LEU n 
1 11 ALA n 
1 12 SER n 
1 13 VAL n 
1 14 ALA n 
1 15 ALA n 
1 16 GLY n 
1 17 ALA n 
1 18 ARG n 
1 19 TYR n 
1 20 LEU n 
1 21 LYS n 
1 22 ASN n 
1 23 LYS n 
1 24 CYS n 
1 25 ASN n 
1 26 ARG n 
1 27 SER n 
1 28 ASP n 
1 29 LEU n 
1 30 PRO n 
1 31 ALA n 
1 32 ASP n 
1 33 GLU n 
1 34 ALA n 
1 35 ILE n 
1 36 ASN n 
1 37 ARG n 
1 38 ALA n 
1 39 ALA n 
1 40 ILE n 
1 41 ASN n 
1 42 VAL n 
1 43 GLY n 
1 44 LYS n 
1 45 LYS n 
1 46 ARG n 
1 47 GLY n 
1 48 TRP n 
1 49 ALA n 
1 50 ASN n 
1 51 ILE n 
1 52 ASP n 
1 53 ALA n 
1 54 ASN n 
1 55 LEU n 
1 56 LEU n 
1 57 SER n 
1 58 GLN n 
1 59 ARG n 
1 60 SER n 
1 61 ALA n 
1 62 GLN n 
1 63 LEU n 
1 64 TYR n 
1 65 GLN n 
1 66 GLN n 
1 67 LEU n 
1 68 GLN n 
1 69 GLN n 
1 70 ASP n 
1 71 SER n 
1 72 THR n 
1 73 PRO n 
1 74 GLU n 
1 75 ALA n 
1 76 THR n 
1 77 LYS n 
1 78 CYS n 
1 79 SER n 
1 80 GLN n 
1 81 PHE n 
1 82 ASN n 
1 83 ARG n 
1 84 GLN n 
1 85 LEU n 
1 86 ALA n 
1 87 PRO n 
1 88 PHE n 
1 89 ILE n 
1 90 ASP n 
1 91 SER n 
1 92 LEU n 
1 93 ARG n 
# 
_entity_src_gen.entity_id                          1 
_entity_src_gen.pdbx_src_id                        1 
_entity_src_gen.pdbx_alt_source_flag               sample 
_entity_src_gen.pdbx_seq_type                      ? 
_entity_src_gen.pdbx_beg_seq_num                   ? 
_entity_src_gen.pdbx_end_seq_num                   ? 
_entity_src_gen.gene_src_common_name               ? 
_entity_src_gen.gene_src_genus                     ? 
_entity_src_gen.pdbx_gene_src_gene                 ? 
_entity_src_gen.gene_src_species                   ? 
_entity_src_gen.gene_src_strain                    ? 
_entity_src_gen.gene_src_tissue                    ? 
_entity_src_gen.gene_src_tissue_fraction           ? 
_entity_src_gen.gene_src_details                   ? 
_entity_src_gen.pdbx_gene_src_fragment             ? 
_entity_src_gen.pdbx_gene_src_scientific_name      'KLEBSIELLA OXYTOCA' 
_entity_src_gen.pdbx_gene_src_ncbi_taxonomy_id     571 
_entity_src_gen.pdbx_gene_src_variant              ? 
_entity_src_gen.pdbx_gene_src_cell_line            ? 
_entity_src_gen.pdbx_gene_src_atcc                 ? 
_entity_src_gen.pdbx_gene_src_organ                ? 
_entity_src_gen.pdbx_gene_src_organelle            ? 
_entity_src_gen.pdbx_gene_src_cell                 ? 
_entity_src_gen.pdbx_gene_src_cellular_location    ? 
_entity_src_gen.host_org_common_name               ? 
_entity_src_gen.pdbx_host_org_scientific_name      'ESCHERICHIA COLI' 
_entity_src_gen.pdbx_host_org_ncbi_taxonomy_id     469008 
_entity_src_gen.host_org_genus                     ? 
_entity_src_gen.pdbx_host_org_gene                 ? 
_entity_src_gen.pdbx_host_org_organ                ? 
_entity_src_gen.host_org_species                   ? 
_entity_src_gen.pdbx_host_org_tissue               ? 
_entity_src_gen.pdbx_host_org_tissue_fraction      ? 
_entity_src_gen.pdbx_host_org_strain               'BL21(DE3)' 
_entity_src_gen.pdbx_host_org_variant              ? 
_entity_src_gen.pdbx_host_org_cell_line            ? 
_entity_src_gen.pdbx_host_org_atcc                 ? 
_entity_src_gen.pdbx_host_org_culture_collection   ? 
_entity_src_gen.pdbx_host_org_cell                 ? 
_entity_src_gen.pdbx_host_org_organelle            ? 
_entity_src_gen.pdbx_host_org_cellular_location    ? 
_entity_src_gen.pdbx_host_org_vector_type          ? 
_entity_src_gen.pdbx_host_org_vector               ? 
_entity_src_gen.host_org_details                   ? 
_entity_src_gen.expression_system_id               ? 
_entity_src_gen.plasmid_name                       ? 
_entity_src_gen.plasmid_details                    ? 
_entity_src_gen.pdbx_description                   ? 
# 
loop_
_chem_comp.id 
_chem_comp.type 
_chem_comp.mon_nstd_flag 
_chem_comp.name 
_chem_comp.pdbx_synonyms 
_chem_comp.formula 
_chem_comp.formula_weight 
ALA 'L-peptide linking' y ALANINE                         ? 'C3 H7 N O2'     89.093  
ARG 'L-peptide linking' y ARGININE                        ? 'C6 H15 N4 O2 1' 175.209 
ASN 'L-peptide linking' y ASPARAGINE                      ? 'C4 H8 N2 O3'    132.118 
ASP 'L-peptide linking' y 'ASPARTIC ACID'                 ? 'C4 H7 N O4'     133.103 
CYS 'L-peptide linking' y CYSTEINE                        ? 'C3 H7 N O2 S'   121.158 
GLN 'L-peptide linking' y GLUTAMINE                       ? 'C5 H10 N2 O3'   146.144 
GLU 'L-peptide linking' y 'GLUTAMIC ACID'                 ? 'C5 H9 N O4'     147.129 
GLY 'peptide linking'   y GLYCINE                         ? 'C2 H5 N O2'     75.067  
HOH non-polymer         . WATER                           ? 'H2 O'           18.015  
ILE 'L-peptide linking' y ISOLEUCINE                      ? 'C6 H13 N O2'    131.173 
LEU 'L-peptide linking' y LEUCINE                         ? 'C6 H13 N O2'    131.173 
LYS 'L-peptide linking' y LYSINE                          ? 'C6 H15 N2 O2 1' 147.195 
MRD non-polymer         . '(4R)-2-METHYLPENTANE-2,4-DIOL' ? 'C6 H14 O2'      118.174 
PHE 'L-peptide linking' y PHENYLALANINE                   ? 'C9 H11 N O2'    165.189 
PRO 'L-peptide linking' y PROLINE                         ? 'C5 H9 N O2'     115.130 
SER 'L-peptide linking' y SERINE                          ? 'C3 H7 N O3'     105.093 
THR 'L-peptide linking' y THREONINE                       ? 'C4 H9 N O3'     119.119 
TRP 'L-peptide linking' y TRYPTOPHAN                      ? 'C11 H12 N2 O2'  204.225 
TYR 'L-peptide linking' y TYROSINE                        ? 'C9 H11 N O3'    181.189 
VAL 'L-peptide linking' y VALINE                          ? 'C5 H11 N O2'    117.146 
# 
loop_
_pdbx_poly_seq_scheme.asym_id 
_pdbx_poly_seq_scheme.entity_id 
_pdbx_poly_seq_scheme.seq_id 
_pdbx_poly_seq_scheme.mon_id 
_pdbx_poly_seq_scheme.ndb_seq_num 
_pdbx_poly_seq_scheme.pdb_seq_num 
_pdbx_poly_seq_scheme.auth_seq_num 
_pdbx_poly_seq_scheme.pdb_mon_id 
_pdbx_poly_seq_scheme.auth_mon_id 
_pdbx_poly_seq_scheme.pdb_strand_id 
_pdbx_poly_seq_scheme.pdb_ins_code 
_pdbx_poly_seq_scheme.hetero 
A 1 1  VAL 1  30  30  VAL VAL A . n 
A 1 2  SER 2  31  31  SER SER A . n 
A 1 3  GLY 3  32  32  GLY GLY A . n 
A 1 4  GLN 4  33  33  GLN GLN A . n 
A 1 5  ALA 5  34  34  ALA ALA A . n 
A 1 6  GLN 6  35  35  GLN GLN A . n 
A 1 7  LEU 7  36  36  LEU LEU A . n 
A 1 8  GLU 8  37  37  GLU GLU A . n 
A 1 9  GLN 9  38  38  GLN GLN A . n 
A 1 10 LEU 10 39  39  LEU LEU A . n 
A 1 11 ALA 11 40  40  ALA ALA A . n 
A 1 12 SER 12 41  41  SER SER A . n 
A 1 13 VAL 13 42  42  VAL VAL A . n 
A 1 14 ALA 14 43  43  ALA ALA A . n 
A 1 15 ALA 15 44  44  ALA ALA A . n 
A 1 16 GLY 16 45  45  GLY GLY A . n 
A 1 17 ALA 17 46  46  ALA ALA A . n 
A 1 18 ARG 18 47  47  ARG ARG A . n 
A 1 19 TYR 19 48  48  TYR TYR A . n 
A 1 20 LEU 20 49  49  LEU LEU A . n 
A 1 21 LYS 21 50  50  LYS LYS A . n 
A 1 22 ASN 22 51  51  ASN ASN A . n 
A 1 23 LYS 23 52  52  LYS LYS A . n 
A 1 24 CYS 24 53  53  CYS CYS A . n 
A 1 25 ASN 25 54  54  ASN ASN A . n 
A 1 26 ARG 26 55  55  ARG ARG A . n 
A 1 27 SER 27 56  56  SER SER A . n 
A 1 28 ASP 28 57  57  ASP ASP A . n 
A 1 29 LEU 29 58  58  LEU LEU A . n 
A 1 30 PRO 30 59  59  PRO PRO A . n 
A 1 31 ALA 31 60  60  ALA ALA A . n 
A 1 32 ASP 32 61  61  ASP ASP A . n 
A 1 33 GLU 33 62  62  GLU GLU A . n 
A 1 34 ALA 34 63  63  ALA ALA A . n 
A 1 35 ILE 35 64  64  ILE ILE A . n 
A 1 36 ASN 36 65  65  ASN ASN A . n 
A 1 37 ARG 37 66  66  ARG ARG A . n 
A 1 38 ALA 38 67  67  ALA ALA A . n 
A 1 39 ALA 39 68  68  ALA ALA A . n 
A 1 40 ILE 40 69  69  ILE ILE A . n 
A 1 41 ASN 41 70  70  ASN ASN A . n 
A 1 42 VAL 42 71  71  VAL VAL A . n 
A 1 43 GLY 43 72  72  GLY GLY A . n 
A 1 44 LYS 44 73  73  LYS LYS A . n 
A 1 45 LYS 45 74  74  LYS LYS A . n 
A 1 46 ARG 46 75  75  ARG ARG A . n 
A 1 47 GLY 47 76  76  GLY GLY A . n 
A 1 48 TRP 48 77  77  TRP TRP A . n 
A 1 49 ALA 49 78  78  ALA ALA A . n 
A 1 50 ASN 50 79  79  ASN ASN A . n 
A 1 51 ILE 51 80  80  ILE ILE A . n 
A 1 52 ASP 52 81  81  ASP ASP A . n 
A 1 53 ALA 53 82  82  ALA ALA A . n 
A 1 54 ASN 54 83  83  ASN ASN A . n 
A 1 55 LEU 55 84  84  LEU LEU A . n 
A 1 56 LEU 56 85  85  LEU LEU A . n 
A 1 57 SER 57 86  86  SER SER A . n 
A 1 58 GLN 58 87  87  GLN GLN A . n 
A 1 59 ARG 59 88  88  ARG ARG A . n 
A 1 60 SER 60 89  89  SER SER A . n 
A 1 61 ALA 61 90  90  ALA ALA A . n 
A 1 62 GLN 62 91  91  GLN GLN A . n 
A 1 63 LEU 63 92  92  LEU LEU A . n 
A 1 64 TYR 64 93  93  TYR TYR A . n 
A 1 65 GLN 65 94  94  GLN GLN A . n 
A 1 66 GLN 66 95  95  GLN GLN A . n 
A 1 67 LEU 67 96  96  LEU LEU A . n 
A 1 68 GLN 68 97  97  GLN GLN A . n 
A 1 69 GLN 69 98  98  GLN GLN A . n 
A 1 70 ASP 70 99  99  ASP ASP A . n 
A 1 71 SER 71 100 100 SER SER A . n 
A 1 72 THR 72 101 101 THR THR A . n 
A 1 73 PRO 73 102 102 PRO PRO A . n 
A 1 74 GLU 74 103 103 GLU GLU A . n 
A 1 75 ALA 75 104 104 ALA ALA A . n 
A 1 76 THR 76 105 105 THR THR A . n 
A 1 77 LYS 77 106 106 LYS LYS A . n 
A 1 78 CYS 78 107 107 CYS CYS A . n 
A 1 79 SER 79 108 108 SER SER A . n 
A 1 80 GLN 80 109 109 GLN GLN A . n 
A 1 81 PHE 81 110 110 PHE PHE A . n 
A 1 82 ASN 82 111 111 ASN ASN A . n 
A 1 83 ARG 83 112 112 ARG ARG A . n 
A 1 84 GLN 84 113 113 GLN GLN A . n 
A 1 85 LEU 85 114 114 LEU LEU A . n 
A 1 86 ALA 86 115 115 ALA ALA A . n 
A 1 87 PRO 87 116 116 PRO PRO A . n 
A 1 88 PHE 88 117 117 PHE PHE A . n 
A 1 89 ILE 89 118 118 ILE ILE A . n 
A 1 90 ASP 90 119 119 ASP ASP A . n 
A 1 91 SER 91 120 120 SER SER A . n 
A 1 92 LEU 92 121 121 LEU LEU A . n 
A 1 93 ARG 93 122 122 ARG ARG A . n 
# 
loop_
_pdbx_nonpoly_scheme.asym_id 
_pdbx_nonpoly_scheme.entity_id 
_pdbx_nonpoly_scheme.mon_id 
_pdbx_nonpoly_scheme.ndb_seq_num 
_pdbx_nonpoly_scheme.pdb_seq_num 
_pdbx_nonpoly_scheme.auth_seq_num 
_pdbx_nonpoly_scheme.pdb_mon_id 
_pdbx_nonpoly_scheme.auth_mon_id 
_pdbx_nonpoly_scheme.pdb_strand_id 
_pdbx_nonpoly_scheme.pdb_ins_code 
B 2 MRD 1  1123 1123 MRD MRD A . 
C 3 HOH 1  2001 2001 HOH HOH A . 
C 3 HOH 2  2002 2002 HOH HOH A . 
C 3 HOH 3  2003 2003 HOH HOH A . 
C 3 HOH 4  2004 2004 HOH HOH A . 
C 3 HOH 5  2005 2005 HOH HOH A . 
C 3 HOH 6  2006 2006 HOH HOH A . 
C 3 HOH 7  2007 2007 HOH HOH A . 
C 3 HOH 8  2008 2008 HOH HOH A . 
C 3 HOH 9  2009 2009 HOH HOH A . 
C 3 HOH 10 2010 2010 HOH HOH A . 
C 3 HOH 11 2011 2011 HOH HOH A . 
C 3 HOH 12 2012 2012 HOH HOH A . 
C 3 HOH 13 2013 2013 HOH HOH A . 
C 3 HOH 14 2014 2014 HOH HOH A . 
C 3 HOH 15 2015 2015 HOH HOH A . 
C 3 HOH 16 2016 2016 HOH HOH A . 
C 3 HOH 17 2017 2017 HOH HOH A . 
C 3 HOH 18 2018 2018 HOH HOH A . 
C 3 HOH 19 2019 2019 HOH HOH A . 
C 3 HOH 20 2020 2020 HOH HOH A . 
C 3 HOH 21 2021 2021 HOH HOH A . 
C 3 HOH 22 2022 2022 HOH HOH A . 
C 3 HOH 23 2023 2023 HOH HOH A . 
C 3 HOH 24 2024 2024 HOH HOH A . 
C 3 HOH 25 2025 2025 HOH HOH A . 
C 3 HOH 26 2026 2026 HOH HOH A . 
C 3 HOH 27 2027 2027 HOH HOH A . 
C 3 HOH 28 2028 2028 HOH HOH A . 
C 3 HOH 29 2029 2029 HOH HOH A . 
C 3 HOH 30 2030 2030 HOH HOH A . 
C 3 HOH 31 2031 2031 HOH HOH A . 
C 3 HOH 32 2032 2032 HOH HOH A . 
C 3 HOH 33 2033 2033 HOH HOH A . 
C 3 HOH 34 2034 2034 HOH HOH A . 
C 3 HOH 35 2035 2035 HOH HOH A . 
C 3 HOH 36 2036 2036 HOH HOH A . 
C 3 HOH 37 2037 2037 HOH HOH A . 
C 3 HOH 38 2038 2038 HOH HOH A . 
C 3 HOH 39 2039 2039 HOH HOH A . 
C 3 HOH 40 2040 2040 HOH HOH A . 
C 3 HOH 41 2041 2041 HOH HOH A . 
C 3 HOH 42 2042 2042 HOH HOH A . 
C 3 HOH 43 2043 2043 HOH HOH A . 
C 3 HOH 44 2044 2044 HOH HOH A . 
C 3 HOH 45 2045 2045 HOH HOH A . 
C 3 HOH 46 2046 2046 HOH HOH A . 
C 3 HOH 47 2047 2047 HOH HOH A . 
C 3 HOH 48 2048 2048 HOH HOH A . 
C 3 HOH 49 2049 2049 HOH HOH A . 
C 3 HOH 50 2050 2050 HOH HOH A . 
C 3 HOH 51 2051 2051 HOH HOH A . 
C 3 HOH 52 2052 2052 HOH HOH A . 
C 3 HOH 53 2053 2053 HOH HOH A . 
C 3 HOH 54 2054 2054 HOH HOH A . 
C 3 HOH 55 2055 2055 HOH HOH A . 
C 3 HOH 56 2056 2056 HOH HOH A . 
C 3 HOH 57 2057 2057 HOH HOH A . 
C 3 HOH 58 2058 2058 HOH HOH A . 
C 3 HOH 59 2059 2059 HOH HOH A . 
C 3 HOH 60 2060 2060 HOH HOH A . 
C 3 HOH 61 2061 2061 HOH HOH A . 
C 3 HOH 62 2062 2062 HOH HOH A . 
C 3 HOH 63 2063 2063 HOH HOH A . 
C 3 HOH 64 2064 2064 HOH HOH A . 
C 3 HOH 65 2065 2065 HOH HOH A . 
C 3 HOH 66 2066 2066 HOH HOH A . 
C 3 HOH 67 2067 2067 HOH HOH A . 
C 3 HOH 68 2068 2068 HOH HOH A . 
C 3 HOH 69 2069 2069 HOH HOH A . 
C 3 HOH 70 2070 2070 HOH HOH A . 
C 3 HOH 71 2071 2071 HOH HOH A . 
C 3 HOH 72 2072 2072 HOH HOH A . 
C 3 HOH 73 2073 2073 HOH HOH A . 
C 3 HOH 74 2074 2074 HOH HOH A . 
C 3 HOH 75 2075 2075 HOH HOH A . 
C 3 HOH 76 2076 2076 HOH HOH A . 
C 3 HOH 77 2077 2077 HOH HOH A . 
C 3 HOH 78 2078 2078 HOH HOH A . 
C 3 HOH 79 2079 2079 HOH HOH A . 
C 3 HOH 80 2080 2080 HOH HOH A . 
C 3 HOH 81 2081 2081 HOH HOH A . 
C 3 HOH 82 2082 2082 HOH HOH A . 
C 3 HOH 83 2083 2083 HOH HOH A . 
# 
_pdbx_unobs_or_zero_occ_atoms.id               1 
_pdbx_unobs_or_zero_occ_atoms.PDB_model_num    1 
_pdbx_unobs_or_zero_occ_atoms.polymer_flag     Y 
_pdbx_unobs_or_zero_occ_atoms.occupancy_flag   1 
_pdbx_unobs_or_zero_occ_atoms.auth_asym_id     A 
_pdbx_unobs_or_zero_occ_atoms.auth_comp_id     GLN 
_pdbx_unobs_or_zero_occ_atoms.auth_seq_id      35 
_pdbx_unobs_or_zero_occ_atoms.PDB_ins_code     ? 
_pdbx_unobs_or_zero_occ_atoms.auth_atom_id     OE1 
_pdbx_unobs_or_zero_occ_atoms.label_alt_id     ? 
_pdbx_unobs_or_zero_occ_atoms.label_asym_id    A 
_pdbx_unobs_or_zero_occ_atoms.label_comp_id    GLN 
_pdbx_unobs_or_zero_occ_atoms.label_seq_id     6 
_pdbx_unobs_or_zero_occ_atoms.label_atom_id    OE1 
# 
loop_
_software.name 
_software.classification 
_software.version 
_software.citation_id 
_software.pdbx_ordinal 
REFMAC    refinement       5.5.0109 ? 1 
XDS       'data reduction' .        ? 2 
XDS       'data scaling'   .        ? 3 
autoSHARP phasing          .        ? 4 
# 
_cell.entry_id           4A56 
_cell.length_a           34.507 
_cell.length_b           46.896 
_cell.length_c           109.686 
_cell.angle_alpha        90.00 
_cell.angle_beta         90.00 
_cell.angle_gamma        90.00 
_cell.Z_PDB              8 
_cell.pdbx_unique_axis   ? 
# 
_symmetry.entry_id                         4A56 
_symmetry.space_group_name_H-M             'I 2 2 2' 
_symmetry.pdbx_full_space_group_name_H-M   ? 
_symmetry.cell_setting                     ? 
_symmetry.Int_Tables_number                23 
# 
_exptl.entry_id          4A56 
_exptl.method            'X-RAY DIFFRACTION' 
_exptl.crystals_number   1 
# 
_exptl_crystal.id                    1 
_exptl_crystal.density_meas          ? 
_exptl_crystal.density_Matthews      2.11 
_exptl_crystal.density_percent_sol   41.83 
_exptl_crystal.description           NONE 
# 
_exptl_crystal_grow.crystal_id      1 
_exptl_crystal_grow.method          ? 
_exptl_crystal_grow.temp            ? 
_exptl_crystal_grow.temp_details    ? 
_exptl_crystal_grow.pH              7.5 
_exptl_crystal_grow.pdbx_pH_range   ? 
_exptl_crystal_grow.pdbx_details    '100 MM HEPES PH 7.5, 75% MPD' 
# 
_diffrn.id                     1 
_diffrn.ambient_temp           230 
_diffrn.ambient_temp_details   ? 
_diffrn.crystal_id             1 
# 
_diffrn_detector.diffrn_id              1 
_diffrn_detector.detector               CCD 
_diffrn_detector.type                   'ADSC CCD' 
_diffrn_detector.pdbx_collection_date   ? 
_diffrn_detector.details                ? 
# 
_diffrn_radiation.diffrn_id                        1 
_diffrn_radiation.wavelength_id                    1 
_diffrn_radiation.pdbx_monochromatic_or_laue_m_l   M 
_diffrn_radiation.monochromator                    ? 
_diffrn_radiation.pdbx_diffrn_protocol             'SINGLE WAVELENGTH' 
_diffrn_radiation.pdbx_scattering_type             x-ray 
# 
_diffrn_radiation_wavelength.id           1 
_diffrn_radiation_wavelength.wavelength   0.933 
_diffrn_radiation_wavelength.wt           1.0 
# 
_diffrn_source.diffrn_id                   1 
_diffrn_source.source                      SYNCHROTRON 
_diffrn_source.type                        'ESRF BEAMLINE ID14-1' 
_diffrn_source.pdbx_synchrotron_site       ESRF 
_diffrn_source.pdbx_synchrotron_beamline   ID14-1 
_diffrn_source.pdbx_wavelength             0.933 
_diffrn_source.pdbx_wavelength_list        ? 
# 
_reflns.pdbx_diffrn_id               1 
_reflns.pdbx_ordinal                 1 
_reflns.entry_id                     4A56 
_reflns.observed_criterion_sigma_I   2.0 
_reflns.observed_criterion_sigma_F   ? 
_reflns.d_resolution_low             4.00 
_reflns.d_resolution_high            1.24 
_reflns.number_obs                   47490 
_reflns.number_all                   ? 
_reflns.percent_possible_obs         97.4 
_reflns.pdbx_Rmerge_I_obs            0.02 
_reflns.pdbx_Rsym_value              0.05 
_reflns.pdbx_netI_over_sigmaI        52 
_reflns.B_iso_Wilson_estimate        15 
_reflns.pdbx_redundancy              21 
# 
_refine.pdbx_refine_id                           'X-RAY DIFFRACTION' 
_refine.entry_id                                 4A56 
_refine.pdbx_diffrn_id                           1 
_refine.pdbx_TLS_residual_ADP_flag               ? 
_refine.ls_number_reflns_obs                     23774 
_refine.ls_number_reflns_all                     ? 
_refine.pdbx_ls_sigma_I                          ? 
_refine.pdbx_ls_sigma_F                          . 
_refine.pdbx_data_cutoff_high_absF               ? 
_refine.pdbx_data_cutoff_low_absF                ? 
_refine.pdbx_data_cutoff_high_rms_absF           ? 
_refine.ls_d_res_low                             54.84 
_refine.ls_d_res_high                            1.24 
_refine.ls_percent_reflns_obs                    97.92 
_refine.ls_R_factor_obs                          0.17406 
_refine.ls_R_factor_all                          ? 
_refine.ls_R_factor_R_work                       0.17322 
_refine.ls_R_factor_R_free                       0.18975 
_refine.ls_R_factor_R_free_error                 ? 
_refine.ls_R_factor_R_free_error_details         ? 
_refine.ls_percent_reflns_R_free                 5.1 
_refine.ls_number_reflns_R_free                  1276 
_refine.ls_number_parameters                     ? 
_refine.ls_number_restraints                     ? 
_refine.occupancy_min                            ? 
_refine.occupancy_max                            ? 
_refine.correlation_coeff_Fo_to_Fc               0.963 
_refine.correlation_coeff_Fo_to_Fc_free          0.955 
_refine.B_iso_mean                               17.246 
_refine.aniso_B[1][1]                            -0.08 
_refine.aniso_B[2][2]                            0.13 
_refine.aniso_B[3][3]                            -0.05 
_refine.aniso_B[1][2]                            0.00 
_refine.aniso_B[1][3]                            0.00 
_refine.aniso_B[2][3]                            0.00 
_refine.solvent_model_details                    'BABINET MODEL WITH MASK' 
_refine.solvent_model_param_ksol                 ? 
_refine.solvent_model_param_bsol                 ? 
_refine.pdbx_solvent_vdw_probe_radii             1.40 
_refine.pdbx_solvent_ion_probe_radii             0.80 
_refine.pdbx_solvent_shrinkage_radii             0.80 
_refine.pdbx_ls_cross_valid_method               THROUGHOUT 
_refine.details                                  'HYDROGENS HAVE BEEN ADDED IN THE RIDING POSITIONS.' 
_refine.pdbx_starting_model                      NONE 
_refine.pdbx_method_to_determine_struct          SAD 
_refine.pdbx_isotropic_thermal_model             ? 
_refine.pdbx_stereochemistry_target_values       'MAXIMUM LIKELIHOOD' 
_refine.pdbx_stereochem_target_val_spec_case     ? 
_refine.pdbx_R_Free_selection_details            RANDOM 
_refine.pdbx_overall_ESU_R                       0.045 
_refine.pdbx_overall_ESU_R_Free                  0.046 
_refine.overall_SU_ML                            0.025 
_refine.pdbx_overall_phase_error                 ? 
_refine.overall_SU_B                             1.201 
_refine.overall_SU_R_Cruickshank_DPI             ? 
_refine.pdbx_overall_SU_R_free_Cruickshank_DPI   ? 
_refine.pdbx_overall_SU_R_Blow_DPI               ? 
_refine.pdbx_overall_SU_R_free_Blow_DPI          ? 
# 
_refine_hist.pdbx_refine_id                   'X-RAY DIFFRACTION' 
_refine_hist.cycle_id                         LAST 
_refine_hist.pdbx_number_atoms_protein        717 
_refine_hist.pdbx_number_atoms_nucleic_acid   0 
_refine_hist.pdbx_number_atoms_ligand         8 
_refine_hist.number_atoms_solvent             83 
_refine_hist.number_atoms_total               808 
_refine_hist.d_res_high                       1.24 
_refine_hist.d_res_low                        54.84 
# 
loop_
_refine_ls_restr.type 
_refine_ls_restr.dev_ideal 
_refine_ls_restr.dev_ideal_target 
_refine_ls_restr.weight 
_refine_ls_restr.number 
_refine_ls_restr.pdbx_refine_id 
_refine_ls_restr.pdbx_restraint_function 
r_bond_refined_d             0.015  0.022  ? 790  'X-RAY DIFFRACTION' ? 
r_bond_other_d               ?      ?      ? ?    'X-RAY DIFFRACTION' ? 
r_angle_refined_deg          1.529  1.963  ? 1081 'X-RAY DIFFRACTION' ? 
r_angle_other_deg            ?      ?      ? ?    'X-RAY DIFFRACTION' ? 
r_dihedral_angle_1_deg       4.027  5.000  ? 111  'X-RAY DIFFRACTION' ? 
r_dihedral_angle_2_deg       44.219 25.000 ? 42   'X-RAY DIFFRACTION' ? 
r_dihedral_angle_3_deg       12.173 15.000 ? 146  'X-RAY DIFFRACTION' ? 
r_dihedral_angle_4_deg       18.591 15.000 ? 8    'X-RAY DIFFRACTION' ? 
r_chiral_restr               0.082  0.200  ? 121  'X-RAY DIFFRACTION' ? 
r_gen_planes_refined         0.008  0.021  ? 608  'X-RAY DIFFRACTION' ? 
r_gen_planes_other           ?      ?      ? ?    'X-RAY DIFFRACTION' ? 
r_nbd_refined                ?      ?      ? ?    'X-RAY DIFFRACTION' ? 
r_nbd_other                  ?      ?      ? ?    'X-RAY DIFFRACTION' ? 
r_nbtor_refined              ?      ?      ? ?    'X-RAY DIFFRACTION' ? 
r_nbtor_other                ?      ?      ? ?    'X-RAY DIFFRACTION' ? 
r_xyhbond_nbd_refined        ?      ?      ? ?    'X-RAY DIFFRACTION' ? 
r_xyhbond_nbd_other          ?      ?      ? ?    'X-RAY DIFFRACTION' ? 
r_metal_ion_refined          ?      ?      ? ?    'X-RAY DIFFRACTION' ? 
r_metal_ion_other            ?      ?      ? ?    'X-RAY DIFFRACTION' ? 
r_symmetry_vdw_refined       ?      ?      ? ?    'X-RAY DIFFRACTION' ? 
r_symmetry_vdw_other         ?      ?      ? ?    'X-RAY DIFFRACTION' ? 
r_symmetry_hbond_refined     ?      ?      ? ?    'X-RAY DIFFRACTION' ? 
r_symmetry_hbond_other       ?      ?      ? ?    'X-RAY DIFFRACTION' ? 
r_symmetry_metal_ion_refined ?      ?      ? ?    'X-RAY DIFFRACTION' ? 
r_symmetry_metal_ion_other   ?      ?      ? ?    'X-RAY DIFFRACTION' ? 
r_mcbond_it                  0.886  1.500  ? 493  'X-RAY DIFFRACTION' ? 
r_mcbond_other               ?      ?      ? ?    'X-RAY DIFFRACTION' ? 
r_mcangle_it                 1.668  2.000  ? 794  'X-RAY DIFFRACTION' ? 
r_mcangle_other              ?      ?      ? ?    'X-RAY DIFFRACTION' ? 
r_scbond_it                  2.558  3.000  ? 297  'X-RAY DIFFRACTION' ? 
r_scbond_other               ?      ?      ? ?    'X-RAY DIFFRACTION' ? 
r_scangle_it                 4.163  4.500  ? 277  'X-RAY DIFFRACTION' ? 
r_scangle_other              ?      ?      ? ?    'X-RAY DIFFRACTION' ? 
r_long_range_B_refined       ?      ?      ? ?    'X-RAY DIFFRACTION' ? 
r_long_range_B_other         ?      ?      ? ?    'X-RAY DIFFRACTION' ? 
r_rigid_bond_restr           ?      ?      ? ?    'X-RAY DIFFRACTION' ? 
r_sphericity_free            ?      ?      ? ?    'X-RAY DIFFRACTION' ? 
r_sphericity_bonded          ?      ?      ? ?    'X-RAY DIFFRACTION' ? 
# 
_refine_ls_shell.pdbx_refine_id                   'X-RAY DIFFRACTION' 
_refine_ls_shell.pdbx_total_number_of_bins_used   20 
_refine_ls_shell.d_res_high                       1.242 
_refine_ls_shell.d_res_low                        1.275 
_refine_ls_shell.number_reflns_R_work             1400 
_refine_ls_shell.R_factor_R_work                  0.218 
_refine_ls_shell.percent_reflns_obs               79.45 
_refine_ls_shell.R_factor_R_free                  0.234 
_refine_ls_shell.R_factor_R_free_error            ? 
_refine_ls_shell.percent_reflns_R_free            ? 
_refine_ls_shell.number_reflns_R_free             73 
_refine_ls_shell.number_reflns_all                ? 
_refine_ls_shell.R_factor_all                     ? 
# 
_struct.entry_id                  4A56 
_struct.title                     'Crystal structure of the type 2 secretion system pilotin from Klebsiella Oxytoca' 
_struct.pdbx_model_details        ? 
_struct.pdbx_CASP_flag            ? 
_struct.pdbx_model_type_details   ? 
# 
_struct_keywords.entry_id        4A56 
_struct_keywords.pdbx_keywords   'PROTEIN TRANSPORT' 
_struct_keywords.text            'PROTEIN TRANSPORT, T2SS' 
# 
loop_
_struct_asym.id 
_struct_asym.pdbx_blank_PDB_chainid_flag 
_struct_asym.pdbx_modified 
_struct_asym.entity_id 
_struct_asym.details 
A N N 1 ? 
B N N 2 ? 
C N N 3 ? 
# 
_struct_ref.id                         1 
_struct_ref.db_name                    UNP 
_struct_ref.db_code                    PULS_KLEPN 
_struct_ref.entity_id                  1 
_struct_ref.pdbx_seq_one_letter_code   ? 
_struct_ref.pdbx_align_begin           ? 
_struct_ref.pdbx_db_accession          P20440 
_struct_ref.pdbx_db_isoform            ? 
# 
_struct_ref_seq.align_id                      1 
_struct_ref_seq.ref_id                        1 
_struct_ref_seq.pdbx_PDB_id_code              4A56 
_struct_ref_seq.pdbx_strand_id                A 
_struct_ref_seq.seq_align_beg                 1 
_struct_ref_seq.pdbx_seq_align_beg_ins_code   ? 
_struct_ref_seq.seq_align_end                 93 
_struct_ref_seq.pdbx_seq_align_end_ins_code   ? 
_struct_ref_seq.pdbx_db_accession             P20440 
_struct_ref_seq.db_align_beg                  30 
_struct_ref_seq.pdbx_db_align_beg_ins_code    ? 
_struct_ref_seq.db_align_end                  122 
_struct_ref_seq.pdbx_db_align_end_ins_code    ? 
_struct_ref_seq.pdbx_auth_seq_align_beg       30 
_struct_ref_seq.pdbx_auth_seq_align_end       122 
# 
_pdbx_struct_assembly.id                   1 
_pdbx_struct_assembly.details              author_and_software_defined_assembly 
_pdbx_struct_assembly.method_details       PISA 
_pdbx_struct_assembly.oligomeric_details   dimeric 
_pdbx_struct_assembly.oligomeric_count     2 
# 
loop_
_pdbx_struct_assembly_prop.biol_id 
_pdbx_struct_assembly_prop.type 
_pdbx_struct_assembly_prop.value 
_pdbx_struct_assembly_prop.details 
1 'ABSA (A^2)' 1780  ? 
1 MORE         -21.0 ? 
1 'SSA (A^2)'  9850  ? 
# 
_pdbx_struct_assembly_gen.assembly_id       1 
_pdbx_struct_assembly_gen.oper_expression   1,2 
_pdbx_struct_assembly_gen.asym_id_list      A,B,C 
# 
loop_
_pdbx_struct_oper_list.id 
_pdbx_struct_oper_list.type 
_pdbx_struct_oper_list.name 
_pdbx_struct_oper_list.symmetry_operation 
_pdbx_struct_oper_list.matrix[1][1] 
_pdbx_struct_oper_list.matrix[1][2] 
_pdbx_struct_oper_list.matrix[1][3] 
_pdbx_struct_oper_list.vector[1] 
_pdbx_struct_oper_list.matrix[2][1] 
_pdbx_struct_oper_list.matrix[2][2] 
_pdbx_struct_oper_list.matrix[2][3] 
_pdbx_struct_oper_list.vector[2] 
_pdbx_struct_oper_list.matrix[3][1] 
_pdbx_struct_oper_list.matrix[3][2] 
_pdbx_struct_oper_list.matrix[3][3] 
_pdbx_struct_oper_list.vector[3] 
1 'identity operation'         1_555 x,y,z       1.0000000000  0.0000000000  0.0000000000 0.0000000000  0.0000000000  1.0000000000  0.0000000000  0.0000000000   0.0000000000 0.0000000000  1.0000000000 0.0000000000  
2 'crystal symmetry operation' 2_465 -x-1,-y+1,z -0.7575356431 -0.1697072586 0.6303484718 -3.5253541171 -0.1697072586 -0.8812173716 -0.4411976772 -27.6073768561 0.6303484718 -0.4411976772 0.6387530147 -6.0766380743 
# 
_struct_biol.id   1 
# 
loop_
_struct_conf.conf_type_id 
_struct_conf.id 
_struct_conf.pdbx_PDB_helix_id 
_struct_conf.beg_label_comp_id 
_struct_conf.beg_label_asym_id 
_struct_conf.beg_label_seq_id 
_struct_conf.pdbx_beg_PDB_ins_code 
_struct_conf.end_label_comp_id 
_struct_conf.end_label_asym_id 
_struct_conf.end_label_seq_id 
_struct_conf.pdbx_end_PDB_ins_code 
_struct_conf.beg_auth_comp_id 
_struct_conf.beg_auth_asym_id 
_struct_conf.beg_auth_seq_id 
_struct_conf.end_auth_comp_id 
_struct_conf.end_auth_asym_id 
_struct_conf.end_auth_seq_id 
_struct_conf.pdbx_PDB_helix_class 
_struct_conf.details 
_struct_conf.pdbx_PDB_helix_length 
HELX_P HELX_P1 1 SER A 2  ? CYS A 24 ? SER A 31  CYS A 53  1 ? 23 
HELX_P HELX_P2 2 ALA A 31 ? GLY A 47 ? ALA A 60  GLY A 76  1 ? 17 
HELX_P HELX_P3 3 ASP A 52 ? ASP A 70 ? ASP A 81  ASP A 99  1 ? 19 
HELX_P HELX_P4 4 PRO A 73 ? LEU A 85 ? PRO A 102 LEU A 114 1 ? 13 
HELX_P HELX_P5 5 LEU A 85 ? ARG A 93 ? LEU A 114 ARG A 122 1 ? 9  
# 
_struct_conf_type.id          HELX_P 
_struct_conf_type.criteria    ? 
_struct_conf_type.reference   ? 
# 
_struct_conn.id                            disulf1 
_struct_conn.conn_type_id                  disulf 
_struct_conn.pdbx_leaving_atom_flag        ? 
_struct_conn.pdbx_PDB_id                   ? 
_struct_conn.ptnr1_label_asym_id           A 
_struct_conn.ptnr1_label_comp_id           CYS 
_struct_conn.ptnr1_label_seq_id            24 
_struct_conn.ptnr1_label_atom_id           SG 
_struct_conn.pdbx_ptnr1_label_alt_id       ? 
_struct_conn.pdbx_ptnr1_PDB_ins_code       ? 
_struct_conn.pdbx_ptnr1_standard_comp_id   ? 
_struct_conn.ptnr1_symmetry                1_555 
_struct_conn.ptnr2_label_asym_id           A 
_struct_conn.ptnr2_label_comp_id           CYS 
_struct_conn.ptnr2_label_seq_id            78 
_struct_conn.ptnr2_label_atom_id           SG 
_struct_conn.pdbx_ptnr2_label_alt_id       ? 
_struct_conn.pdbx_ptnr2_PDB_ins_code       ? 
_struct_conn.ptnr1_auth_asym_id            A 
_struct_conn.ptnr1_auth_comp_id            CYS 
_struct_conn.ptnr1_auth_seq_id             53 
_struct_conn.ptnr2_auth_asym_id            A 
_struct_conn.ptnr2_auth_comp_id            CYS 
_struct_conn.ptnr2_auth_seq_id             107 
_struct_conn.ptnr2_symmetry                1_555 
_struct_conn.pdbx_ptnr3_label_atom_id      ? 
_struct_conn.pdbx_ptnr3_label_seq_id       ? 
_struct_conn.pdbx_ptnr3_label_comp_id      ? 
_struct_conn.pdbx_ptnr3_label_asym_id      ? 
_struct_conn.pdbx_ptnr3_label_alt_id       ? 
_struct_conn.pdbx_ptnr3_PDB_ins_code       ? 
_struct_conn.details                       ? 
_struct_conn.pdbx_dist_value               2.060 
_struct_conn.pdbx_value_order              ? 
_struct_conn.pdbx_role                     ? 
# 
_struct_conn_type.id          disulf 
_struct_conn_type.criteria    ? 
_struct_conn_type.reference   ? 
# 
_pdbx_modification_feature.ordinal                            1 
_pdbx_modification_feature.label_comp_id                      CYS 
_pdbx_modification_feature.label_asym_id                      A 
_pdbx_modification_feature.label_seq_id                       24 
_pdbx_modification_feature.label_alt_id                       ? 
_pdbx_modification_feature.modified_residue_label_comp_id     CYS 
_pdbx_modification_feature.modified_residue_label_asym_id     A 
_pdbx_modification_feature.modified_residue_label_seq_id      78 
_pdbx_modification_feature.modified_residue_label_alt_id      ? 
_pdbx_modification_feature.auth_comp_id                       CYS 
_pdbx_modification_feature.auth_asym_id                       A 
_pdbx_modification_feature.auth_seq_id                        53 
_pdbx_modification_feature.PDB_ins_code                       ? 
_pdbx_modification_feature.symmetry                           1_555 
_pdbx_modification_feature.modified_residue_auth_comp_id      CYS 
_pdbx_modification_feature.modified_residue_auth_asym_id      A 
_pdbx_modification_feature.modified_residue_auth_seq_id       107 
_pdbx_modification_feature.modified_residue_PDB_ins_code      ? 
_pdbx_modification_feature.modified_residue_symmetry          1_555 
_pdbx_modification_feature.comp_id_linking_atom               SG 
_pdbx_modification_feature.modified_residue_id_linking_atom   SG 
_pdbx_modification_feature.modified_residue_id                . 
_pdbx_modification_feature.ref_pcm_id                         . 
_pdbx_modification_feature.ref_comp_id                        . 
_pdbx_modification_feature.type                               None 
_pdbx_modification_feature.category                           'Disulfide bridge' 
# 
_struct_site.id                   AC1 
_struct_site.pdbx_evidence_code   Software 
_struct_site.pdbx_auth_asym_id    A 
_struct_site.pdbx_auth_comp_id    MRD 
_struct_site.pdbx_auth_seq_id     1123 
_struct_site.pdbx_auth_ins_code   ? 
_struct_site.pdbx_num_residues    11 
_struct_site.details              'BINDING SITE FOR RESIDUE MRD A 1123' 
# 
loop_
_struct_site_gen.id 
_struct_site_gen.site_id 
_struct_site_gen.pdbx_num_res 
_struct_site_gen.label_comp_id 
_struct_site_gen.label_asym_id 
_struct_site_gen.label_seq_id 
_struct_site_gen.pdbx_auth_ins_code 
_struct_site_gen.auth_comp_id 
_struct_site_gen.auth_asym_id 
_struct_site_gen.auth_seq_id 
_struct_site_gen.label_atom_id 
_struct_site_gen.label_alt_id 
_struct_site_gen.symmetry 
_struct_site_gen.details 
1  AC1 11 LYS A 23 ? LYS A 52   . ? 2_465 ? 
2  AC1 11 ASN A 25 ? ASN A 54   . ? 1_555 ? 
3  AC1 11 ASN A 25 ? ASN A 54   . ? 2_465 ? 
4  AC1 11 GLN A 62 ? GLN A 91   . ? 7_455 ? 
5  AC1 11 GLN A 62 ? GLN A 91   . ? 8_455 ? 
6  AC1 11 ALA A 75 ? ALA A 104  . ? 1_555 ? 
7  AC1 11 ALA A 75 ? ALA A 104  . ? 2_465 ? 
8  AC1 11 HOH C .  ? HOH A 2082 . ? 2_465 ? 
9  AC1 11 HOH C .  ? HOH A 2082 . ? 1_555 ? 
10 AC1 11 HOH C .  ? HOH A 2083 . ? 1_555 ? 
11 AC1 11 HOH C .  ? HOH A 2083 . ? 2_465 ? 
# 
_pdbx_entry_details.entry_id                   4A56 
_pdbx_entry_details.compound_details           ? 
_pdbx_entry_details.source_details             ? 
_pdbx_entry_details.nonpolymer_details         ? 
_pdbx_entry_details.sequence_details           ? 
_pdbx_entry_details.has_ligand_of_interest     ? 
_pdbx_entry_details.has_protein_modification   Y 
# 
loop_
_pdbx_validate_close_contact.id 
_pdbx_validate_close_contact.PDB_model_num 
_pdbx_validate_close_contact.auth_atom_id_1 
_pdbx_validate_close_contact.auth_asym_id_1 
_pdbx_validate_close_contact.auth_comp_id_1 
_pdbx_validate_close_contact.auth_seq_id_1 
_pdbx_validate_close_contact.PDB_ins_code_1 
_pdbx_validate_close_contact.label_alt_id_1 
_pdbx_validate_close_contact.auth_atom_id_2 
_pdbx_validate_close_contact.auth_asym_id_2 
_pdbx_validate_close_contact.auth_comp_id_2 
_pdbx_validate_close_contact.auth_seq_id_2 
_pdbx_validate_close_contact.PDB_ins_code_2 
_pdbx_validate_close_contact.label_alt_id_2 
_pdbx_validate_close_contact.dist 
1 1 NH2 A ARG 47 ? B O A HOH 2016 ? ? 1.95 
2 1 OD1 A ASP 99 ? A O A HOH 2068 ? ? 2.15 
# 
loop_
_pdbx_validate_symm_contact.id 
_pdbx_validate_symm_contact.PDB_model_num 
_pdbx_validate_symm_contact.auth_atom_id_1 
_pdbx_validate_symm_contact.auth_asym_id_1 
_pdbx_validate_symm_contact.auth_comp_id_1 
_pdbx_validate_symm_contact.auth_seq_id_1 
_pdbx_validate_symm_contact.PDB_ins_code_1 
_pdbx_validate_symm_contact.label_alt_id_1 
_pdbx_validate_symm_contact.site_symmetry_1 
_pdbx_validate_symm_contact.auth_atom_id_2 
_pdbx_validate_symm_contact.auth_asym_id_2 
_pdbx_validate_symm_contact.auth_comp_id_2 
_pdbx_validate_symm_contact.auth_seq_id_2 
_pdbx_validate_symm_contact.PDB_ins_code_2 
_pdbx_validate_symm_contact.label_alt_id_2 
_pdbx_validate_symm_contact.site_symmetry_2 
_pdbx_validate_symm_contact.dist 
1  1 CM A MRD 1123 ? ? 1_555 C5 A MRD 1123 ? ? 2_465 0.02 
2  1 C1 A MRD 1123 ? ? 1_555 O4 A MRD 1123 ? ? 2_465 0.09 
3  1 C2 A MRD 1123 ? ? 1_555 C4 A MRD 1123 ? ? 2_465 0.13 
4  1 O  A HOH 2048 ? ? 1_555 O  A HOH 2048 ? ? 3_555 0.65 
5  1 O  A HOH 2028 ? ? 1_555 O  A HOH 2028 ? ? 2_465 1.07 
6  1 C1 A MRD 1123 ? ? 1_555 C4 A MRD 1123 ? ? 2_465 1.41 
7  1 C2 A MRD 1123 ? ? 1_555 C3 A MRD 1123 ? ? 2_465 1.47 
8  1 CM A MRD 1123 ? ? 1_555 C4 A MRD 1123 ? ? 2_465 1.51 
9  1 C2 A MRD 1123 ? ? 1_555 O4 A MRD 1123 ? ? 2_465 1.52 
10 1 C2 A MRD 1123 ? ? 1_555 C5 A MRD 1123 ? ? 2_465 1.54 
11 1 O2 A MRD 1123 ? ? 1_555 C4 A MRD 1123 ? ? 2_465 1.55 
12 1 C3 A MRD 1123 ? ? 1_555 C4 A MRD 1123 ? ? 2_465 1.60 
13 1 O2 A MRD 1123 ? ? 1_555 C3 A MRD 1123 ? ? 2_465 2.16 
# 
_pdbx_validate_rmsd_angle.id                         1 
_pdbx_validate_rmsd_angle.PDB_model_num              1 
_pdbx_validate_rmsd_angle.auth_atom_id_1             NE 
_pdbx_validate_rmsd_angle.auth_asym_id_1             A 
_pdbx_validate_rmsd_angle.auth_comp_id_1             ARG 
_pdbx_validate_rmsd_angle.auth_seq_id_1              55 
_pdbx_validate_rmsd_angle.PDB_ins_code_1             ? 
_pdbx_validate_rmsd_angle.label_alt_id_1             ? 
_pdbx_validate_rmsd_angle.auth_atom_id_2             CZ 
_pdbx_validate_rmsd_angle.auth_asym_id_2             A 
_pdbx_validate_rmsd_angle.auth_comp_id_2             ARG 
_pdbx_validate_rmsd_angle.auth_seq_id_2              55 
_pdbx_validate_rmsd_angle.PDB_ins_code_2             ? 
_pdbx_validate_rmsd_angle.label_alt_id_2             ? 
_pdbx_validate_rmsd_angle.auth_atom_id_3             NH2 
_pdbx_validate_rmsd_angle.auth_asym_id_3             A 
_pdbx_validate_rmsd_angle.auth_comp_id_3             ARG 
_pdbx_validate_rmsd_angle.auth_seq_id_3              55 
_pdbx_validate_rmsd_angle.PDB_ins_code_3             ? 
_pdbx_validate_rmsd_angle.label_alt_id_3             ? 
_pdbx_validate_rmsd_angle.angle_value                116.48 
_pdbx_validate_rmsd_angle.angle_target_value         120.30 
_pdbx_validate_rmsd_angle.angle_deviation            -3.82 
_pdbx_validate_rmsd_angle.angle_standard_deviation   0.50 
_pdbx_validate_rmsd_angle.linker_flag                N 
# 
loop_
_pdbx_struct_special_symmetry.id 
_pdbx_struct_special_symmetry.PDB_model_num 
_pdbx_struct_special_symmetry.auth_asym_id 
_pdbx_struct_special_symmetry.auth_comp_id 
_pdbx_struct_special_symmetry.auth_seq_id 
_pdbx_struct_special_symmetry.PDB_ins_code 
_pdbx_struct_special_symmetry.label_asym_id 
_pdbx_struct_special_symmetry.label_comp_id 
_pdbx_struct_special_symmetry.label_seq_id 
1 1 A MRD 1123 ? B MRD . 
2 1 A HOH 2025 ? C HOH . 
3 1 A HOH 2033 ? C HOH . 
# 
_pdbx_refine_tls.pdbx_refine_id   'X-RAY DIFFRACTION' 
_pdbx_refine_tls.id               1 
_pdbx_refine_tls.details          ? 
_pdbx_refine_tls.method           refined 
_pdbx_refine_tls.origin_x         -0.2074 
_pdbx_refine_tls.origin_y         -0.2473 
_pdbx_refine_tls.origin_z         -0.2503 
_pdbx_refine_tls.T[1][1]          0.0164 
_pdbx_refine_tls.T[2][2]          0.0060 
_pdbx_refine_tls.T[3][3]          0.0301 
_pdbx_refine_tls.T[1][2]          -0.0052 
_pdbx_refine_tls.T[1][3]          -0.0099 
_pdbx_refine_tls.T[2][3]          0.0000 
_pdbx_refine_tls.L[1][1]          0.0411 
_pdbx_refine_tls.L[2][2]          0.5009 
_pdbx_refine_tls.L[3][3]          1.0304 
_pdbx_refine_tls.L[1][2]          0.0618 
_pdbx_refine_tls.L[1][3]          0.0837 
_pdbx_refine_tls.L[2][3]          0.4105 
_pdbx_refine_tls.S[1][1]          0.0239 
_pdbx_refine_tls.S[1][2]          -0.0080 
_pdbx_refine_tls.S[1][3]          -0.0191 
_pdbx_refine_tls.S[2][1]          0.0255 
_pdbx_refine_tls.S[2][2]          -0.0204 
_pdbx_refine_tls.S[2][3]          -0.0835 
_pdbx_refine_tls.S[3][1]          0.0181 
_pdbx_refine_tls.S[3][2]          -0.0258 
_pdbx_refine_tls.S[3][3]          -0.0036 
# 
_pdbx_refine_tls_group.pdbx_refine_id      'X-RAY DIFFRACTION' 
_pdbx_refine_tls_group.id                  1 
_pdbx_refine_tls_group.refine_tls_id       1 
_pdbx_refine_tls_group.beg_auth_asym_id    A 
_pdbx_refine_tls_group.beg_auth_seq_id     30 
_pdbx_refine_tls_group.beg_label_asym_id   ? 
_pdbx_refine_tls_group.beg_label_seq_id    ? 
_pdbx_refine_tls_group.end_auth_asym_id    A 
_pdbx_refine_tls_group.end_auth_seq_id     122 
_pdbx_refine_tls_group.end_label_asym_id   ? 
_pdbx_refine_tls_group.end_label_seq_id    ? 
_pdbx_refine_tls_group.selection           ? 
_pdbx_refine_tls_group.selection_details   ? 
# 
loop_
_chem_comp_atom.comp_id 
_chem_comp_atom.atom_id 
_chem_comp_atom.type_symbol 
_chem_comp_atom.pdbx_aromatic_flag 
_chem_comp_atom.pdbx_stereo_config 
_chem_comp_atom.pdbx_ordinal 
ALA N    N N N 1   
ALA CA   C N S 2   
ALA C    C N N 3   
ALA O    O N N 4   
ALA CB   C N N 5   
ALA OXT  O N N 6   
ALA H    H N N 7   
ALA H2   H N N 8   
ALA HA   H N N 9   
ALA HB1  H N N 10  
ALA HB2  H N N 11  
ALA HB3  H N N 12  
ALA HXT  H N N 13  
ARG N    N N N 14  
ARG CA   C N S 15  
ARG C    C N N 16  
ARG O    O N N 17  
ARG CB   C N N 18  
ARG CG   C N N 19  
ARG CD   C N N 20  
ARG NE   N N N 21  
ARG CZ   C N N 22  
ARG NH1  N N N 23  
ARG NH2  N N N 24  
ARG OXT  O N N 25  
ARG H    H N N 26  
ARG H2   H N N 27  
ARG HA   H N N 28  
ARG HB2  H N N 29  
ARG HB3  H N N 30  
ARG HG2  H N N 31  
ARG HG3  H N N 32  
ARG HD2  H N N 33  
ARG HD3  H N N 34  
ARG HE   H N N 35  
ARG HH11 H N N 36  
ARG HH12 H N N 37  
ARG HH21 H N N 38  
ARG HH22 H N N 39  
ARG HXT  H N N 40  
ASN N    N N N 41  
ASN CA   C N S 42  
ASN C    C N N 43  
ASN O    O N N 44  
ASN CB   C N N 45  
ASN CG   C N N 46  
ASN OD1  O N N 47  
ASN ND2  N N N 48  
ASN OXT  O N N 49  
ASN H    H N N 50  
ASN H2   H N N 51  
ASN HA   H N N 52  
ASN HB2  H N N 53  
ASN HB3  H N N 54  
ASN HD21 H N N 55  
ASN HD22 H N N 56  
ASN HXT  H N N 57  
ASP N    N N N 58  
ASP CA   C N S 59  
ASP C    C N N 60  
ASP O    O N N 61  
ASP CB   C N N 62  
ASP CG   C N N 63  
ASP OD1  O N N 64  
ASP OD2  O N N 65  
ASP OXT  O N N 66  
ASP H    H N N 67  
ASP H2   H N N 68  
ASP HA   H N N 69  
ASP HB2  H N N 70  
ASP HB3  H N N 71  
ASP HD2  H N N 72  
ASP HXT  H N N 73  
CYS N    N N N 74  
CYS CA   C N R 75  
CYS C    C N N 76  
CYS O    O N N 77  
CYS CB   C N N 78  
CYS SG   S N N 79  
CYS OXT  O N N 80  
CYS H    H N N 81  
CYS H2   H N N 82  
CYS HA   H N N 83  
CYS HB2  H N N 84  
CYS HB3  H N N 85  
CYS HG   H N N 86  
CYS HXT  H N N 87  
GLN N    N N N 88  
GLN CA   C N S 89  
GLN C    C N N 90  
GLN O    O N N 91  
GLN CB   C N N 92  
GLN CG   C N N 93  
GLN CD   C N N 94  
GLN OE1  O N N 95  
GLN NE2  N N N 96  
GLN OXT  O N N 97  
GLN H    H N N 98  
GLN H2   H N N 99  
GLN HA   H N N 100 
GLN HB2  H N N 101 
GLN HB3  H N N 102 
GLN HG2  H N N 103 
GLN HG3  H N N 104 
GLN HE21 H N N 105 
GLN HE22 H N N 106 
GLN HXT  H N N 107 
GLU N    N N N 108 
GLU CA   C N S 109 
GLU C    C N N 110 
GLU O    O N N 111 
GLU CB   C N N 112 
GLU CG   C N N 113 
GLU CD   C N N 114 
GLU OE1  O N N 115 
GLU OE2  O N N 116 
GLU OXT  O N N 117 
GLU H    H N N 118 
GLU H2   H N N 119 
GLU HA   H N N 120 
GLU HB2  H N N 121 
GLU HB3  H N N 122 
GLU HG2  H N N 123 
GLU HG3  H N N 124 
GLU HE2  H N N 125 
GLU HXT  H N N 126 
GLY N    N N N 127 
GLY CA   C N N 128 
GLY C    C N N 129 
GLY O    O N N 130 
GLY OXT  O N N 131 
GLY H    H N N 132 
GLY H2   H N N 133 
GLY HA2  H N N 134 
GLY HA3  H N N 135 
GLY HXT  H N N 136 
HOH O    O N N 137 
HOH H1   H N N 138 
HOH H2   H N N 139 
ILE N    N N N 140 
ILE CA   C N S 141 
ILE C    C N N 142 
ILE O    O N N 143 
ILE CB   C N S 144 
ILE CG1  C N N 145 
ILE CG2  C N N 146 
ILE CD1  C N N 147 
ILE OXT  O N N 148 
ILE H    H N N 149 
ILE H2   H N N 150 
ILE HA   H N N 151 
ILE HB   H N N 152 
ILE HG12 H N N 153 
ILE HG13 H N N 154 
ILE HG21 H N N 155 
ILE HG22 H N N 156 
ILE HG23 H N N 157 
ILE HD11 H N N 158 
ILE HD12 H N N 159 
ILE HD13 H N N 160 
ILE HXT  H N N 161 
LEU N    N N N 162 
LEU CA   C N S 163 
LEU C    C N N 164 
LEU O    O N N 165 
LEU CB   C N N 166 
LEU CG   C N N 167 
LEU CD1  C N N 168 
LEU CD2  C N N 169 
LEU OXT  O N N 170 
LEU H    H N N 171 
LEU H2   H N N 172 
LEU HA   H N N 173 
LEU HB2  H N N 174 
LEU HB3  H N N 175 
LEU HG   H N N 176 
LEU HD11 H N N 177 
LEU HD12 H N N 178 
LEU HD13 H N N 179 
LEU HD21 H N N 180 
LEU HD22 H N N 181 
LEU HD23 H N N 182 
LEU HXT  H N N 183 
LYS N    N N N 184 
LYS CA   C N S 185 
LYS C    C N N 186 
LYS O    O N N 187 
LYS CB   C N N 188 
LYS CG   C N N 189 
LYS CD   C N N 190 
LYS CE   C N N 191 
LYS NZ   N N N 192 
LYS OXT  O N N 193 
LYS H    H N N 194 
LYS H2   H N N 195 
LYS HA   H N N 196 
LYS HB2  H N N 197 
LYS HB3  H N N 198 
LYS HG2  H N N 199 
LYS HG3  H N N 200 
LYS HD2  H N N 201 
LYS HD3  H N N 202 
LYS HE2  H N N 203 
LYS HE3  H N N 204 
LYS HZ1  H N N 205 
LYS HZ2  H N N 206 
LYS HZ3  H N N 207 
LYS HXT  H N N 208 
MRD C1   C N N 209 
MRD C2   C N N 210 
MRD O2   O N N 211 
MRD CM   C N N 212 
MRD C3   C N N 213 
MRD C4   C N R 214 
MRD O4   O N N 215 
MRD C5   C N N 216 
MRD H1C1 H N N 217 
MRD H1C2 H N N 218 
MRD H1C3 H N N 219 
MRD H2   H N N 220 
MRD HMC1 H N N 221 
MRD HMC2 H N N 222 
MRD HMC3 H N N 223 
MRD H3C1 H N N 224 
MRD H3C2 H N N 225 
MRD H4   H N N 226 
MRD HA   H N N 227 
MRD H5C1 H N N 228 
MRD H5C2 H N N 229 
MRD H5C3 H N N 230 
PHE N    N N N 231 
PHE CA   C N S 232 
PHE C    C N N 233 
PHE O    O N N 234 
PHE CB   C N N 235 
PHE CG   C Y N 236 
PHE CD1  C Y N 237 
PHE CD2  C Y N 238 
PHE CE1  C Y N 239 
PHE CE2  C Y N 240 
PHE CZ   C Y N 241 
PHE OXT  O N N 242 
PHE H    H N N 243 
PHE H2   H N N 244 
PHE HA   H N N 245 
PHE HB2  H N N 246 
PHE HB3  H N N 247 
PHE HD1  H N N 248 
PHE HD2  H N N 249 
PHE HE1  H N N 250 
PHE HE2  H N N 251 
PHE HZ   H N N 252 
PHE HXT  H N N 253 
PRO N    N N N 254 
PRO CA   C N S 255 
PRO C    C N N 256 
PRO O    O N N 257 
PRO CB   C N N 258 
PRO CG   C N N 259 
PRO CD   C N N 260 
PRO OXT  O N N 261 
PRO H    H N N 262 
PRO HA   H N N 263 
PRO HB2  H N N 264 
PRO HB3  H N N 265 
PRO HG2  H N N 266 
PRO HG3  H N N 267 
PRO HD2  H N N 268 
PRO HD3  H N N 269 
PRO HXT  H N N 270 
SER N    N N N 271 
SER CA   C N S 272 
SER C    C N N 273 
SER O    O N N 274 
SER CB   C N N 275 
SER OG   O N N 276 
SER OXT  O N N 277 
SER H    H N N 278 
SER H2   H N N 279 
SER HA   H N N 280 
SER HB2  H N N 281 
SER HB3  H N N 282 
SER HG   H N N 283 
SER HXT  H N N 284 
THR N    N N N 285 
THR CA   C N S 286 
THR C    C N N 287 
THR O    O N N 288 
THR CB   C N R 289 
THR OG1  O N N 290 
THR CG2  C N N 291 
THR OXT  O N N 292 
THR H    H N N 293 
THR H2   H N N 294 
THR HA   H N N 295 
THR HB   H N N 296 
THR HG1  H N N 297 
THR HG21 H N N 298 
THR HG22 H N N 299 
THR HG23 H N N 300 
THR HXT  H N N 301 
TRP N    N N N 302 
TRP CA   C N S 303 
TRP C    C N N 304 
TRP O    O N N 305 
TRP CB   C N N 306 
TRP CG   C Y N 307 
TRP CD1  C Y N 308 
TRP CD2  C Y N 309 
TRP NE1  N Y N 310 
TRP CE2  C Y N 311 
TRP CE3  C Y N 312 
TRP CZ2  C Y N 313 
TRP CZ3  C Y N 314 
TRP CH2  C Y N 315 
TRP OXT  O N N 316 
TRP H    H N N 317 
TRP H2   H N N 318 
TRP HA   H N N 319 
TRP HB2  H N N 320 
TRP HB3  H N N 321 
TRP HD1  H N N 322 
TRP HE1  H N N 323 
TRP HE3  H N N 324 
TRP HZ2  H N N 325 
TRP HZ3  H N N 326 
TRP HH2  H N N 327 
TRP HXT  H N N 328 
TYR N    N N N 329 
TYR CA   C N S 330 
TYR C    C N N 331 
TYR O    O N N 332 
TYR CB   C N N 333 
TYR CG   C Y N 334 
TYR CD1  C Y N 335 
TYR CD2  C Y N 336 
TYR CE1  C Y N 337 
TYR CE2  C Y N 338 
TYR CZ   C Y N 339 
TYR OH   O N N 340 
TYR OXT  O N N 341 
TYR H    H N N 342 
TYR H2   H N N 343 
TYR HA   H N N 344 
TYR HB2  H N N 345 
TYR HB3  H N N 346 
TYR HD1  H N N 347 
TYR HD2  H N N 348 
TYR HE1  H N N 349 
TYR HE2  H N N 350 
TYR HH   H N N 351 
TYR HXT  H N N 352 
VAL N    N N N 353 
VAL CA   C N S 354 
VAL C    C N N 355 
VAL O    O N N 356 
VAL CB   C N N 357 
VAL CG1  C N N 358 
VAL CG2  C N N 359 
VAL OXT  O N N 360 
VAL H    H N N 361 
VAL H2   H N N 362 
VAL HA   H N N 363 
VAL HB   H N N 364 
VAL HG11 H N N 365 
VAL HG12 H N N 366 
VAL HG13 H N N 367 
VAL HG21 H N N 368 
VAL HG22 H N N 369 
VAL HG23 H N N 370 
VAL HXT  H N N 371 
# 
loop_
_chem_comp_bond.comp_id 
_chem_comp_bond.atom_id_1 
_chem_comp_bond.atom_id_2 
_chem_comp_bond.value_order 
_chem_comp_bond.pdbx_aromatic_flag 
_chem_comp_bond.pdbx_stereo_config 
_chem_comp_bond.pdbx_ordinal 
ALA N   CA   sing N N 1   
ALA N   H    sing N N 2   
ALA N   H2   sing N N 3   
ALA CA  C    sing N N 4   
ALA CA  CB   sing N N 5   
ALA CA  HA   sing N N 6   
ALA C   O    doub N N 7   
ALA C   OXT  sing N N 8   
ALA CB  HB1  sing N N 9   
ALA CB  HB2  sing N N 10  
ALA CB  HB3  sing N N 11  
ALA OXT HXT  sing N N 12  
ARG N   CA   sing N N 13  
ARG N   H    sing N N 14  
ARG N   H2   sing N N 15  
ARG CA  C    sing N N 16  
ARG CA  CB   sing N N 17  
ARG CA  HA   sing N N 18  
ARG C   O    doub N N 19  
ARG C   OXT  sing N N 20  
ARG CB  CG   sing N N 21  
ARG CB  HB2  sing N N 22  
ARG CB  HB3  sing N N 23  
ARG CG  CD   sing N N 24  
ARG CG  HG2  sing N N 25  
ARG CG  HG3  sing N N 26  
ARG CD  NE   sing N N 27  
ARG CD  HD2  sing N N 28  
ARG CD  HD3  sing N N 29  
ARG NE  CZ   sing N N 30  
ARG NE  HE   sing N N 31  
ARG CZ  NH1  sing N N 32  
ARG CZ  NH2  doub N N 33  
ARG NH1 HH11 sing N N 34  
ARG NH1 HH12 sing N N 35  
ARG NH2 HH21 sing N N 36  
ARG NH2 HH22 sing N N 37  
ARG OXT HXT  sing N N 38  
ASN N   CA   sing N N 39  
ASN N   H    sing N N 40  
ASN N   H2   sing N N 41  
ASN CA  C    sing N N 42  
ASN CA  CB   sing N N 43  
ASN CA  HA   sing N N 44  
ASN C   O    doub N N 45  
ASN C   OXT  sing N N 46  
ASN CB  CG   sing N N 47  
ASN CB  HB2  sing N N 48  
ASN CB  HB3  sing N N 49  
ASN CG  OD1  doub N N 50  
ASN CG  ND2  sing N N 51  
ASN ND2 HD21 sing N N 52  
ASN ND2 HD22 sing N N 53  
ASN OXT HXT  sing N N 54  
ASP N   CA   sing N N 55  
ASP N   H    sing N N 56  
ASP N   H2   sing N N 57  
ASP CA  C    sing N N 58  
ASP CA  CB   sing N N 59  
ASP CA  HA   sing N N 60  
ASP C   O    doub N N 61  
ASP C   OXT  sing N N 62  
ASP CB  CG   sing N N 63  
ASP CB  HB2  sing N N 64  
ASP CB  HB3  sing N N 65  
ASP CG  OD1  doub N N 66  
ASP CG  OD2  sing N N 67  
ASP OD2 HD2  sing N N 68  
ASP OXT HXT  sing N N 69  
CYS N   CA   sing N N 70  
CYS N   H    sing N N 71  
CYS N   H2   sing N N 72  
CYS CA  C    sing N N 73  
CYS CA  CB   sing N N 74  
CYS CA  HA   sing N N 75  
CYS C   O    doub N N 76  
CYS C   OXT  sing N N 77  
CYS CB  SG   sing N N 78  
CYS CB  HB2  sing N N 79  
CYS CB  HB3  sing N N 80  
CYS SG  HG   sing N N 81  
CYS OXT HXT  sing N N 82  
GLN N   CA   sing N N 83  
GLN N   H    sing N N 84  
GLN N   H2   sing N N 85  
GLN CA  C    sing N N 86  
GLN CA  CB   sing N N 87  
GLN CA  HA   sing N N 88  
GLN C   O    doub N N 89  
GLN C   OXT  sing N N 90  
GLN CB  CG   sing N N 91  
GLN CB  HB2  sing N N 92  
GLN CB  HB3  sing N N 93  
GLN CG  CD   sing N N 94  
GLN CG  HG2  sing N N 95  
GLN CG  HG3  sing N N 96  
GLN CD  OE1  doub N N 97  
GLN CD  NE2  sing N N 98  
GLN NE2 HE21 sing N N 99  
GLN NE2 HE22 sing N N 100 
GLN OXT HXT  sing N N 101 
GLU N   CA   sing N N 102 
GLU N   H    sing N N 103 
GLU N   H2   sing N N 104 
GLU CA  C    sing N N 105 
GLU CA  CB   sing N N 106 
GLU CA  HA   sing N N 107 
GLU C   O    doub N N 108 
GLU C   OXT  sing N N 109 
GLU CB  CG   sing N N 110 
GLU CB  HB2  sing N N 111 
GLU CB  HB3  sing N N 112 
GLU CG  CD   sing N N 113 
GLU CG  HG2  sing N N 114 
GLU CG  HG3  sing N N 115 
GLU CD  OE1  doub N N 116 
GLU CD  OE2  sing N N 117 
GLU OE2 HE2  sing N N 118 
GLU OXT HXT  sing N N 119 
GLY N   CA   sing N N 120 
GLY N   H    sing N N 121 
GLY N   H2   sing N N 122 
GLY CA  C    sing N N 123 
GLY CA  HA2  sing N N 124 
GLY CA  HA3  sing N N 125 
GLY C   O    doub N N 126 
GLY C   OXT  sing N N 127 
GLY OXT HXT  sing N N 128 
HOH O   H1   sing N N 129 
HOH O   H2   sing N N 130 
ILE N   CA   sing N N 131 
ILE N   H    sing N N 132 
ILE N   H2   sing N N 133 
ILE CA  C    sing N N 134 
ILE CA  CB   sing N N 135 
ILE CA  HA   sing N N 136 
ILE C   O    doub N N 137 
ILE C   OXT  sing N N 138 
ILE CB  CG1  sing N N 139 
ILE CB  CG2  sing N N 140 
ILE CB  HB   sing N N 141 
ILE CG1 CD1  sing N N 142 
ILE CG1 HG12 sing N N 143 
ILE CG1 HG13 sing N N 144 
ILE CG2 HG21 sing N N 145 
ILE CG2 HG22 sing N N 146 
ILE CG2 HG23 sing N N 147 
ILE CD1 HD11 sing N N 148 
ILE CD1 HD12 sing N N 149 
ILE CD1 HD13 sing N N 150 
ILE OXT HXT  sing N N 151 
LEU N   CA   sing N N 152 
LEU N   H    sing N N 153 
LEU N   H2   sing N N 154 
LEU CA  C    sing N N 155 
LEU CA  CB   sing N N 156 
LEU CA  HA   sing N N 157 
LEU C   O    doub N N 158 
LEU C   OXT  sing N N 159 
LEU CB  CG   sing N N 160 
LEU CB  HB2  sing N N 161 
LEU CB  HB3  sing N N 162 
LEU CG  CD1  sing N N 163 
LEU CG  CD2  sing N N 164 
LEU CG  HG   sing N N 165 
LEU CD1 HD11 sing N N 166 
LEU CD1 HD12 sing N N 167 
LEU CD1 HD13 sing N N 168 
LEU CD2 HD21 sing N N 169 
LEU CD2 HD22 sing N N 170 
LEU CD2 HD23 sing N N 171 
LEU OXT HXT  sing N N 172 
LYS N   CA   sing N N 173 
LYS N   H    sing N N 174 
LYS N   H2   sing N N 175 
LYS CA  C    sing N N 176 
LYS CA  CB   sing N N 177 
LYS CA  HA   sing N N 178 
LYS C   O    doub N N 179 
LYS C   OXT  sing N N 180 
LYS CB  CG   sing N N 181 
LYS CB  HB2  sing N N 182 
LYS CB  HB3  sing N N 183 
LYS CG  CD   sing N N 184 
LYS CG  HG2  sing N N 185 
LYS CG  HG3  sing N N 186 
LYS CD  CE   sing N N 187 
LYS CD  HD2  sing N N 188 
LYS CD  HD3  sing N N 189 
LYS CE  NZ   sing N N 190 
LYS CE  HE2  sing N N 191 
LYS CE  HE3  sing N N 192 
LYS NZ  HZ1  sing N N 193 
LYS NZ  HZ2  sing N N 194 
LYS NZ  HZ3  sing N N 195 
LYS OXT HXT  sing N N 196 
MRD C1  C2   sing N N 197 
MRD C1  H1C1 sing N N 198 
MRD C1  H1C2 sing N N 199 
MRD C1  H1C3 sing N N 200 
MRD C2  O2   sing N N 201 
MRD C2  CM   sing N N 202 
MRD C2  C3   sing N N 203 
MRD O2  H2   sing N N 204 
MRD CM  HMC1 sing N N 205 
MRD CM  HMC2 sing N N 206 
MRD CM  HMC3 sing N N 207 
MRD C3  C4   sing N N 208 
MRD C3  H3C1 sing N N 209 
MRD C3  H3C2 sing N N 210 
MRD C4  O4   sing N N 211 
MRD C4  C5   sing N N 212 
MRD C4  H4   sing N N 213 
MRD O4  HA   sing N N 214 
MRD C5  H5C1 sing N N 215 
MRD C5  H5C2 sing N N 216 
MRD C5  H5C3 sing N N 217 
PHE N   CA   sing N N 218 
PHE N   H    sing N N 219 
PHE N   H2   sing N N 220 
PHE CA  C    sing N N 221 
PHE CA  CB   sing N N 222 
PHE CA  HA   sing N N 223 
PHE C   O    doub N N 224 
PHE C   OXT  sing N N 225 
PHE CB  CG   sing N N 226 
PHE CB  HB2  sing N N 227 
PHE CB  HB3  sing N N 228 
PHE CG  CD1  doub Y N 229 
PHE CG  CD2  sing Y N 230 
PHE CD1 CE1  sing Y N 231 
PHE CD1 HD1  sing N N 232 
PHE CD2 CE2  doub Y N 233 
PHE CD2 HD2  sing N N 234 
PHE CE1 CZ   doub Y N 235 
PHE CE1 HE1  sing N N 236 
PHE CE2 CZ   sing Y N 237 
PHE CE2 HE2  sing N N 238 
PHE CZ  HZ   sing N N 239 
PHE OXT HXT  sing N N 240 
PRO N   CA   sing N N 241 
PRO N   CD   sing N N 242 
PRO N   H    sing N N 243 
PRO CA  C    sing N N 244 
PRO CA  CB   sing N N 245 
PRO CA  HA   sing N N 246 
PRO C   O    doub N N 247 
PRO C   OXT  sing N N 248 
PRO CB  CG   sing N N 249 
PRO CB  HB2  sing N N 250 
PRO CB  HB3  sing N N 251 
PRO CG  CD   sing N N 252 
PRO CG  HG2  sing N N 253 
PRO CG  HG3  sing N N 254 
PRO CD  HD2  sing N N 255 
PRO CD  HD3  sing N N 256 
PRO OXT HXT  sing N N 257 
SER N   CA   sing N N 258 
SER N   H    sing N N 259 
SER N   H2   sing N N 260 
SER CA  C    sing N N 261 
SER CA  CB   sing N N 262 
SER CA  HA   sing N N 263 
SER C   O    doub N N 264 
SER C   OXT  sing N N 265 
SER CB  OG   sing N N 266 
SER CB  HB2  sing N N 267 
SER CB  HB3  sing N N 268 
SER OG  HG   sing N N 269 
SER OXT HXT  sing N N 270 
THR N   CA   sing N N 271 
THR N   H    sing N N 272 
THR N   H2   sing N N 273 
THR CA  C    sing N N 274 
THR CA  CB   sing N N 275 
THR CA  HA   sing N N 276 
THR C   O    doub N N 277 
THR C   OXT  sing N N 278 
THR CB  OG1  sing N N 279 
THR CB  CG2  sing N N 280 
THR CB  HB   sing N N 281 
THR OG1 HG1  sing N N 282 
THR CG2 HG21 sing N N 283 
THR CG2 HG22 sing N N 284 
THR CG2 HG23 sing N N 285 
THR OXT HXT  sing N N 286 
TRP N   CA   sing N N 287 
TRP N   H    sing N N 288 
TRP N   H2   sing N N 289 
TRP CA  C    sing N N 290 
TRP CA  CB   sing N N 291 
TRP CA  HA   sing N N 292 
TRP C   O    doub N N 293 
TRP C   OXT  sing N N 294 
TRP CB  CG   sing N N 295 
TRP CB  HB2  sing N N 296 
TRP CB  HB3  sing N N 297 
TRP CG  CD1  doub Y N 298 
TRP CG  CD2  sing Y N 299 
TRP CD1 NE1  sing Y N 300 
TRP CD1 HD1  sing N N 301 
TRP CD2 CE2  doub Y N 302 
TRP CD2 CE3  sing Y N 303 
TRP NE1 CE2  sing Y N 304 
TRP NE1 HE1  sing N N 305 
TRP CE2 CZ2  sing Y N 306 
TRP CE3 CZ3  doub Y N 307 
TRP CE3 HE3  sing N N 308 
TRP CZ2 CH2  doub Y N 309 
TRP CZ2 HZ2  sing N N 310 
TRP CZ3 CH2  sing Y N 311 
TRP CZ3 HZ3  sing N N 312 
TRP CH2 HH2  sing N N 313 
TRP OXT HXT  sing N N 314 
TYR N   CA   sing N N 315 
TYR N   H    sing N N 316 
TYR N   H2   sing N N 317 
TYR CA  C    sing N N 318 
TYR CA  CB   sing N N 319 
TYR CA  HA   sing N N 320 
TYR C   O    doub N N 321 
TYR C   OXT  sing N N 322 
TYR CB  CG   sing N N 323 
TYR CB  HB2  sing N N 324 
TYR CB  HB3  sing N N 325 
TYR CG  CD1  doub Y N 326 
TYR CG  CD2  sing Y N 327 
TYR CD1 CE1  sing Y N 328 
TYR CD1 HD1  sing N N 329 
TYR CD2 CE2  doub Y N 330 
TYR CD2 HD2  sing N N 331 
TYR CE1 CZ   doub Y N 332 
TYR CE1 HE1  sing N N 333 
TYR CE2 CZ   sing Y N 334 
TYR CE2 HE2  sing N N 335 
TYR CZ  OH   sing N N 336 
TYR OH  HH   sing N N 337 
TYR OXT HXT  sing N N 338 
VAL N   CA   sing N N 339 
VAL N   H    sing N N 340 
VAL N   H2   sing N N 341 
VAL CA  C    sing N N 342 
VAL CA  CB   sing N N 343 
VAL CA  HA   sing N N 344 
VAL C   O    doub N N 345 
VAL C   OXT  sing N N 346 
VAL CB  CG1  sing N N 347 
VAL CB  CG2  sing N N 348 
VAL CB  HB   sing N N 349 
VAL CG1 HG11 sing N N 350 
VAL CG1 HG12 sing N N 351 
VAL CG1 HG13 sing N N 352 
VAL CG2 HG21 sing N N 353 
VAL CG2 HG22 sing N N 354 
VAL CG2 HG23 sing N N 355 
VAL OXT HXT  sing N N 356 
# 
_atom_sites.entry_id                    4A56 
_atom_sites.fract_transf_matrix[1][1]   0.02375622 
_atom_sites.fract_transf_matrix[1][2]   0.01586845 
_atom_sites.fract_transf_matrix[1][3]   -0.00486564 
_atom_sites.fract_transf_matrix[2][1]   0.00969680 
_atom_sites.fract_transf_matrix[2][2]   -0.01706960 
_atom_sites.fract_transf_matrix[2][3]   -0.00832549 
_atom_sites.fract_transf_matrix[3][1]   -0.00317439 
_atom_sites.fract_transf_matrix[3][2]   0.00222184 
_atom_sites.fract_transf_matrix[3][3]   -0.00825266 
_atom_sites.fract_transf_vector[1]      -0.253872 
_atom_sites.fract_transf_vector[2]      0.256179 
_atom_sites.fract_transf_vector[3]      0.146230 
# 
loop_
_atom_type.symbol 
C 
N 
O 
S 
# 
loop_
_atom_site.group_PDB 
_atom_site.id 
_atom_site.type_symbol 
_atom_site.label_atom_id 
_atom_site.label_alt_id 
_atom_site.label_comp_id 
_atom_site.label_asym_id 
_atom_site.label_entity_id 
_atom_site.label_seq_id 
_atom_site.pdbx_PDB_ins_code 
_atom_site.Cartn_x 
_atom_site.Cartn_y 
_atom_site.Cartn_z 
_atom_site.occupancy 
_atom_site.B_iso_or_equiv 
_atom_site.pdbx_formal_charge 
_atom_site.auth_seq_id 
_atom_site.auth_comp_id 
_atom_site.auth_asym_id 
_atom_site.auth_atom_id 
_atom_site.pdbx_PDB_model_num 
ATOM   1   N N   . VAL A 1 1  ? 15.999  6.129   8.943   1.00 20.42  ? 30   VAL A N   1 
ATOM   2   C CA  . VAL A 1 1  ? 14.884  6.188   7.942   1.00 18.91  ? 30   VAL A CA  1 
ATOM   3   C C   . VAL A 1 1  ? 14.072  7.437   8.270   1.00 17.74  ? 30   VAL A C   1 
ATOM   4   O O   . VAL A 1 1  ? 13.507  7.533   9.378   1.00 17.95  ? 30   VAL A O   1 
ATOM   5   C CB  . VAL A 1 1  ? 13.961  4.948   7.972   1.00 19.43  ? 30   VAL A CB  1 
ATOM   6   C CG1 . VAL A 1 1  ? 12.982  5.015   6.801   1.00 18.50  ? 30   VAL A CG1 1 
ATOM   7   C CG2 . VAL A 1 1  ? 14.777  3.654   7.884   1.00 21.95  ? 30   VAL A CG2 1 
ATOM   8   N N   . SER A 1 2  ? 14.018  8.409   7.343   1.00 15.95  ? 31   SER A N   1 
ATOM   9   C CA  . SER A 1 2  ? 13.316  9.680   7.631   1.00 14.94  ? 31   SER A CA  1 
ATOM   10  C C   . SER A 1 2  ? 11.809  9.434   7.773   1.00 13.52  ? 31   SER A C   1 
ATOM   11  O O   . SER A 1 2  ? 11.263  8.464   7.255   1.00 12.86  ? 31   SER A O   1 
ATOM   12  C CB  . SER A 1 2  ? 13.544  10.705  6.528   1.00 15.10  ? 31   SER A CB  1 
ATOM   13  O OG  . SER A 1 2  ? 12.836  10.320  5.361   1.00 14.54  ? 31   SER A OG  1 
ATOM   14  N N   . GLY A 1 3  ? 11.113  10.351  8.454   1.00 13.63  ? 32   GLY A N   1 
ATOM   15  C CA  . GLY A 1 3  ? 9.656   10.329  8.491   1.00 13.66  ? 32   GLY A CA  1 
ATOM   16  C C   . GLY A 1 3  ? 9.028   10.339  7.098   1.00 12.30  ? 32   GLY A C   1 
ATOM   17  O O   . GLY A 1 3  ? 8.020   9.648   6.858   1.00 13.18  ? 32   GLY A O   1 
ATOM   18  N N   . GLN A 1 4  ? 9.611   11.123  6.197   1.00 12.18  ? 33   GLN A N   1 
ATOM   19  C CA  . GLN A 1 4  ? 9.121   11.153  4.822   1.00 12.31  ? 33   GLN A CA  1 
ATOM   20  C C   . GLN A 1 4  ? 9.204   9.752   4.161   1.00 12.00  ? 33   GLN A C   1 
ATOM   21  O O   . GLN A 1 4  ? 8.254   9.317   3.513   1.00 12.77  ? 33   GLN A O   1 
ATOM   22  C CB  . GLN A 1 4  ? 9.924   12.167  4.021   1.00 13.18  ? 33   GLN A CB  1 
ATOM   23  C CG  . GLN A 1 4  ? 9.536   12.206  2.536   1.00 15.22  ? 33   GLN A CG  1 
ATOM   24  C CD  . GLN A 1 4  ? 10.269  13.287  1.830   1.00 15.14  ? 33   GLN A CD  1 
ATOM   25  O OE1 . GLN A 1 4  ? 11.483  13.382  1.921   1.00 16.06  ? 33   GLN A OE1 1 
ATOM   26  N NE2 . GLN A 1 4  ? 9.535   14.136  1.119   1.00 16.94  ? 33   GLN A NE2 1 
ATOM   27  N N   . ALA A 1 5  ? 10.334  9.082   4.323   1.00 13.16  ? 34   ALA A N   1 
ATOM   28  C CA  . ALA A 1 5  ? 10.531  7.753   3.756   1.00 12.96  ? 34   ALA A CA  1 
ATOM   29  C C   . ALA A 1 5  ? 9.634   6.717   4.409   1.00 11.91  ? 34   ALA A C   1 
ATOM   30  O O   . ALA A 1 5  ? 9.164   5.814   3.737   1.00 13.00  ? 34   ALA A O   1 
ATOM   31  C CB  . ALA A 1 5  ? 11.972  7.357   3.870   1.00 14.41  ? 34   ALA A CB  1 
ATOM   32  N N   . GLN A 1 6  ? 9.407   6.839   5.717   1.00 12.56  ? 35   GLN A N   1 
ATOM   33  C CA  A GLN A 1 6  ? 8.488   5.936   6.429   0.50 12.47  ? 35   GLN A CA  1 
ATOM   34  C CA  B GLN A 1 6  ? 8.496   5.925   6.419   0.50 12.52  ? 35   GLN A CA  1 
ATOM   35  C C   . GLN A 1 6  ? 7.087   6.044   5.825   1.00 11.90  ? 35   GLN A C   1 
ATOM   36  O O   . GLN A 1 6  ? 6.462   5.038   5.488   1.00 11.87  ? 35   GLN A O   1 
ATOM   37  C CB  A GLN A 1 6  ? 8.429   6.280   7.919   0.50 13.11  ? 35   GLN A CB  1 
ATOM   38  C CB  B GLN A 1 6  ? 8.478   6.215   7.922   0.50 13.28  ? 35   GLN A CB  1 
ATOM   39  C CG  A GLN A 1 6  ? 9.731   6.029   8.699   0.50 15.05  ? 35   GLN A CG  1 
ATOM   40  C CG  B GLN A 1 6  ? 9.810   5.911   8.642   0.50 15.33  ? 35   GLN A CG  1 
ATOM   41  C CD  A GLN A 1 6  ? 9.682   6.553   10.118  0.50 13.97  ? 35   GLN A CD  1 
ATOM   42  C CD  B GLN A 1 6  ? 9.865   6.449   10.065  0.50 14.93  ? 35   GLN A CD  1 
ATOM   43  N NE2 A GLN A 1 6  ? 10.845  6.957   10.616  0.50 12.66  ? 35   GLN A NE2 1 
ATOM   44  N NE2 B GLN A 1 6  ? 8.733   6.463   10.753  0.50 10.27  ? 35   GLN A NE2 1 
ATOM   45  N N   . LEU A 1 7  ? 6.600   7.284   5.693   1.00 11.66  ? 36   LEU A N   1 
ATOM   46  C CA  . LEU A 1 7  ? 5.267   7.493   5.141   1.00 11.17  ? 36   LEU A CA  1 
ATOM   47  C C   . LEU A 1 7  ? 5.220   6.942   3.716   1.00 11.06  ? 36   LEU A C   1 
ATOM   48  O O   . LEU A 1 7  ? 4.237   6.281   3.342   1.00 11.59  ? 36   LEU A O   1 
ATOM   49  C CB  . LEU A 1 7  ? 4.907   8.977   5.167   1.00 11.84  ? 36   LEU A CB  1 
ATOM   50  C CG  . LEU A 1 7  ? 3.574   9.344   4.515   1.00 13.49  ? 36   LEU A CG  1 
ATOM   51  C CD1 . LEU A 1 7  ? 2.380   8.746   5.219   1.00 16.39  ? 36   LEU A CD1 1 
ATOM   52  C CD2 . LEU A 1 7  ? 3.425   10.863  4.398   1.00 14.94  ? 36   LEU A CD2 1 
ATOM   53  N N   . GLU A 1 8  ? 6.259   7.179   2.920   1.00 11.84  ? 37   GLU A N   1 
ATOM   54  C CA  . GLU A 1 8  ? 6.253   6.758   1.529   1.00 12.17  ? 37   GLU A CA  1 
ATOM   55  C C   . GLU A 1 8  ? 6.229   5.247   1.416   1.00 12.25  ? 37   GLU A C   1 
ATOM   56  O O   . GLU A 1 8  ? 5.478   4.677   0.579   1.00 12.40  ? 37   GLU A O   1 
ATOM   57  C CB  . GLU A 1 8  ? 7.437   7.349   0.754   1.00 13.87  ? 37   GLU A CB  1 
ATOM   58  C CG  . GLU A 1 8  ? 7.226   7.297   -0.756  1.00 14.78  ? 37   GLU A CG  1 
ATOM   59  C CD  . GLU A 1 8  ? 6.173   8.261   -1.243  1.00 15.01  ? 37   GLU A CD  1 
ATOM   60  O OE1 . GLU A 1 8  ? 5.563   8.997   -0.442  1.00 14.23  ? 37   GLU A OE1 1 
ATOM   61  O OE2 . GLU A 1 8  ? 5.977   8.324   -2.483  1.00 18.22  ? 37   GLU A OE2 1 
ATOM   62  N N   . GLN A 1 9  ? 7.027   4.573   2.248   1.00 11.49  ? 38   GLN A N   1 
ATOM   63  C CA  . GLN A 1 9  ? 7.062   3.116   2.210   1.00 11.89  ? 38   GLN A CA  1 
ATOM   64  C C   . GLN A 1 9  ? 5.726   2.499   2.618   1.00 11.88  ? 38   GLN A C   1 
ATOM   65  O O   . GLN A 1 9  ? 5.226   1.563   1.944   1.00 12.60  ? 38   GLN A O   1 
ATOM   66  C CB  . GLN A 1 9  ? 8.183   2.614   3.112   1.00 13.80  ? 38   GLN A CB  1 
ATOM   67  C CG  . GLN A 1 9  ? 9.579   2.871   2.545   1.00 18.15  ? 38   GLN A CG  1 
ATOM   68  C CD  . GLN A 1 9  ? 10.699  2.462   3.480   1.00 22.66  ? 38   GLN A CD  1 
ATOM   69  O OE1 . GLN A 1 9  ? 10.547  1.555   4.294   1.00 26.42  ? 38   GLN A OE1 1 
ATOM   70  N NE2 . GLN A 1 9  ? 11.857  3.120   3.333   1.00 26.44  ? 38   GLN A NE2 1 
ATOM   71  N N   . LEU A 1 10 ? 5.147   2.986   3.706   1.00 11.31  ? 39   LEU A N   1 
ATOM   72  C CA  . LEU A 1 10 ? 3.851   2.453   4.154   1.00 10.92  ? 39   LEU A CA  1 
ATOM   73  C C   . LEU A 1 10 ? 2.730   2.783   3.192   1.00 10.26  ? 39   LEU A C   1 
ATOM   74  O O   . LEU A 1 10 ? 1.868   1.916   2.926   1.00 10.87  ? 39   LEU A O   1 
ATOM   75  C CB  . LEU A 1 10 ? 3.528   2.934   5.561   1.00 11.76  ? 39   LEU A CB  1 
ATOM   76  C CG  . LEU A 1 10 ? 4.541   2.502   6.637   1.00 13.44  ? 39   LEU A CG  1 
ATOM   77  C CD1 . LEU A 1 10 ? 4.045   3.027   7.982   1.00 15.69  ? 39   LEU A CD1 1 
ATOM   78  C CD2 . LEU A 1 10 ? 4.778   0.987   6.667   1.00 15.50  ? 39   LEU A CD2 1 
ATOM   79  N N   . ALA A 1 11 ? 2.740   3.985   2.611   1.00 10.21  ? 40   ALA A N   1 
ATOM   80  C CA  . ALA A 1 11 ? 1.718   4.365   1.649   1.00 10.13  ? 40   ALA A CA  1 
ATOM   81  C C   . ALA A 1 11 ? 1.833   3.536   0.370   1.00 10.91  ? 40   ALA A C   1 
ATOM   82  O O   . ALA A 1 11 ? 0.822   3.217   -0.260  1.00 10.83  ? 40   ALA A O   1 
ATOM   83  C CB  . ALA A 1 11 ? 1.792   5.855   1.354   1.00 11.02  ? 40   ALA A CB  1 
ATOM   84  N N   . SER A 1 12 ? 3.052   3.192   -0.013  1.00 10.90  ? 41   SER A N   1 
ATOM   85  C CA  A SER A 1 12 ? 3.309   2.383   -1.200  0.50 10.88  ? 41   SER A CA  1 
ATOM   86  C CA  B SER A 1 12 ? 3.230   2.412   -1.227  0.50 12.03  ? 41   SER A CA  1 
ATOM   87  C C   . SER A 1 12 ? 2.744   0.973   -1.043  1.00 10.88  ? 41   SER A C   1 
ATOM   88  O O   . SER A 1 12 ? 2.095   0.444   -1.962  1.00 11.13  ? 41   SER A O   1 
ATOM   89  C CB  A SER A 1 12 ? 4.823   2.302   -1.449  0.50 10.42  ? 41   SER A CB  1 
ATOM   90  C CB  B SER A 1 12 ? 4.687   2.431   -1.686  0.50 12.87  ? 41   SER A CB  1 
ATOM   91  O OG  A SER A 1 12 ? 5.342   3.546   -1.927  0.50 10.23  ? 41   SER A OG  1 
ATOM   92  O OG  B SER A 1 12 ? 5.491   1.656   -0.831  0.50 18.50  ? 41   SER A OG  1 
ATOM   93  N N   . VAL A 1 13 ? 3.023   0.345   0.089   1.00 10.76  ? 42   VAL A N   1 
ATOM   94  C CA  . VAL A 1 13 ? 2.489   -0.991  0.292   1.00 11.65  ? 42   VAL A CA  1 
ATOM   95  C C   . VAL A 1 13 ? 0.968   -0.963  0.410   1.00 10.47  ? 42   VAL A C   1 
ATOM   96  O O   . VAL A 1 13 ? 0.288   -1.872  -0.100  1.00 10.81  ? 42   VAL A O   1 
ATOM   97  C CB  . VAL A 1 13 ? 3.174   -1.801  1.404   1.00 14.84  ? 42   VAL A CB  1 
ATOM   98  C CG1 . VAL A 1 13 ? 4.677   -1.966  1.104   1.00 16.53  ? 42   VAL A CG1 1 
ATOM   99  C CG2 . VAL A 1 13 ? 2.957   -1.283  2.767   1.00 15.84  ? 42   VAL A CG2 1 
ATOM   100 N N   . ALA A 1 14 ? 0.408   0.045   1.086   1.00 10.21  ? 43   ALA A N   1 
ATOM   101 C CA  . ALA A 1 14 ? -1.044  0.146   1.196   1.00 9.97   ? 43   ALA A CA  1 
ATOM   102 C C   . ALA A 1 14 ? -1.684  0.335   -0.183  1.00 9.33   ? 43   ALA A C   1 
ATOM   103 O O   . ALA A 1 14 ? -2.700  -0.320  -0.520  1.00 9.62   ? 43   ALA A O   1 
ATOM   104 C CB  . ALA A 1 14 ? -1.478  1.242   2.204   1.00 10.50  ? 43   ALA A CB  1 
ATOM   105 N N   . ALA A 1 15 ? -1.123  1.254   -0.971  1.00 8.91   ? 44   ALA A N   1 
ATOM   106 C CA  . ALA A 1 15 ? -1.652  1.520   -2.312  1.00 9.40   ? 44   ALA A CA  1 
ATOM   107 C C   . ALA A 1 15 ? -1.574  0.267   -3.200  1.00 8.70   ? 44   ALA A C   1 
ATOM   108 O O   . ALA A 1 15 ? -2.511  -0.069  -3.923  1.00 9.62   ? 44   ALA A O   1 
ATOM   109 C CB  . ALA A 1 15 ? -0.937  2.706   -2.993  1.00 9.74   ? 44   ALA A CB  1 
ATOM   110 N N   . GLY A 1 16 ? -0.414  -0.397  -3.149  1.00 8.91   ? 45   GLY A N   1 
ATOM   111 C CA  . GLY A 1 16 ? -0.225  -1.599  -3.976  1.00 9.09   ? 45   GLY A CA  1 
ATOM   112 C C   . GLY A 1 16 ? -1.171  -2.716  -3.563  1.00 8.71   ? 45   GLY A C   1 
ATOM   113 O O   . GLY A 1 16 ? -1.705  -3.420  -4.411  1.00 9.24   ? 45   GLY A O   1 
ATOM   114 N N   . ALA A 1 17 ? -1.390  -2.905  -2.270  1.00 9.19   ? 46   ALA A N   1 
ATOM   115 C CA  . ALA A 1 17 ? -2.309  -3.945  -1.809  1.00 9.29   ? 46   ALA A CA  1 
ATOM   116 C C   . ALA A 1 17 ? -3.726  -3.597  -2.204  1.00 9.64   ? 46   ALA A C   1 
ATOM   117 O O   . ALA A 1 17 ? -4.485  -4.498  -2.630  1.00 9.86   ? 46   ALA A O   1 
ATOM   118 C CB  . ALA A 1 17 ? -2.176  -4.138  -0.303  1.00 10.68  ? 46   ALA A CB  1 
ATOM   119 N N   . ARG A 1 18 ? -4.113  -2.347  -2.091  1.00 9.55   ? 47   ARG A N   1 
ATOM   120 C CA  A ARG A 1 18 ? -5.459  -1.944  -2.581  0.50 9.76   ? 47   ARG A CA  1 
ATOM   121 C CA  B ARG A 1 18 ? -5.458  -1.946  -2.575  0.50 9.56   ? 47   ARG A CA  1 
ATOM   122 C C   . ARG A 1 18 ? -5.611  -2.202  -4.120  1.00 9.40   ? 47   ARG A C   1 
ATOM   123 O O   . ARG A 1 18 ? -6.640  -2.616  -4.562  1.00 9.51   ? 47   ARG A O   1 
ATOM   124 C CB  A ARG A 1 18 ? -5.754  -0.474  -2.226  0.50 10.70  ? 47   ARG A CB  1 
ATOM   125 C CB  B ARG A 1 18 ? -5.726  -0.478  -2.204  0.50 10.39  ? 47   ARG A CB  1 
ATOM   126 C CG  A ARG A 1 18 ? -6.115  -0.233  -0.768  0.50 11.71  ? 47   ARG A CG  1 
ATOM   127 C CG  B ARG A 1 18 ? -7.090  0.048   -2.618  0.50 10.25  ? 47   ARG A CG  1 
ATOM   128 C CD  A ARG A 1 18 ? -6.973  1.048   -0.603  0.50 16.80  ? 47   ARG A CD  1 
ATOM   129 C CD  B ARG A 1 18 ? -7.150  1.562   -2.407  0.50 13.62  ? 47   ARG A CD  1 
ATOM   130 N NE  A ARG A 1 18 ? -6.451  2.216   -1.274  0.50 15.80  ? 47   ARG A NE  1 
ATOM   131 N NE  B ARG A 1 18 ? -8.422  2.152   -2.802  0.50 17.88  ? 47   ARG A NE  1 
ATOM   132 C CZ  A ARG A 1 18 ? -5.312  2.782   -0.942  0.50 15.47  ? 47   ARG A CZ  1 
ATOM   133 C CZ  B ARG A 1 18 ? -8.586  3.438   -3.120  0.50 21.35  ? 47   ARG A CZ  1 
ATOM   134 N NH1 A ARG A 1 18 ? -4.573  2.253   0.030   0.50 13.61  ? 47   ARG A NH1 1 
ATOM   135 N NH1 B ARG A 1 18 ? -7.555  4.286   -3.125  0.50 24.85  ? 47   ARG A NH1 1 
ATOM   136 N NH2 A ARG A 1 18 ? -4.930  3.878   -1.581  0.50 13.40  ? 47   ARG A NH2 1 
ATOM   137 N NH2 B ARG A 1 18 ? -9.796  3.888   -3.440  0.50 23.18  ? 47   ARG A NH2 1 
ATOM   138 N N   . TYR A 1 19 ? -4.563  -1.900  -4.866  1.00 9.33   ? 48   TYR A N   1 
ATOM   139 C CA  . TYR A 1 19 ? -4.592  -2.135  -6.309  1.00 9.00   ? 48   TYR A CA  1 
ATOM   140 C C   . TYR A 1 19 ? -4.756  -3.644  -6.593  1.00 8.40   ? 48   TYR A C   1 
ATOM   141 O O   . TYR A 1 19 ? -5.553  -4.055  -7.395  1.00 8.75   ? 48   TYR A O   1 
ATOM   142 C CB  . TYR A 1 19 ? -3.303  -1.570  -6.969  1.00 21.29  ? 48   TYR A CB  1 
ATOM   143 C CG  . TYR A 1 19 ? -3.495  -1.372  -8.482  1.00 21.33  ? 48   TYR A CG  1 
ATOM   144 C CD1 . TYR A 1 19 ? -3.239  -2.403  -9.384  1.00 21.35  ? 48   TYR A CD1 1 
ATOM   145 C CD2 . TYR A 1 19 ? -3.967  -0.144  -8.985  1.00 21.38  ? 48   TYR A CD2 1 
ATOM   146 C CE1 . TYR A 1 19 ? -3.434  -2.232  -10.736 1.00 21.40  ? 48   TYR A CE1 1 
ATOM   147 C CE2 . TYR A 1 19 ? -4.134  0.053   -10.344 1.00 21.45  ? 48   TYR A CE2 1 
ATOM   148 C CZ  . TYR A 1 19 ? -3.884  -1.012  -11.205 1.00 21.45  ? 48   TYR A CZ  1 
ATOM   149 O OH  . TYR A 1 19 ? -4.058  -0.752  -12.550 1.00 21.55  ? 48   TYR A OH  1 
ATOM   150 N N   . LEU A 1 20 ? -4.014  -4.467  -5.867  1.00 8.32   ? 49   LEU A N   1 
ATOM   151 C CA  . LEU A 1 20 ? -4.160  -5.918  -6.033  1.00 9.06   ? 49   LEU A CA  1 
ATOM   152 C C   . LEU A 1 20 ? -5.608  -6.368  -5.742  1.00 9.03   ? 49   LEU A C   1 
ATOM   153 O O   . LEU A 1 20 ? -6.160  -7.167  -6.491  1.00 9.16   ? 49   LEU A O   1 
ATOM   154 C CB  . LEU A 1 20 ? -3.182  -6.669  -5.130  1.00 21.61  ? 49   LEU A CB  1 
ATOM   155 C CG  . LEU A 1 20 ? -1.704  -6.702  -5.549  1.00 21.62  ? 49   LEU A CG  1 
ATOM   156 C CD1 . LEU A 1 20 ? -0.876  -7.485  -4.478  1.00 21.78  ? 49   LEU A CD1 1 
ATOM   157 C CD2 . LEU A 1 20 ? -1.531  -7.379  -6.936  1.00 21.66  ? 49   LEU A CD2 1 
ATOM   158 N N   . LYS A 1 21 ? -6.145  -5.862  -4.625  1.00 9.22   ? 50   LYS A N   1 
ATOM   159 C CA  . LYS A 1 21 ? -7.483  -6.222  -4.209  1.00 10.48  ? 50   LYS A CA  1 
ATOM   160 C C   . LYS A 1 21 ? -8.492  -5.828  -5.259  1.00 11.61  ? 50   LYS A C   1 
ATOM   161 O O   . LYS A 1 21 ? -9.427  -6.605  -5.578  1.00 12.49  ? 50   LYS A O   1 
ATOM   162 C CB  . LYS A 1 21 ? -7.865  -5.537  -2.884  1.00 11.67  ? 50   LYS A CB  1 
ATOM   163 C CG  . LYS A 1 21 ? -9.431  -5.647  -2.599  1.00 14.51  ? 50   LYS A CG  1 
ATOM   164 C CD  . LYS A 1 21 ? -9.813  -5.198  -1.248  1.00 14.15  ? 50   LYS A CD  1 
ATOM   165 C CE  . LYS A 1 21 ? -9.570  -3.734  -1.053  1.00 10.81  ? 50   LYS A CE  1 
ATOM   166 N NZ  . LYS A 1 21 ? -10.578 -2.817  -1.708  1.00 10.68  ? 50   LYS A NZ  1 
ATOM   167 N N   . ASN A 1 22 ? -8.383  -4.617  -5.785  1.00 10.25  ? 51   ASN A N   1 
ATOM   168 C CA  . ASN A 1 22 ? -9.389  -4.062  -6.641  1.00 11.20  ? 51   ASN A CA  1 
ATOM   169 C C   . ASN A 1 22 ? -9.243  -4.470  -8.099  1.00 11.55  ? 51   ASN A C   1 
ATOM   170 O O   . ASN A 1 22 ? -10.253 -4.669  -8.784  1.00 14.17  ? 51   ASN A O   1 
ATOM   171 C CB  . ASN A 1 22 ? -9.398  -2.525  -6.537  1.00 11.17  ? 51   ASN A CB  1 
ATOM   172 C CG  . ASN A 1 22 ? -9.978  -2.019  -5.218  1.00 10.37  ? 51   ASN A CG  1 
ATOM   173 O OD1 . ASN A 1 22 ? -10.553 -2.788  -4.457  1.00 10.82  ? 51   ASN A OD1 1 
ATOM   174 N ND2 . ASN A 1 22 ? -9.801  -0.720  -4.936  1.00 12.10  ? 51   ASN A ND2 1 
ATOM   175 N N   . LYS A 1 23 ? -8.014  -4.611  -8.587  1.00 10.58  ? 52   LYS A N   1 
ATOM   176 C CA  . LYS A 1 23 ? -7.758  -4.721  -10.000 1.00 11.04  ? 52   LYS A CA  1 
ATOM   177 C C   . LYS A 1 23 ? -7.092  -6.033  -10.393 1.00 10.09  ? 52   LYS A C   1 
ATOM   178 O O   . LYS A 1 23 ? -6.981  -6.283  -11.608 1.00 10.74  ? 52   LYS A O   1 
ATOM   179 C CB  . LYS A 1 23 ? -6.865  -3.574  -10.442 1.00 12.26  ? 52   LYS A CB  1 
ATOM   180 C CG  . LYS A 1 23 ? -7.318  -2.114  -10.129 1.00 17.11  ? 52   LYS A CG  1 
ATOM   181 C CD  . LYS A 1 23 ? -7.874  -1.372  -11.342 1.00 19.21  ? 52   LYS A CD  1 
ATOM   182 C CE  . LYS A 1 23 ? -8.375  0.050   -10.978 1.00 22.61  ? 52   LYS A CE  1 
ATOM   183 N NZ  . LYS A 1 23 ? -8.616  0.795   -12.246 1.00 26.22  ? 52   LYS A NZ  1 
ATOM   184 N N   . CYS A 1 24 ? -6.661  -6.835  -9.426  1.00 9.42   ? 53   CYS A N   1 
ATOM   185 C CA  . CYS A 1 24 ? -5.888  -8.059  -9.725  1.00 10.02  ? 53   CYS A CA  1 
ATOM   186 C C   . CYS A 1 24 ? -6.542  -9.271  -9.077  1.00 10.67  ? 53   CYS A C   1 
ATOM   187 O O   . CYS A 1 24 ? -5.884  -10.291 -8.886  1.00 11.58  ? 53   CYS A O   1 
ATOM   188 C CB  . CYS A 1 24 ? -4.423  -7.924  -9.297  1.00 10.12  ? 53   CYS A CB  1 
ATOM   189 S SG  . CYS A 1 24 ? -3.588  -6.495  -10.009 1.00 10.05  ? 53   CYS A SG  1 
ATOM   190 N N   . ASN A 1 25 ? -7.832  -9.159  -8.771  1.00 10.05  ? 54   ASN A N   1 
ATOM   191 C CA  . ASN A 1 25 ? -8.640  -10.310 -8.289  1.00 11.27  ? 54   ASN A CA  1 
ATOM   192 C C   . ASN A 1 25 ? -8.148  -10.869 -6.952  1.00 10.47  ? 54   ASN A C   1 
ATOM   193 O O   . ASN A 1 25 ? -8.471  -12.033 -6.628  1.00 11.71  ? 54   ASN A O   1 
ATOM   194 C CB  . ASN A 1 25 ? -8.843  -11.374 -9.377  1.00 12.85  ? 54   ASN A CB  1 
ATOM   195 C CG  . ASN A 1 25 ? -9.499  -10.786 -10.650 1.00 12.71  ? 54   ASN A CG  1 
ATOM   196 O OD1 . ASN A 1 25 ? -8.930  -10.890 -11.727 1.00 19.32  ? 54   ASN A OD1 1 
ATOM   197 N ND2 . ASN A 1 25 ? -10.642 -10.116 -10.514 1.00 14.43  ? 54   ASN A ND2 1 
ATOM   198 N N   . ARG A 1 26 ? -7.439  -10.058 -6.151  1.00 10.40  ? 55   ARG A N   1 
ATOM   199 C CA  . ARG A 1 26 ? -6.986  -10.503 -4.813  1.00 10.55  ? 55   ARG A CA  1 
ATOM   200 C C   . ARG A 1 26 ? -8.085  -10.305 -3.777  1.00 11.10  ? 55   ARG A C   1 
ATOM   201 O O   . ARG A 1 26 ? -7.952  -9.509  -2.822  1.00 11.99  ? 55   ARG A O   1 
ATOM   202 C CB  . ARG A 1 26 ? -5.659  -9.837  -4.423  1.00 10.79  ? 55   ARG A CB  1 
ATOM   203 C CG  . ARG A 1 26 ? -4.462  -10.296 -5.245  1.00 10.02  ? 55   ARG A CG  1 
ATOM   204 C CD  . ARG A 1 26 ? -4.085  -11.753 -5.017  1.00 11.47  ? 55   ARG A CD  1 
ATOM   205 N NE  . ARG A 1 26 ? -3.830  -12.084 -3.606  1.00 12.23  ? 55   ARG A NE  1 
ATOM   206 C CZ  . ARG A 1 26 ? -2.638  -12.135 -3.031  1.00 12.02  ? 55   ARG A CZ  1 
ATOM   207 N NH1 . ARG A 1 26 ? -1.520  -11.792 -3.688  1.00 13.26  ? 55   ARG A NH1 1 
ATOM   208 N NH2 . ARG A 1 26 ? -2.611  -12.515 -1.743  1.00 13.70  ? 55   ARG A NH2 1 
ATOM   209 N N   . SER A 1 27 ? -9.154  -11.074 -3.944  1.00 12.08  ? 56   SER A N   1 
ATOM   210 C CA  . SER A 1 27 ? -10.332 -11.011 -3.069  1.00 13.66  ? 56   SER A CA  1 
ATOM   211 C C   . SER A 1 27 ? -10.087 -11.611 -1.683  1.00 13.78  ? 56   SER A C   1 
ATOM   212 O O   . SER A 1 27 ? -10.980 -11.496 -0.832  1.00 14.77  ? 56   SER A O   1 
ATOM   213 C CB  . SER A 1 27 ? -11.534 -11.677 -3.759  1.00 15.54  ? 56   SER A CB  1 
ATOM   214 O OG  . SER A 1 27 ? -11.234 -13.013 -3.889  1.00 17.98  ? 56   SER A OG  1 
ATOM   215 N N   . ASP A 1 28 ? -8.928  -12.221 -1.476  1.00 12.94  ? 57   ASP A N   1 
ATOM   216 C CA  . ASP A 1 28 ? -8.466  -12.653 -0.150  1.00 13.47  ? 57   ASP A CA  1 
ATOM   217 C C   . ASP A 1 28 ? -7.941  -11.504 0.702   1.00 13.28  ? 57   ASP A C   1 
ATOM   218 O O   . ASP A 1 28 ? -7.715  -11.695 1.899   1.00 14.83  ? 57   ASP A O   1 
ATOM   219 C CB  . ASP A 1 28 ? -7.347  -13.711 -0.278  1.00 14.21  ? 57   ASP A CB  1 
ATOM   220 C CG  . ASP A 1 28 ? -6.144  -13.248 -1.103  1.00 13.43  ? 57   ASP A CG  1 
ATOM   221 O OD1 . ASP A 1 28 ? -6.319  -12.702 -2.200  1.00 12.76  ? 57   ASP A OD1 1 
ATOM   222 O OD2 . ASP A 1 28 ? -5.020  -13.489 -0.666  1.00 15.08  ? 57   ASP A OD2 1 
ATOM   223 N N   . LEU A 1 29 ? -7.705  -10.329 0.119   1.00 12.52  ? 58   LEU A N   1 
ATOM   224 C CA  . LEU A 1 29 ? -7.230  -9.182  0.900   1.00 12.08  ? 58   LEU A CA  1 
ATOM   225 C C   . LEU A 1 29 ? -8.414  -8.486  1.559   1.00 12.57  ? 58   LEU A C   1 
ATOM   226 O O   . LEU A 1 29 ? -9.541  -8.512  1.081   1.00 14.10  ? 58   LEU A O   1 
ATOM   227 C CB  . LEU A 1 29 ? -6.445  -8.230  -0.007  1.00 12.09  ? 58   LEU A CB  1 
ATOM   228 C CG  . LEU A 1 29 ? -5.175  -8.829  -0.606  1.00 14.37  ? 58   LEU A CG  1 
ATOM   229 C CD1 . LEU A 1 29 ? -4.478  -7.868  -1.587  1.00 14.14  ? 58   LEU A CD1 1 
ATOM   230 C CD2 . LEU A 1 29 ? -4.212  -9.302  0.488   1.00 16.76  ? 58   LEU A CD2 1 
ATOM   231 N N   . PRO A 1 30 ? -8.147  -7.816  2.678   1.00 13.82  ? 59   PRO A N   1 
ATOM   232 C CA  . PRO A 1 30 ? -9.258  -7.198  3.406   1.00 14.41  ? 59   PRO A CA  1 
ATOM   233 C C   . PRO A 1 30 ? -9.564  -5.809  2.860   1.00 12.24  ? 59   PRO A C   1 
ATOM   234 O O   . PRO A 1 30 ? -8.938  -5.338  1.902   1.00 11.78  ? 59   PRO A O   1 
ATOM   235 C CB  . PRO A 1 30 ? -8.759  -7.185  4.852   1.00 16.06  ? 59   PRO A CB  1 
ATOM   236 C CG  . PRO A 1 30 ? -7.320  -6.867  4.675   1.00 14.14  ? 59   PRO A CG  1 
ATOM   237 C CD  . PRO A 1 30 ? -6.888  -7.719  3.404   1.00 14.39  ? 59   PRO A CD  1 
ATOM   238 N N   . ALA A 1 31 ? -10.535 -5.174  3.477   1.00 12.26  ? 60   ALA A N   1 
ATOM   239 C CA  . ALA A 1 31 ? -11.016 -3.891  3.010   1.00 12.35  ? 60   ALA A CA  1 
ATOM   240 C C   . ALA A 1 31 ? -9.962  -2.799  3.164   1.00 10.74  ? 60   ALA A C   1 
ATOM   241 O O   . ALA A 1 31 ? -9.006  -2.953  3.932   1.00 10.81  ? 60   ALA A O   1 
ATOM   242 C CB  . ALA A 1 31 ? -12.292 -3.538  3.784   1.00 13.81  ? 60   ALA A CB  1 
ATOM   243 N N   . ASP A 1 32 ? -10.142 -1.695  2.444   1.00 10.35  ? 61   ASP A N   1 
ATOM   244 C CA  . ASP A 1 32 ? -9.162  -0.595  2.463   1.00 10.52  ? 61   ASP A CA  1 
ATOM   245 C C   . ASP A 1 32 ? -8.767  -0.158  3.870   1.00 10.33  ? 61   ASP A C   1 
ATOM   246 O O   . ASP A 1 32 ? -7.589  0.075   4.144   1.00 10.44  ? 61   ASP A O   1 
ATOM   247 C CB  . ASP A 1 32 ? -9.684  0.630   1.700   1.00 11.08  ? 61   ASP A CB  1 
ATOM   248 C CG  . ASP A 1 32 ? -9.863  0.369   0.239   1.00 12.08  ? 61   ASP A CG  1 
ATOM   249 O OD1 . ASP A 1 32 ? -9.466  -0.709  -0.270  1.00 11.21  ? 61   ASP A OD1 1 
ATOM   250 O OD2 . ASP A 1 32 ? -10.415 1.279   -0.459  1.00 13.32  ? 61   ASP A OD2 1 
ATOM   251 N N   . GLU A 1 33 ? -9.733  -0.035  4.778   1.00 10.45  ? 62   GLU A N   1 
ATOM   252 C CA  . GLU A 1 33 ? -9.418  0.452   6.140   1.00 11.42  ? 62   GLU A CA  1 
ATOM   253 C C   . GLU A 1 33 ? -8.520  -0.529  6.870   1.00 11.30  ? 62   GLU A C   1 
ATOM   254 O O   . GLU A 1 33 ? -7.650  -0.132  7.614   1.00 11.50  ? 62   GLU A O   1 
ATOM   255 C CB  . GLU A 1 33 ? -10.696 0.761   6.931   1.00 22.66  ? 62   GLU A CB  1 
ATOM   256 C CG  . GLU A 1 33 ? -11.532 -0.473  7.331   1.00 22.97  ? 62   GLU A CG  1 
ATOM   257 C CD  . GLU A 1 33 ? -11.039 -1.161  8.606   1.00 23.07  ? 62   GLU A CD  1 
ATOM   258 O OE1 . GLU A 1 33 ? -10.283 -0.562  9.342   1.00 22.94  ? 62   GLU A OE1 1 
ATOM   259 O OE2 . GLU A 1 33 ? -11.441 -2.275  8.855   1.00 23.31  ? 62   GLU A OE2 1 
ATOM   260 N N   . ALA A 1 34 ? -8.735  -1.809  6.622   1.00 10.80  ? 63   ALA A N   1 
ATOM   261 C CA  . ALA A 1 34 ? -7.907  -2.860  7.243   1.00 11.00  ? 63   ALA A CA  1 
ATOM   262 C C   . ALA A 1 34 ? -6.511  -2.912  6.631   1.00 9.82   ? 63   ALA A C   1 
ATOM   263 O O   . ALA A 1 34 ? -5.531  -3.184  7.338   1.00 10.78  ? 63   ALA A O   1 
ATOM   264 C CB  . ALA A 1 34 ? -8.599  -4.222  7.148   1.00 11.20  ? 63   ALA A CB  1 
ATOM   265 N N   . ILE A 1 35 ? -6.404  -2.639  5.335   1.00 10.02  ? 64   ILE A N   1 
ATOM   266 C CA  . ILE A 1 35 ? -5.093  -2.542  4.674   1.00 10.83  ? 64   ILE A CA  1 
ATOM   267 C C   . ILE A 1 35 ? -4.322  -1.382  5.316   1.00 10.77  ? 64   ILE A C   1 
ATOM   268 O O   . ILE A 1 35 ? -3.112  -1.503  5.616   1.00 11.14  ? 64   ILE A O   1 
ATOM   269 C CB  . ILE A 1 35 ? -5.260  -2.377  3.140   1.00 10.71  ? 64   ILE A CB  1 
ATOM   270 C CG1 . ILE A 1 35 ? -5.773  -3.677  2.531   1.00 11.55  ? 64   ILE A CG1 1 
ATOM   271 C CG2 . ILE A 1 35 ? -3.894  -1.961  2.522   1.00 11.35  ? 64   ILE A CG2 1 
ATOM   272 C CD1 . ILE A 1 35 ? -6.133  -3.571  1.035   1.00 12.36  ? 64   ILE A CD1 1 
ATOM   273 N N   . ASN A 1 36 ? -5.000  -0.257  5.536   1.00 11.67  ? 65   ASN A N   1 
ATOM   274 C CA  . ASN A 1 36 ? -4.379  0.917   6.176   1.00 11.77  ? 65   ASN A CA  1 
ATOM   275 C C   . ASN A 1 36 ? -3.881  0.535   7.575   1.00 11.87  ? 65   ASN A C   1 
ATOM   276 O O   . ASN A 1 36 ? -2.711  0.823   7.929   1.00 12.23  ? 65   ASN A O   1 
ATOM   277 C CB  . ASN A 1 36 ? -5.410  2.067   6.181   1.00 12.47  ? 65   ASN A CB  1 
ATOM   278 C CG  . ASN A 1 36 ? -4.918  3.337   6.934   1.00 17.81  ? 65   ASN A CG  1 
ATOM   279 O OD1 . ASN A 1 36 ? -4.832  3.373   8.186   1.00 20.70  ? 65   ASN A OD1 1 
ATOM   280 N ND2 . ASN A 1 36 ? -4.588  4.368   6.179   1.00 21.43  ? 65   ASN A ND2 1 
ATOM   281 N N   . ARG A 1 37 ? -4.720  -0.132  8.375   1.00 12.00  ? 66   ARG A N   1 
ATOM   282 C CA  . ARG A 1 37 ? -4.309  -0.585  9.710   1.00 12.97  ? 66   ARG A CA  1 
ATOM   283 C C   . ARG A 1 37 ? -3.110  -1.515  9.646   1.00 12.65  ? 66   ARG A C   1 
ATOM   284 O O   . ARG A 1 37 ? -2.193  -1.419  10.492  1.00 13.08  ? 66   ARG A O   1 
ATOM   285 C CB  . ARG A 1 37 ? -5.464  -1.244  10.475  1.00 14.02  ? 66   ARG A CB  1 
ATOM   286 C CG  . ARG A 1 37 ? -6.551  -0.280  10.938  1.00 17.74  ? 66   ARG A CG  1 
ATOM   287 C CD  . ARG A 1 37 ? -7.559  -0.944  11.869  1.00 19.66  ? 66   ARG A CD  1 
ATOM   288 N NE  . ARG A 1 37 ? -8.519  -1.792  11.168  1.00 18.43  ? 66   ARG A NE  1 
ATOM   289 C CZ  . ARG A 1 37 ? -8.608  -3.108  11.274  1.00 21.49  ? 66   ARG A CZ  1 
ATOM   290 N NH1 . ARG A 1 37 ? -7.803  -3.788  12.096  1.00 25.91  ? 66   ARG A NH1 1 
ATOM   291 N NH2 . ARG A 1 37 ? -9.551  -3.747  10.596  1.00 21.67  ? 66   ARG A NH2 1 
ATOM   292 N N   . ALA A 1 38 ? -3.109  -2.416  8.681   1.00 12.38  ? 67   ALA A N   1 
ATOM   293 C CA  . ALA A 1 38 ? -1.984  -3.352  8.542   1.00 12.72  ? 67   ALA A CA  1 
ATOM   294 C C   . ALA A 1 38 ? -0.689  -2.624  8.213   1.00 12.02  ? 67   ALA A C   1 
ATOM   295 O O   . ALA A 1 38 ? 0.386   -3.011  8.728   1.00 12.66  ? 67   ALA A O   1 
ATOM   296 C CB  . ALA A 1 38 ? -2.289  -4.411  7.487   1.00 13.47  ? 67   ALA A CB  1 
ATOM   297 N N   . ALA A 1 39 ? -0.752  -1.596  7.368   1.00 11.34  ? 68   ALA A N   1 
ATOM   298 C CA  . ALA A 1 39 ? 0.440   -0.809  7.066   1.00 11.60  ? 68   ALA A CA  1 
ATOM   299 C C   . ALA A 1 39 ? 0.915   -0.053  8.298   1.00 12.48  ? 68   ALA A C   1 
ATOM   300 O O   . ALA A 1 39 ? 2.130   -0.038  8.593   1.00 13.17  ? 68   ALA A O   1 
ATOM   301 C CB  . ALA A 1 39 ? 0.145   0.116   5.907   1.00 11.96  ? 68   ALA A CB  1 
ATOM   302 N N   . ILE A 1 40 ? 0.014   0.564   9.064   1.00 12.66  ? 69   ILE A N   1 
ATOM   303 C CA  A ILE A 1 40 ? 0.378   1.166   10.362  0.50 14.39  ? 69   ILE A CA  1 
ATOM   304 C CA  B ILE A 1 40 ? 0.381   1.179   10.356  0.50 14.28  ? 69   ILE A CA  1 
ATOM   305 C C   . ILE A 1 40 ? 1.064   0.137   11.256  1.00 15.20  ? 69   ILE A C   1 
ATOM   306 O O   . ILE A 1 40 ? 2.081   0.460   11.914  1.00 15.13  ? 69   ILE A O   1 
ATOM   307 C CB  A ILE A 1 40 ? -0.877  1.721   11.075  0.50 13.94  ? 69   ILE A CB  1 
ATOM   308 C CB  B ILE A 1 40 ? -0.866  1.834   11.036  0.50 13.66  ? 69   ILE A CB  1 
ATOM   309 C CG1 A ILE A 1 40 ? -1.373  2.961   10.357  0.50 14.63  ? 69   ILE A CG1 1 
ATOM   310 C CG1 B ILE A 1 40 ? -1.360  2.989   10.188  0.50 14.49  ? 69   ILE A CG1 1 
ATOM   311 C CG2 A ILE A 1 40 ? -0.623  2.017   12.570  0.50 15.77  ? 69   ILE A CG2 1 
ATOM   312 C CG2 B ILE A 1 40 ? -0.555  2.397   12.429  0.50 15.29  ? 69   ILE A CG2 1 
ATOM   313 C CD1 A ILE A 1 40 ? -2.706  3.375   10.841  0.50 14.84  ? 69   ILE A CD1 1 
ATOM   314 C CD1 B ILE A 1 40 ? -0.522  4.213   10.362  0.50 14.71  ? 69   ILE A CD1 1 
ATOM   315 N N   . ASN A 1 41 ? 0.553   -1.090  11.308  1.00 14.80  ? 70   ASN A N   1 
ATOM   316 C CA  . ASN A 1 41 ? 1.134   -2.134  12.158  1.00 16.30  ? 70   ASN A CA  1 
ATOM   317 C C   . ASN A 1 41 ? 2.541   -2.515  11.732  1.00 15.75  ? 70   ASN A C   1 
ATOM   318 O O   . ASN A 1 41 ? 3.400   -2.802  12.618  1.00 15.70  ? 70   ASN A O   1 
ATOM   319 C CB  . ASN A 1 41 ? 0.227   -3.357  12.201  1.00 17.22  ? 70   ASN A CB  1 
ATOM   320 C CG  . ASN A 1 41 ? -1.036  -3.106  12.970  1.00 21.57  ? 70   ASN A CG  1 
ATOM   321 O OD1 . ASN A 1 41 ? -1.153  -2.135  13.722  1.00 25.07  ? 70   ASN A OD1 1 
ATOM   322 N ND2 . ASN A 1 41 ? -2.014  -3.996  12.788  1.00 23.90  ? 70   ASN A ND2 1 
ATOM   323 N N   . VAL A 1 42 ? 2.830   -2.503  10.434  1.00 15.70  ? 71   VAL A N   1 
ATOM   324 C CA  . VAL A 1 42 ? 4.213   -2.720  9.952   1.00 16.88  ? 71   VAL A CA  1 
ATOM   325 C C   . VAL A 1 42 ? 5.123   -1.671  10.549  1.00 15.77  ? 71   VAL A C   1 
ATOM   326 O O   . VAL A 1 42 ? 6.190   -2.002  11.107  1.00 16.54  ? 71   VAL A O   1 
ATOM   327 C CB  . VAL A 1 42 ? 4.297   -2.671  8.405   1.00 17.84  ? 71   VAL A CB  1 
ATOM   328 C CG1 . VAL A 1 42 ? 5.780   -2.558  7.919   1.00 18.96  ? 71   VAL A CG1 1 
ATOM   329 C CG2 . VAL A 1 42 ? 3.579   -3.862  7.801   1.00 21.33  ? 71   VAL A CG2 1 
ATOM   330 N N   . GLY A 1 43 ? 4.709   -0.427  10.489  1.00 15.14  ? 72   GLY A N   1 
ATOM   331 C CA  . GLY A 1 43 ? 5.478   0.638   11.074  1.00 16.18  ? 72   GLY A CA  1 
ATOM   332 C C   . GLY A 1 43 ? 5.671   0.450   12.589  1.00 15.70  ? 72   GLY A C   1 
ATOM   333 O O   . GLY A 1 43 ? 6.791   0.585   13.121  1.00 16.46  ? 72   GLY A O   1 
ATOM   334 N N   . LYS A 1 44 ? 4.607   0.117   13.313  1.00 16.43  ? 73   LYS A N   1 
ATOM   335 C CA  . LYS A 1 44 ? 4.714   -0.066  14.760  1.00 17.65  ? 73   LYS A CA  1 
ATOM   336 C C   . LYS A 1 44 ? 5.708   -1.161  15.116  1.00 17.87  ? 73   LYS A C   1 
ATOM   337 O O   . LYS A 1 44 ? 6.516   -1.004  16.084  1.00 17.78  ? 73   LYS A O   1 
ATOM   338 C CB  . LYS A 1 44 ? 3.346   -0.350  15.371  1.00 18.84  ? 73   LYS A CB  1 
ATOM   339 C CG  . LYS A 1 44 ? 2.446   0.868   15.447  1.00 23.28  ? 73   LYS A CG  1 
ATOM   340 C CD  . LYS A 1 44 ? 1.038   0.476   15.899  1.00 27.52  ? 73   LYS A CD  1 
ATOM   341 C CE  . LYS A 1 44 ? 0.197   1.690   16.237  1.00 30.62  ? 73   LYS A CE  1 
ATOM   342 N NZ  . LYS A 1 44 ? -1.135  1.260   16.764  1.00 34.27  ? 73   LYS A NZ  1 
ATOM   343 N N   . LYS A 1 45 ? 5.695   -2.246  14.359  1.00 17.28  ? 74   LYS A N   1 
ATOM   344 C CA  . LYS A 1 45 ? 6.605   -3.362  14.606  1.00 19.59  ? 74   LYS A CA  1 
ATOM   345 C C   . LYS A 1 45 ? 8.068   -2.959  14.430  1.00 19.25  ? 74   LYS A C   1 
ATOM   346 O O   . LYS A 1 45 ? 8.939   -3.486  15.130  1.00 19.51  ? 74   LYS A O   1 
ATOM   347 C CB  . LYS A 1 45 ? 6.289   -4.504  13.653  1.00 21.12  ? 74   LYS A CB  1 
ATOM   348 C CG  . LYS A 1 45 ? 5.067   -5.346  14.016  1.00 26.05  ? 74   LYS A CG  1 
ATOM   349 C CD  . LYS A 1 45 ? 4.848   -6.467  12.990  1.00 32.20  ? 74   LYS A CD  1 
ATOM   350 C CE  . LYS A 1 45 ? 3.591   -7.296  13.293  1.00 36.25  ? 74   LYS A CE  1 
ATOM   351 N NZ  . LYS A 1 45 ? 3.232   -8.270  12.200  1.00 37.20  ? 74   LYS A NZ  1 
ATOM   352 N N   . ARG A 1 46 ? 8.326   -2.021  13.525  1.00 18.76  ? 75   ARG A N   1 
ATOM   353 C CA  . ARG A 1 46 ? 9.678   -1.515  13.268  1.00 19.34  ? 75   ARG A CA  1 
ATOM   354 C C   . ARG A 1 46 ? 10.098  -0.486  14.316  1.00 19.00  ? 75   ARG A C   1 
ATOM   355 O O   . ARG A 1 46 ? 11.249  -0.058  14.329  1.00 19.62  ? 75   ARG A O   1 
ATOM   356 C CB  . ARG A 1 46 ? 9.748   -0.929  11.857  1.00 20.08  ? 75   ARG A CB  1 
ATOM   357 C CG  . ARG A 1 46 ? 9.695   -2.011  10.814  1.00 22.26  ? 75   ARG A CG  1 
ATOM   358 C CD  . ARG A 1 46 ? 9.794   -1.501  9.405   1.00 28.56  ? 75   ARG A CD  1 
ATOM   359 N NE  . ARG A 1 46 ? 9.676   -2.603  8.442   1.00 35.64  ? 75   ARG A NE  1 
ATOM   360 C CZ  . ARG A 1 46 ? 9.510   -2.456  7.126   1.00 39.06  ? 75   ARG A CZ  1 
ATOM   361 N NH1 . ARG A 1 46 ? 9.438   -1.246  6.574   1.00 40.42  ? 75   ARG A NH1 1 
ATOM   362 N NH2 . ARG A 1 46 ? 9.419   -3.533  6.354   1.00 39.74  ? 75   ARG A NH2 1 
ATOM   363 N N   . GLY A 1 47 ? 9.168   -0.060  15.166  1.00 17.36  ? 76   GLY A N   1 
ATOM   364 C CA  . GLY A 1 47 ? 9.454   0.913   16.231  1.00 19.40  ? 76   GLY A CA  1 
ATOM   365 C C   . GLY A 1 47 ? 9.348   2.320   15.710  1.00 19.96  ? 76   GLY A C   1 
ATOM   366 O O   . GLY A 1 47 ? 9.826   3.269   16.345  1.00 21.81  ? 76   GLY A O   1 
ATOM   367 N N   . TRP A 1 48 ? 8.729   2.487   14.539  1.00 20.02  ? 77   TRP A N   1 
ATOM   368 C CA  . TRP A 1 48 ? 8.635   3.802   13.937  1.00 21.66  ? 77   TRP A CA  1 
ATOM   369 C C   . TRP A 1 48 ? 7.731   4.710   14.740  1.00 24.25  ? 77   TRP A C   1 
ATOM   370 O O   . TRP A 1 48 ? 6.822   4.228   15.405  1.00 25.46  ? 77   TRP A O   1 
ATOM   371 C CB  . TRP A 1 48 ? 8.137   3.663   12.498  1.00 19.49  ? 77   TRP A CB  1 
ATOM   372 C CG  . TRP A 1 48 ? 9.193   3.092   11.591  1.00 17.97  ? 77   TRP A CG  1 
ATOM   373 C CD1 . TRP A 1 48 ? 10.536  2.839   11.908  1.00 18.38  ? 77   TRP A CD1 1 
ATOM   374 C CD2 . TRP A 1 48 ? 9.057   2.793   10.218  1.00 17.08  ? 77   TRP A CD2 1 
ATOM   375 N NE1 . TRP A 1 48 ? 11.189  2.348   10.812  1.00 18.65  ? 77   TRP A NE1 1 
ATOM   376 C CE2 . TRP A 1 48 ? 10.325  2.336   9.749   1.00 18.32  ? 77   TRP A CE2 1 
ATOM   377 C CE3 . TRP A 1 48 ? 7.990   2.863   9.321   1.00 15.66  ? 77   TRP A CE3 1 
ATOM   378 C CZ2 . TRP A 1 48 ? 10.538  1.955   8.429   1.00 18.62  ? 77   TRP A CZ2 1 
ATOM   379 C CZ3 . TRP A 1 48 ? 8.215   2.491   8.016   1.00 15.34  ? 77   TRP A CZ3 1 
ATOM   380 C CH2 . TRP A 1 48 ? 9.465   2.046   7.579   1.00 18.77  ? 77   TRP A CH2 1 
ATOM   381 N N   . ALA A 1 49 ? 8.004   6.018   14.692  1.00 26.39  ? 78   ALA A N   1 
ATOM   382 C CA  . ALA A 1 49 ? 7.129   7.032   15.296  1.00 27.93  ? 78   ALA A CA  1 
ATOM   383 C C   . ALA A 1 49 ? 5.715   6.847   14.764  1.00 28.47  ? 78   ALA A C   1 
ATOM   384 O O   . ALA A 1 49 ? 5.523   6.423   13.602  1.00 28.99  ? 78   ALA A O   1 
ATOM   385 C CB  . ALA A 1 49 ? 7.645   8.458   14.993  1.00 28.68  ? 78   ALA A CB  1 
ATOM   386 N N   . ASN A 1 50 ? 4.740   7.113   15.624  1.00 29.32  ? 79   ASN A N   1 
ATOM   387 C CA  . ASN A 1 50 ? 3.358   7.006   15.243  1.00 30.58  ? 79   ASN A CA  1 
ATOM   388 C C   . ASN A 1 50 ? 3.087   7.770   13.945  1.00 29.20  ? 79   ASN A C   1 
ATOM   389 O O   . ASN A 1 50 ? 3.391   8.960   13.797  1.00 29.55  ? 79   ASN A O   1 
ATOM   390 C CB  . ASN A 1 50 ? 2.421   7.443   16.368  1.00 31.83  ? 79   ASN A CB  1 
ATOM   391 C CG  . ASN A 1 50 ? 1.979   6.276   17.241  1.00 34.91  ? 79   ASN A CG  1 
ATOM   392 O OD1 . ASN A 1 50 ? 0.785   5.968   17.325  1.00 39.76  ? 79   ASN A OD1 1 
ATOM   393 N ND2 . ASN A 1 50 ? 2.936   5.621   17.896  1.00 38.30  ? 79   ASN A ND2 1 
ATOM   394 N N   . ILE A 1 51 ? 2.594   7.012   12.986  1.00 27.73  ? 80   ILE A N   1 
ATOM   395 C CA  . ILE A 1 51 ? 2.241   7.511   11.678  1.00 25.71  ? 80   ILE A CA  1 
ATOM   396 C C   . ILE A 1 51 ? 0.739   7.793   11.745  1.00 21.78  ? 80   ILE A C   1 
ATOM   397 O O   . ILE A 1 51 ? -0.054  6.939   12.111  1.00 22.42  ? 80   ILE A O   1 
ATOM   398 C CB  . ILE A 1 51 ? 2.571   6.468   10.549  1.00 26.58  ? 80   ILE A CB  1 
ATOM   399 C CG1 . ILE A 1 51 ? 4.038   5.973   10.618  1.00 28.84  ? 80   ILE A CG1 1 
ATOM   400 C CG2 . ILE A 1 51 ? 2.230   7.044   9.171   1.00 26.95  ? 80   ILE A CG2 1 
ATOM   401 C CD1 . ILE A 1 51 ? 5.023   6.734   9.737   1.00 31.96  ? 80   ILE A CD1 1 
ATOM   402 N N   . ASP A 1 52 ? 0.354   8.998   11.377  1.00 18.27  ? 81   ASP A N   1 
ATOM   403 C CA  . ASP A 1 52 ? -1.056  9.350   11.339  1.00 15.42  ? 81   ASP A CA  1 
ATOM   404 C C   . ASP A 1 52 ? -1.801  8.578   10.220  1.00 13.15  ? 81   ASP A C   1 
ATOM   405 O O   . ASP A 1 52 ? -1.409  8.636   9.108   1.00 13.12  ? 81   ASP A O   1 
ATOM   406 C CB  . ASP A 1 52 ? -1.174  10.860  11.150  1.00 22.13  ? 81   ASP A CB  1 
ATOM   407 C CG  . ASP A 1 52 ? -2.584  11.338  11.133  1.00 22.19  ? 81   ASP A CG  1 
ATOM   408 O OD1 . ASP A 1 52 ? -3.245  11.137  10.131  1.00 22.14  ? 81   ASP A OD1 1 
ATOM   409 O OD2 . ASP A 1 52 ? -3.030  11.928  12.106  1.00 22.32  ? 81   ASP A OD2 1 
ATOM   410 N N   . ALA A 1 53 ? -2.875  7.893   10.566  1.00 12.34  ? 82   ALA A N   1 
ATOM   411 C CA  . ALA A 1 53 ? -3.590  7.035   9.638   1.00 12.45  ? 82   ALA A CA  1 
ATOM   412 C C   . ALA A 1 53 ? -4.228  7.826   8.507   1.00 12.06  ? 82   ALA A C   1 
ATOM   413 O O   . ALA A 1 53 ? -4.332  7.342   7.447   1.00 11.31  ? 82   ALA A O   1 
ATOM   414 C CB  . ALA A 1 53 ? -4.652  6.244   10.381  1.00 15.43  ? 82   ALA A CB  1 
ATOM   415 N N   . ASN A 1 54 ? -4.669  9.042   8.792   1.00 12.03  ? 83   ASN A N   1 
ATOM   416 C CA  . ASN A 1 54 ? -5.266  9.869   7.758   1.00 11.77  ? 83   ASN A CA  1 
ATOM   417 C C   . ASN A 1 54 ? -4.231  10.440  6.782   1.00 11.22  ? 83   ASN A C   1 
ATOM   418 O O   . ASN A 1 54 ? -4.497  10.486  5.574   1.00 11.26  ? 83   ASN A O   1 
ATOM   419 C CB  . ASN A 1 54 ? -6.176  10.949  8.364   1.00 13.20  ? 83   ASN A CB  1 
ATOM   420 C CG  . ASN A 1 54 ? -7.398  10.342  9.083   1.00 14.38  ? 83   ASN A CG  1 
ATOM   421 O OD1 . ASN A 1 54 ? -7.563  10.483  10.317  1.00 18.55  ? 83   ASN A OD1 1 
ATOM   422 N ND2 . ASN A 1 54 ? -8.221  9.649   8.334   1.00 15.06  ? 83   ASN A ND2 1 
ATOM   423 N N   . LEU A 1 55 ? -3.056  10.830  7.277   1.00 11.29  ? 84   LEU A N   1 
ATOM   424 C CA  . LEU A 1 55 ? -1.975  11.178  6.371   1.00 11.48  ? 84   LEU A CA  1 
ATOM   425 C C   . LEU A 1 55 ? -1.583  9.979   5.494   1.00 10.23  ? 84   LEU A C   1 
ATOM   426 O O   . LEU A 1 55 ? -1.376  10.125  4.276   1.00 10.96  ? 84   LEU A O   1 
ATOM   427 C CB  . LEU A 1 55 ? -0.747  11.665  7.136   1.00 12.63  ? 84   LEU A CB  1 
ATOM   428 C CG  . LEU A 1 55 ? -0.800  13.041  7.788   1.00 14.45  ? 84   LEU A CG  1 
ATOM   429 C CD1 . LEU A 1 55 ? 0.541   13.407  8.396   1.00 16.92  ? 84   LEU A CD1 1 
ATOM   430 C CD2 . LEU A 1 55 ? -1.203  14.089  6.767   1.00 16.83  ? 84   LEU A CD2 1 
ATOM   431 N N   . LEU A 1 56 ? -1.490  8.787   6.099   1.00 9.87   ? 85   LEU A N   1 
ATOM   432 C CA  A LEU A 1 56 ? -1.206  7.582   5.345   0.50 10.11  ? 85   LEU A CA  1 
ATOM   433 C CA  B LEU A 1 56 ? -1.216  7.567   5.353   0.50 10.77  ? 85   LEU A CA  1 
ATOM   434 C C   . LEU A 1 56 ? -2.268  7.389   4.269   1.00 10.78  ? 85   LEU A C   1 
ATOM   435 O O   . LEU A 1 56 ? -1.934  7.094   3.100   1.00 11.37  ? 85   LEU A O   1 
ATOM   436 C CB  A LEU A 1 56 ? -1.139  6.390   6.283   0.50 10.31  ? 85   LEU A CB  1 
ATOM   437 C CB  B LEU A 1 56 ? -1.204  6.381   6.309   0.50 11.45  ? 85   LEU A CB  1 
ATOM   438 C CG  A LEU A 1 56 ? -1.015  5.054   5.556   0.50 9.74   ? 85   LEU A CG  1 
ATOM   439 C CG  B LEU A 1 56 ? -0.747  5.017   5.778   0.50 14.39  ? 85   LEU A CG  1 
ATOM   440 C CD1 A LEU A 1 56 ? 0.336   4.975   4.844   0.50 8.35   ? 85   LEU A CD1 1 
ATOM   441 C CD1 B LEU A 1 56 ? -0.579  4.020   6.926   0.50 13.73  ? 85   LEU A CD1 1 
ATOM   442 C CD2 A LEU A 1 56 ? -1.163  3.872   6.552   0.50 11.02  ? 85   LEU A CD2 1 
ATOM   443 C CD2 B LEU A 1 56 ? -1.697  4.411   4.765   0.50 18.33  ? 85   LEU A CD2 1 
ATOM   444 N N   . SER A 1 57 ? -3.540  7.542   4.607   1.00 10.34  ? 86   SER A N   1 
ATOM   445 C CA  A SER A 1 57 ? -4.647  7.396   3.663   0.50 11.52  ? 86   SER A CA  1 
ATOM   446 C CA  B SER A 1 57 ? -4.572  7.320   3.621   0.50 12.00  ? 86   SER A CA  1 
ATOM   447 C C   . SER A 1 57 ? -4.534  8.387   2.504   1.00 10.92  ? 86   SER A C   1 
ATOM   448 O O   . SER A 1 57 ? -4.760  8.021   1.328   1.00 11.80  ? 86   SER A O   1 
ATOM   449 C CB  A SER A 1 57 ? -5.980  7.604   4.381   0.50 11.99  ? 86   SER A CB  1 
ATOM   450 C CB  B SER A 1 57 ? -5.929  7.219   4.300   0.50 13.09  ? 86   SER A CB  1 
ATOM   451 O OG  A SER A 1 57 ? -7.035  7.371   3.467   0.50 13.67  ? 86   SER A OG  1 
ATOM   452 O OG  B SER A 1 57 ? -6.375  8.492   4.668   0.50 17.78  ? 86   SER A OG  1 
ATOM   453 N N   . GLN A 1 58 ? -4.217  9.639   2.805   1.00 11.03  ? 87   GLN A N   1 
ATOM   454 C CA  . GLN A 1 58 ? -4.118  10.640  1.746   1.00 10.89  ? 87   GLN A CA  1 
ATOM   455 C C   . GLN A 1 58 ? -2.964  10.301  0.776   1.00 10.37  ? 87   GLN A C   1 
ATOM   456 O O   . GLN A 1 58 ? -3.100  10.386  -0.439  1.00 10.64  ? 87   GLN A O   1 
ATOM   457 C CB  . GLN A 1 58 ? -3.929  12.029  2.333   1.00 11.28  ? 87   GLN A CB  1 
ATOM   458 C CG  . GLN A 1 58 ? -5.159  12.579  3.089   1.00 11.64  ? 87   GLN A CG  1 
ATOM   459 C CD  . GLN A 1 58 ? -6.252  13.143  2.196   1.00 11.44  ? 87   GLN A CD  1 
ATOM   460 O OE1 . GLN A 1 58 ? -6.096  13.296  0.970   1.00 12.25  ? 87   GLN A OE1 1 
ATOM   461 N NE2 . GLN A 1 58 ? -7.363  13.492  2.813   1.00 12.07  ? 87   GLN A NE2 1 
ATOM   462 N N   . ARG A 1 59 ? -1.812  9.946   1.331   1.00 10.95  ? 88   ARG A N   1 
ATOM   463 C CA  . ARG A 1 59 ? -0.642  9.629   0.484   1.00 10.41  ? 88   ARG A CA  1 
ATOM   464 C C   . ARG A 1 59 ? -0.883  8.358   -0.289  1.00 10.00  ? 88   ARG A C   1 
ATOM   465 O O   . ARG A 1 59 ? -0.538  8.277   -1.488  1.00 10.77  ? 88   ARG A O   1 
ATOM   466 C CB  . ARG A 1 59 ? 0.662   9.607   1.289   1.00 11.88  ? 88   ARG A CB  1 
ATOM   467 C CG  . ARG A 1 59 ? 1.898   9.368   0.408   1.00 10.61  ? 88   ARG A CG  1 
ATOM   468 C CD  . ARG A 1 59 ? 2.137   10.536  -0.498  1.00 13.76  ? 88   ARG A CD  1 
ATOM   469 N NE  . ARG A 1 59 ? 3.248   10.252  -1.406  1.00 14.89  ? 88   ARG A NE  1 
ATOM   470 C CZ  . ARG A 1 59 ? 3.430   10.869  -2.570  1.00 17.46  ? 88   ARG A CZ  1 
ATOM   471 N NH1 . ARG A 1 59 ? 2.577   11.816  -2.966  1.00 19.73  ? 88   ARG A NH1 1 
ATOM   472 N NH2 . ARG A 1 59 ? 4.451   10.521  -3.318  1.00 19.27  ? 88   ARG A NH2 1 
ATOM   473 N N   . SER A 1 60 ? -1.482  7.359   0.347   1.00 9.68   ? 89   SER A N   1 
ATOM   474 C CA  A SER A 1 60 ? -1.823  6.073   -0.299  0.25 9.72   ? 89   SER A CA  1 
ATOM   475 C CA  B SER A 1 60 ? -1.715  6.123   -0.371  0.25 9.57   ? 89   SER A CA  1 
ATOM   476 C CA  C SER A 1 60 ? -1.757  6.122   -0.337  0.50 10.61  ? 89   SER A CA  1 
ATOM   477 C C   . SER A 1 60 ? -2.724  6.327   -1.505  1.00 10.54  ? 89   SER A C   1 
ATOM   478 O O   . SER A 1 60 ? -2.574  5.696   -2.569  1.00 10.06  ? 89   SER A O   1 
ATOM   479 C CB  A SER A 1 60 ? -2.536  5.111   0.674   0.25 9.96   ? 89   SER A CB  1 
ATOM   480 C CB  B SER A 1 60 ? -2.123  5.006   0.569   0.25 9.72   ? 89   SER A CB  1 
ATOM   481 C CB  C SER A 1 60 ? -2.316  5.137   0.645   0.50 11.11  ? 89   SER A CB  1 
ATOM   482 O OG  A SER A 1 60 ? -1.683  4.626   1.704   0.25 8.21   ? 89   SER A OG  1 
ATOM   483 O OG  B SER A 1 60 ? -3.430  5.211   1.033   0.25 7.02   ? 89   SER A OG  1 
ATOM   484 O OG  C SER A 1 60 ? -2.214  3.890   0.063   0.50 14.15  ? 89   SER A OG  1 
ATOM   485 N N   . ALA A 1 61 ? -3.719  7.223   -1.343  1.00 9.78   ? 90   ALA A N   1 
ATOM   486 C CA  . ALA A 1 61 ? -4.643  7.501   -2.453  1.00 9.80   ? 90   ALA A CA  1 
ATOM   487 C C   . ALA A 1 61 ? -3.907  8.134   -3.645  1.00 9.59   ? 90   ALA A C   1 
ATOM   488 O O   . ALA A 1 61 ? -4.228  7.815   -4.805  1.00 10.61  ? 90   ALA A O   1 
ATOM   489 C CB  . ALA A 1 61 ? -5.802  8.394   -1.991  1.00 10.52  ? 90   ALA A CB  1 
ATOM   490 N N   . GLN A 1 62 ? -2.927  9.004   -3.379  1.00 9.39   ? 91   GLN A N   1 
ATOM   491 C CA  . GLN A 1 62 ? -2.127  9.581   -4.458  1.00 10.29  ? 91   GLN A CA  1 
ATOM   492 C C   . GLN A 1 62 ? -1.315  8.483   -5.170  1.00 10.15  ? 91   GLN A C   1 
ATOM   493 O O   . GLN A 1 62 ? -1.310  8.423   -6.402  1.00 10.17  ? 91   GLN A O   1 
ATOM   494 C CB  . GLN A 1 62 ? -1.198  10.641  -3.888  1.00 10.19  ? 91   GLN A CB  1 
ATOM   495 C CG  . GLN A 1 62 ? -0.208  11.192  -4.881  1.00 14.44  ? 91   GLN A CG  1 
ATOM   496 C CD  . GLN A 1 62 ? -0.808  11.998  -5.966  1.00 19.84  ? 91   GLN A CD  1 
ATOM   497 O OE1 . GLN A 1 62 ? -1.808  12.691  -5.768  1.00 21.76  ? 91   GLN A OE1 1 
ATOM   498 N NE2 . GLN A 1 62 ? -0.175  11.938  -7.160  1.00 23.93  ? 91   GLN A NE2 1 
ATOM   499 N N   . LEU A 1 63 ? -0.654  7.601   -4.426  1.00 9.42   ? 92   LEU A N   1 
ATOM   500 C CA  . LEU A 1 63 ? 0.100   6.512   -5.029  1.00 9.65   ? 92   LEU A CA  1 
ATOM   501 C C   . LEU A 1 63 ? -0.793  5.527   -5.792  1.00 9.73   ? 92   LEU A C   1 
ATOM   502 O O   . LEU A 1 63 ? -0.398  5.025   -6.877  1.00 10.49  ? 92   LEU A O   1 
ATOM   503 C CB  . LEU A 1 63 ? 0.988   5.817   -4.010  1.00 10.55  ? 92   LEU A CB  1 
ATOM   504 C CG  . LEU A 1 63 ? 2.055   6.724   -3.381  1.00 10.55  ? 92   LEU A CG  1 
ATOM   505 C CD1 . LEU A 1 63 ? 2.861   5.981   -2.320  1.00 13.10  ? 92   LEU A CD1 1 
ATOM   506 C CD2 . LEU A 1 63 ? 2.963   7.336   -4.464  1.00 15.96  ? 92   LEU A CD2 1 
ATOM   507 N N   . TYR A 1 64 ? -1.980  5.261   -5.293  1.00 9.73   ? 93   TYR A N   1 
ATOM   508 C CA  . TYR A 1 64 ? -2.935  4.399   -6.015  1.00 9.51   ? 93   TYR A CA  1 
ATOM   509 C C   . TYR A 1 64 ? -3.299  5.015   -7.386  1.00 9.65   ? 93   TYR A C   1 
ATOM   510 O O   . TYR A 1 64 ? -3.378  4.301   -8.370  1.00 10.33  ? 93   TYR A O   1 
ATOM   511 C CB  . TYR A 1 64 ? -4.175  4.203   -5.142  1.00 21.47  ? 93   TYR A CB  1 
ATOM   512 C CG  . TYR A 1 64 ? -5.229  3.276   -5.740  1.00 21.48  ? 93   TYR A CG  1 
ATOM   513 C CD1 . TYR A 1 64 ? -6.227  3.763   -6.584  1.00 21.63  ? 93   TYR A CD1 1 
ATOM   514 C CD2 . TYR A 1 64 ? -5.246  1.918   -5.410  1.00 21.40  ? 93   TYR A CD2 1 
ATOM   515 C CE1 . TYR A 1 64 ? -7.216  2.904   -7.108  1.00 21.68  ? 93   TYR A CE1 1 
ATOM   516 C CE2 . TYR A 1 64 ? -6.214  1.074   -5.908  1.00 21.45  ? 93   TYR A CE2 1 
ATOM   517 C CZ  . TYR A 1 64 ? -7.198  1.567   -6.759  1.00 21.59  ? 93   TYR A CZ  1 
ATOM   518 O OH  . TYR A 1 64 ? -8.162  0.684   -7.213  1.00 21.68  ? 93   TYR A OH  1 
ATOM   519 N N   . GLN A 1 65 ? -3.561  6.319   -7.417  1.00 10.12  ? 94   GLN A N   1 
ATOM   520 C CA  . GLN A 1 65 ? -3.818  7.000   -8.698  1.00 10.41  ? 94   GLN A CA  1 
ATOM   521 C C   . GLN A 1 65 ? -2.622  6.843   -9.642  1.00 10.80  ? 94   GLN A C   1 
ATOM   522 O O   . GLN A 1 65 ? -2.822  6.558   -10.801 1.00 10.39  ? 94   GLN A O   1 
ATOM   523 C CB  . GLN A 1 65 ? -4.106  8.497   -8.448  1.00 11.62  ? 94   GLN A CB  1 
ATOM   524 C CG  . GLN A 1 65 ? -5.495  8.809   -7.870  1.00 13.15  ? 94   GLN A CG  1 
ATOM   525 C CD  . GLN A 1 65 ? -6.600  8.248   -8.728  1.00 13.02  ? 94   GLN A CD  1 
ATOM   526 O OE1 . GLN A 1 65 ? -6.614  8.440   -9.910  1.00 13.43  ? 94   GLN A OE1 1 
ATOM   527 N NE2 . GLN A 1 65 ? -7.520  7.551   -8.101  1.00 15.57  ? 94   GLN A NE2 1 
ATOM   528 N N   . GLN A 1 66 ? -1.408  6.966   -9.117  1.00 10.54  ? 95   GLN A N   1 
ATOM   529 C CA  A GLN A 1 66 ? -0.217  6.760   -9.931  0.50 10.69  ? 95   GLN A CA  1 
ATOM   530 C CA  B GLN A 1 66 ? -0.244  6.767   -9.945  0.50 11.20  ? 95   GLN A CA  1 
ATOM   531 C C   . GLN A 1 66 ? -0.201  5.357   -10.524 1.00 11.06  ? 95   GLN A C   1 
ATOM   532 O O   . GLN A 1 66 ? 0.095   5.170   -11.735 1.00 11.85  ? 95   GLN A O   1 
ATOM   533 C CB  A GLN A 1 66 ? 1.057   7.051   -9.119  0.50 10.59  ? 95   GLN A CB  1 
ATOM   534 C CB  B GLN A 1 66 ? 1.019   7.042   -9.151  0.50 11.43  ? 95   GLN A CB  1 
ATOM   535 C CG  A GLN A 1 66 ? 1.091   8.502   -8.644  0.50 9.84   ? 95   GLN A CG  1 
ATOM   536 C CG  B GLN A 1 66 ? 2.239   6.824   -9.972  0.50 13.49  ? 95   GLN A CG  1 
ATOM   537 C CD  A GLN A 1 66 ? 2.318   8.939   -7.939  0.50 10.65  ? 95   GLN A CD  1 
ATOM   538 C CD  B GLN A 1 66 ? 3.509   7.166   -9.257  0.50 18.20  ? 95   GLN A CD  1 
ATOM   539 O OE1 A GLN A 1 66 ? 3.339   8.259   -7.885  0.50 15.21  ? 95   GLN A OE1 1 
ATOM   540 O OE1 B GLN A 1 66 ? 3.523   8.001   -8.359  0.50 17.22  ? 95   GLN A OE1 1 
ATOM   541 N NE2 A GLN A 1 66 ? 2.215   10.117  -7.396  0.50 9.54   ? 95   GLN A NE2 1 
ATOM   542 N NE2 B GLN A 1 66 ? 4.603   6.539   -9.673  0.50 22.03  ? 95   GLN A NE2 1 
ATOM   543 N N   . LEU A 1 67 ? -0.529  4.339   -9.733  1.00 9.94   ? 96   LEU A N   1 
ATOM   544 C CA  . LEU A 1 67 ? -0.514  2.959   -10.229 1.00 10.69  ? 96   LEU A CA  1 
ATOM   545 C C   . LEU A 1 67 ? -1.598  2.754   -11.251 1.00 9.94   ? 96   LEU A C   1 
ATOM   546 O O   . LEU A 1 67 ? -1.380  2.047   -12.245 1.00 11.19  ? 96   LEU A O   1 
ATOM   547 C CB  . LEU A 1 67 ? -0.737  1.974   -9.093  1.00 11.33  ? 96   LEU A CB  1 
ATOM   548 C CG  . LEU A 1 67 ? 0.274   2.012   -7.956  1.00 13.40  ? 96   LEU A CG  1 
ATOM   549 C CD1 . LEU A 1 67 ? -0.092  0.942   -6.898  1.00 17.04  ? 96   LEU A CD1 1 
ATOM   550 C CD2 . LEU A 1 67 ? 1.704   1.845   -8.470  1.00 15.70  ? 96   LEU A CD2 1 
ATOM   551 N N   . GLN A 1 68 ? -2.756  3.363   -11.081 1.00 10.32  ? 97   GLN A N   1 
ATOM   552 C CA  . GLN A 1 68 ? -3.852  3.273   -12.029 1.00 11.79  ? 97   GLN A CA  1 
ATOM   553 C C   . GLN A 1 68 ? -3.529  3.955   -13.363 1.00 11.11  ? 97   GLN A C   1 
ATOM   554 O O   . GLN A 1 68 ? -3.787  3.368   -14.434 1.00 11.75  ? 97   GLN A O   1 
ATOM   555 C CB  . GLN A 1 68 ? -5.127  3.869   -11.431 1.00 10.87  ? 97   GLN A CB  1 
ATOM   556 C CG  . GLN A 1 68 ? -6.305  3.827   -12.362 1.00 15.47  ? 97   GLN A CG  1 
ATOM   557 C CD  . GLN A 1 68 ? -7.568  4.385   -11.677 1.00 17.89  ? 97   GLN A CD  1 
ATOM   558 O OE1 . GLN A 1 68 ? -7.750  5.614   -11.605 1.00 22.44  ? 97   GLN A OE1 1 
ATOM   559 N NE2 . GLN A 1 68 ? -8.386  3.514   -11.107 1.00 18.98  ? 97   GLN A NE2 1 
ATOM   560 N N   . GLN A 1 69 ? -2.993  5.172   -13.311 1.00 10.37  ? 98   GLN A N   1 
ATOM   561 C CA  A GLN A 1 69 ? -2.773  5.947   -14.551 0.50 9.69   ? 98   GLN A CA  1 
ATOM   562 C CA  B GLN A 1 69 ? -2.699  5.987   -14.485 0.50 10.58  ? 98   GLN A CA  1 
ATOM   563 C C   . GLN A 1 69 ? -1.573  5.441   -15.327 1.00 9.86   ? 98   GLN A C   1 
ATOM   564 O O   . GLN A 1 69 ? -1.502  5.676   -16.546 1.00 10.78  ? 98   GLN A O   1 
ATOM   565 C CB  A GLN A 1 69 ? -2.645  7.479   -14.304 0.50 9.59   ? 98   GLN A CB  1 
ATOM   566 C CB  B GLN A 1 69 ? -2.324  7.386   -13.996 0.50 10.62  ? 98   GLN A CB  1 
ATOM   567 C CG  A GLN A 1 69 ? -3.975  8.284   -14.349 0.50 8.57   ? 98   GLN A CG  1 
ATOM   568 C CG  B GLN A 1 69 ? -3.524  8.114   -13.466 0.50 14.03  ? 98   GLN A CG  1 
ATOM   569 C CD  A GLN A 1 69 ? -4.879  8.045   -13.161 0.50 10.99  ? 98   GLN A CD  1 
ATOM   570 C CD  B GLN A 1 69 ? -4.566  8.225   -14.530 0.50 15.65  ? 98   GLN A CD  1 
ATOM   571 O OE1 A GLN A 1 69 ? -4.729  8.664   -12.098 0.50 13.09  ? 98   GLN A OE1 1 
ATOM   572 O OE1 B GLN A 1 69 ? -4.412  9.003   -15.479 0.50 19.10  ? 98   GLN A OE1 1 
ATOM   573 N NE2 A GLN A 1 69 ? -5.812  7.141   -13.331 0.50 10.65  ? 98   GLN A NE2 1 
ATOM   574 N NE2 B GLN A 1 69 ? -5.629  7.429   -14.410 0.50 16.95  ? 98   GLN A NE2 1 
ATOM   575 N N   . ASP A 1 70 ? -0.631  4.764   -14.702 1.00 10.34  ? 99   ASP A N   1 
ATOM   576 C CA  A ASP A 1 70 ? 0.532   4.207   -15.446 0.50 11.11  ? 99   ASP A CA  1 
ATOM   577 C CA  B ASP A 1 70 ? 0.534   4.212   -15.378 0.50 11.10  ? 99   ASP A CA  1 
ATOM   578 C C   . ASP A 1 70 ? 0.056   3.293   -16.524 1.00 10.76  ? 99   ASP A C   1 
ATOM   579 O O   . ASP A 1 70 ? -0.837  2.518   -16.395 1.00 10.50  ? 99   ASP A O   1 
ATOM   580 C CB  A ASP A 1 70 ? 1.435   3.414   -14.488 0.50 22.30  ? 99   ASP A CB  1 
ATOM   581 C CB  B ASP A 1 70 ? 1.360   3.459   -14.327 0.50 22.28  ? 99   ASP A CB  1 
ATOM   582 C CG  A ASP A 1 70 ? 2.622   2.852   -15.155 0.50 22.46  ? 99   ASP A CG  1 
ATOM   583 C CG  B ASP A 1 70 ? 2.626   2.934   -14.866 0.50 22.44  ? 99   ASP A CG  1 
ATOM   584 O OD1 A ASP A 1 70 ? 3.434   3.686   -15.598 0.50 22.74  ? 99   ASP A OD1 1 
ATOM   585 O OD1 B ASP A 1 70 ? 2.573   1.945   -15.573 0.50 22.41  ? 99   ASP A OD1 1 
ATOM   586 O OD2 A ASP A 1 70 ? 2.735   1.640   -15.185 0.50 22.36  ? 99   ASP A OD2 1 
ATOM   587 O OD2 B ASP A 1 70 ? 3.654   3.541   -14.511 0.50 22.62  ? 99   ASP A OD2 1 
ATOM   588 N N   . SER A 1 71 ? 0.688   3.466   -17.678 1.00 10.33  ? 100  SER A N   1 
ATOM   589 C CA  . SER A 1 71 ? 0.242   2.764   -18.899 1.00 11.05  ? 100  SER A CA  1 
ATOM   590 C C   . SER A 1 71 ? 0.800   1.364   -19.072 1.00 12.27  ? 100  SER A C   1 
ATOM   591 O O   . SER A 1 71 ? 0.465   0.705   -20.083 1.00 13.13  ? 100  SER A O   1 
ATOM   592 C CB  . SER A 1 71 ? 0.568   3.642   -20.126 1.00 11.10  ? 100  SER A CB  1 
ATOM   593 O OG  . SER A 1 71 ? -0.100  4.886   -20.058 1.00 11.07  ? 100  SER A OG  1 
ATOM   594 N N   . THR A 1 72 ? 1.630   0.878   -18.152 1.00 11.48  ? 101  THR A N   1 
ATOM   595 C CA  . THR A 1 72 ? 2.067   -0.521  -18.177 1.00 11.89  ? 101  THR A CA  1 
ATOM   596 C C   . THR A 1 72 ? 0.849   -1.452  -18.292 1.00 11.24  ? 101  THR A C   1 
ATOM   597 O O   . THR A 1 72 ? -0.163  -1.238  -17.609 1.00 10.74  ? 101  THR A O   1 
ATOM   598 C CB  . THR A 1 72 ? 2.855   -0.833  -16.895 1.00 12.54  ? 101  THR A CB  1 
ATOM   599 O OG1 . THR A 1 72 ? 3.979   0.045   -16.812 1.00 14.41  ? 101  THR A OG1 1 
ATOM   600 C CG2 . THR A 1 72 ? 3.359   -2.257  -16.869 1.00 13.54  ? 101  THR A CG2 1 
ATOM   601 N N   . PRO A 1 73 ? 0.931   -2.510  -19.122 1.00 11.12  ? 102  PRO A N   1 
ATOM   602 C CA  . PRO A 1 73 ? -0.195  -3.443  -19.179 1.00 10.53  ? 102  PRO A CA  1 
ATOM   603 C C   . PRO A 1 73 ? -0.585  -3.982  -17.787 1.00 10.27  ? 102  PRO A C   1 
ATOM   604 O O   . PRO A 1 73 ? 0.281   -4.190  -16.911 1.00 9.96   ? 102  PRO A O   1 
ATOM   605 C CB  . PRO A 1 73 ? 0.316   -4.579  -20.106 1.00 10.91  ? 102  PRO A CB  1 
ATOM   606 C CG  . PRO A 1 73 ? 1.236   -3.843  -21.067 1.00 13.37  ? 102  PRO A CG  1 
ATOM   607 C CD  . PRO A 1 73 ? 1.926   -2.802  -20.183 1.00 12.94  ? 102  PRO A CD  1 
ATOM   608 N N   . GLU A 1 74 ? -1.880  -4.206  -17.605 1.00 9.66   ? 103  GLU A N   1 
ATOM   609 C CA  . GLU A 1 74 ? -2.377  -4.646  -16.275 1.00 9.50   ? 103  GLU A CA  1 
ATOM   610 C C   . GLU A 1 74 ? -1.775  -5.967  -15.832 1.00 9.64   ? 103  GLU A C   1 
ATOM   611 O O   . GLU A 1 74 ? -1.490  -6.124  -14.642 1.00 9.48   ? 103  GLU A O   1 
ATOM   612 C CB  . GLU A 1 74 ? -3.904  -4.765  -16.289 1.00 9.65   ? 103  GLU A CB  1 
ATOM   613 C CG  . GLU A 1 74 ? -4.608  -3.405  -16.480 1.00 10.12  ? 103  GLU A CG  1 
ATOM   614 C CD  . GLU A 1 74 ? -4.237  -2.402  -15.382 1.00 10.17  ? 103  GLU A CD  1 
ATOM   615 O OE1 . GLU A 1 74 ? -4.407  -2.770  -14.179 1.00 10.91  ? 103  GLU A OE1 1 
ATOM   616 O OE2 . GLU A 1 74 ? -3.795  -1.273  -15.709 1.00 10.26  ? 103  GLU A OE2 1 
ATOM   617 N N   . ALA A 1 75 ? -1.591  -6.930  -16.734 1.00 9.55   ? 104  ALA A N   1 
ATOM   618 C CA  . ALA A 1 75 ? -1.016  -8.224  -16.313 1.00 10.39  ? 104  ALA A CA  1 
ATOM   619 C C   . ALA A 1 75 ? 0.371   -8.029  -15.729 1.00 9.22   ? 104  ALA A C   1 
ATOM   620 O O   . ALA A 1 75 ? 0.745   -8.696  -14.752 1.00 10.99  ? 104  ALA A O   1 
ATOM   621 C CB  . ALA A 1 75 ? -0.986  -9.226  -17.451 1.00 11.65  ? 104  ALA A CB  1 
ATOM   622 N N   . THR A 1 76 ? 1.148   -7.135  -16.313 1.00 9.55   ? 105  THR A N   1 
ATOM   623 C CA  . THR A 1 76 ? 2.491   -6.844  -15.840 1.00 11.01  ? 105  THR A CA  1 
ATOM   624 C C   . THR A 1 76 ? 2.452   -6.169  -14.453 1.00 10.51  ? 105  THR A C   1 
ATOM   625 O O   . THR A 1 76 ? 3.215   -6.535  -13.538 1.00 11.08  ? 105  THR A O   1 
ATOM   626 C CB  . THR A 1 76 ? 3.240   -5.961  -16.843 1.00 11.02  ? 105  THR A CB  1 
ATOM   627 O OG1 . THR A 1 76 ? 3.170   -6.585  -18.121 1.00 13.86  ? 105  THR A OG1 1 
ATOM   628 C CG2 . THR A 1 76 ? 4.692   -5.724  -16.412 1.00 14.03  ? 105  THR A CG2 1 
ATOM   629 N N   . LYS A 1 77 ? 1.534   -5.203  -14.279 1.00 10.10  ? 106  LYS A N   1 
ATOM   630 C CA  . LYS A 1 77 ? 1.334   -4.595  -12.979 1.00 9.76   ? 106  LYS A CA  1 
ATOM   631 C C   . LYS A 1 77 ? 1.004   -5.632  -11.926 1.00 10.05  ? 106  LYS A C   1 
ATOM   632 O O   . LYS A 1 77 ? 1.610   -5.693  -10.825 1.00 10.62  ? 106  LYS A O   1 
ATOM   633 C CB  . LYS A 1 77 ? 0.194   -3.565  -12.974 1.00 9.49   ? 106  LYS A CB  1 
ATOM   634 C CG  . LYS A 1 77 ? 0.429   -2.297  -13.780 1.00 10.38  ? 106  LYS A CG  1 
ATOM   635 C CD  . LYS A 1 77 ? -0.799  -1.382  -13.705 1.00 10.52  ? 106  LYS A CD  1 
ATOM   636 C CE  . LYS A 1 77 ? -0.681  -0.148  -14.583 1.00 10.24  ? 106  LYS A CE  1 
ATOM   637 N NZ  . LYS A 1 77 ? -1.944  0.627   -14.557 1.00 9.98   ? 106  LYS A NZ  1 
ATOM   638 N N   . CYS A 1 78 ? 0.005   -6.457  -12.225 1.00 8.81   ? 107  CYS A N   1 
ATOM   639 C CA  . CYS A 1 78 ? -0.476  -7.436  -11.234 1.00 9.53   ? 107  CYS A CA  1 
ATOM   640 C C   . CYS A 1 78 ? 0.609   -8.431  -10.872 1.00 9.50   ? 107  CYS A C   1 
ATOM   641 O O   . CYS A 1 78 ? 0.803   -8.759  -9.698  1.00 10.21  ? 107  CYS A O   1 
ATOM   642 C CB  . CYS A 1 78 ? -1.718  -8.168  -11.749 1.00 9.49   ? 107  CYS A CB  1 
ATOM   643 S SG  . CYS A 1 78 ? -3.191  -7.091  -11.941 1.00 10.85  ? 107  CYS A SG  1 
ATOM   644 N N   . SER A 1 79 ? 1.349   -8.909  -11.869 1.00 9.63   ? 108  SER A N   1 
ATOM   645 C CA  . SER A 1 79 ? 2.467   -9.835  -11.615 1.00 10.81  ? 108  SER A CA  1 
ATOM   646 C C   . SER A 1 79 ? 3.529   -9.190  -10.709 1.00 11.00  ? 108  SER A C   1 
ATOM   647 O O   . SER A 1 79 ? 4.014   -9.808  -9.729  1.00 11.51  ? 108  SER A O   1 
ATOM   648 C CB  . SER A 1 79 ? 3.043   -10.304 -12.932 1.00 10.53  ? 108  SER A CB  1 
ATOM   649 O OG  . SER A 1 79 ? 4.181   -11.119 -12.685 1.00 14.62  ? 108  SER A OG  1 
ATOM   650 N N   . GLN A 1 80 ? 3.920   -7.967  -11.039 1.00 10.99  ? 109  GLN A N   1 
ATOM   651 C CA  . GLN A 1 80 ? 4.950   -7.280  -10.237 1.00 12.20  ? 109  GLN A CA  1 
ATOM   652 C C   . GLN A 1 80 ? 4.483   -7.071  -8.807  1.00 11.20  ? 109  GLN A C   1 
ATOM   653 O O   . GLN A 1 80 ? 5.237   -7.335  -7.843  1.00 11.96  ? 109  GLN A O   1 
ATOM   654 C CB  . GLN A 1 80 ? 5.264   -5.936  -10.886 1.00 13.91  ? 109  GLN A CB  1 
ATOM   655 C CG  . GLN A 1 80 ? 6.270   -5.118  -10.112 1.00 20.54  ? 109  GLN A CG  1 
ATOM   656 C CD  . GLN A 1 80 ? 6.537   -3.775  -10.749 1.00 25.93  ? 109  GLN A CD  1 
ATOM   657 O OE1 . GLN A 1 80 ? 6.782   -3.686  -11.970 1.00 29.92  ? 109  GLN A OE1 1 
ATOM   658 N NE2 . GLN A 1 80 ? 6.512   -2.717  -9.933  1.00 28.03  ? 109  GLN A NE2 1 
ATOM   659 N N   . PHE A 1 81 ? 3.240   -6.586  -8.644  1.00 10.66  ? 110  PHE A N   1 
ATOM   660 C CA  . PHE A 1 81 ? 2.764   -6.247  -7.305  1.00 11.49  ? 110  PHE A CA  1 
ATOM   661 C C   . PHE A 1 81 ? 2.539   -7.528  -6.470  1.00 9.86   ? 110  PHE A C   1 
ATOM   662 O O   . PHE A 1 81 ? 2.793   -7.533  -5.252  1.00 10.77  ? 110  PHE A O   1 
ATOM   663 C CB  . PHE A 1 81 ? 1.463   -5.432  -7.320  1.00 12.10  ? 110  PHE A CB  1 
ATOM   664 C CG  . PHE A 1 81 ? 1.508   -4.150  -8.163  1.00 13.20  ? 110  PHE A CG  1 
ATOM   665 C CD1 . PHE A 1 81 ? 2.696   -3.492  -8.440  1.00 14.42  ? 110  PHE A CD1 1 
ATOM   666 C CD2 . PHE A 1 81 ? 0.316   -3.581  -8.637  1.00 14.28  ? 110  PHE A CD2 1 
ATOM   667 C CE1 . PHE A 1 81 ? 2.733   -2.293  -9.174  1.00 16.43  ? 110  PHE A CE1 1 
ATOM   668 C CE2 . PHE A 1 81 ? 0.346   -2.391  -9.400  1.00 14.37  ? 110  PHE A CE2 1 
ATOM   669 C CZ  . PHE A 1 81 ? 1.550   -1.778  -9.686  1.00 16.56  ? 110  PHE A CZ  1 
ATOM   670 N N   . ASN A 1 82 ? 2.039   -8.606  -7.080  1.00 9.94   ? 111  ASN A N   1 
ATOM   671 C CA  . ASN A 1 82 ? 1.860   -9.851  -6.328  1.00 10.41  ? 111  ASN A CA  1 
ATOM   672 C C   . ASN A 1 82 ? 3.208   -10.332 -5.763  1.00 11.01  ? 111  ASN A C   1 
ATOM   673 O O   . ASN A 1 82 ? 3.269   -10.820 -4.623  1.00 11.99  ? 111  ASN A O   1 
ATOM   674 C CB  . ASN A 1 82 ? 1.231   -10.950 -7.187  1.00 10.28  ? 111  ASN A CB  1 
ATOM   675 C CG  . ASN A 1 82 ? -0.269  -10.894 -7.259  1.00 10.23  ? 111  ASN A CG  1 
ATOM   676 O OD1 . ASN A 1 82 ? -0.855  -11.206 -8.353  1.00 12.65  ? 111  ASN A OD1 1 
ATOM   677 N ND2 . ASN A 1 82 ? -0.904  -10.605 -6.174  1.00 9.73   ? 111  ASN A ND2 1 
ATOM   678 N N   . ARG A 1 83 ? 4.268   -10.223 -6.549  1.00 11.46  ? 112  ARG A N   1 
ATOM   679 C CA  . ARG A 1 83 ? 5.597   -10.585 -6.058  1.00 13.58  ? 112  ARG A CA  1 
ATOM   680 C C   . ARG A 1 83 ? 6.104   -9.615  -5.000  1.00 13.76  ? 112  ARG A C   1 
ATOM   681 O O   . ARG A 1 83 ? 6.531   -10.048 -3.909  1.00 15.86  ? 112  ARG A O   1 
ATOM   682 C CB  . ARG A 1 83 ? 6.561   -10.605 -7.242  1.00 15.62  ? 112  ARG A CB  1 
ATOM   683 C CG  . ARG A 1 83 ? 7.937   -11.161 -6.940  1.00 20.43  ? 112  ARG A CG  1 
ATOM   684 C CD  . ARG A 1 83 ? 8.797   -11.316 -8.216  1.00 29.31  ? 112  ARG A CD  1 
ATOM   685 N NE  . ARG A 1 83 ? 8.008   -11.460 -9.451  1.00 33.52  ? 112  ARG A NE  1 
ATOM   686 C CZ  . ARG A 1 83 ? 7.915   -10.526 -10.411 1.00 36.19  ? 112  ARG A CZ  1 
ATOM   687 N NH1 . ARG A 1 83 ? 8.572   -9.376  -10.290 1.00 37.61  ? 112  ARG A NH1 1 
ATOM   688 N NH2 . ARG A 1 83 ? 7.167   -10.728 -11.497 1.00 36.00  ? 112  ARG A NH2 1 
ATOM   689 N N   . GLN A 1 84 ? 6.037   -8.321  -5.269  1.00 12.60  ? 113  GLN A N   1 
ATOM   690 C CA  . GLN A 1 84 ? 6.644   -7.340  -4.354  1.00 14.97  ? 113  GLN A CA  1 
ATOM   691 C C   . GLN A 1 84 ? 5.927   -7.299  -3.001  1.00 14.88  ? 113  GLN A C   1 
ATOM   692 O O   . GLN A 1 84 ? 6.566   -7.015  -1.966  1.00 16.45  ? 113  GLN A O   1 
ATOM   693 C CB  . GLN A 1 84 ? 6.612   -5.931  -4.959  1.00 15.89  ? 113  GLN A CB  1 
ATOM   694 C CG  . GLN A 1 84 ? 7.518   -5.660  -6.180  1.00 19.26  ? 113  GLN A CG  1 
ATOM   695 C CD  . GLN A 1 84 ? 7.340   -4.225  -6.704  1.00 22.53  ? 113  GLN A CD  1 
ATOM   696 O OE1 . GLN A 1 84 ? 6.225   -3.803  -7.004  1.00 25.74  ? 113  GLN A OE1 1 
ATOM   697 N NE2 . GLN A 1 84 ? 8.432   -3.481  -6.802  1.00 29.64  ? 113  GLN A NE2 1 
ATOM   698 N N   . LEU A 1 85 ? 4.608   -7.529  -2.985  1.00 13.37  ? 114  LEU A N   1 
ATOM   699 C CA  . LEU A 1 85 ? 3.800   -7.386  -1.770  1.00 12.59  ? 114  LEU A CA  1 
ATOM   700 C C   . LEU A 1 85 ? 3.615   -8.652  -0.981  1.00 13.39  ? 114  LEU A C   1 
ATOM   701 O O   . LEU A 1 85 ? 2.934   -8.639  0.058   1.00 13.64  ? 114  LEU A O   1 
ATOM   702 C CB  . LEU A 1 85 ? 2.459   -6.742  -2.122  1.00 13.13  ? 114  LEU A CB  1 
ATOM   703 C CG  . LEU A 1 85 ? 2.659   -5.305  -2.632  1.00 14.14  ? 114  LEU A CG  1 
ATOM   704 C CD1 . LEU A 1 85 ? 1.330   -4.744  -3.059  1.00 18.45  ? 114  LEU A CD1 1 
ATOM   705 C CD2 . LEU A 1 85 ? 3.378   -4.396  -1.594  1.00 18.88  ? 114  LEU A CD2 1 
ATOM   706 N N   . ALA A 1 86 ? 4.165   -9.762  -1.488  1.00 13.51  ? 115  ALA A N   1 
ATOM   707 C CA  . ALA A 1 86 ? 4.002   -11.015 -0.751  1.00 15.08  ? 115  ALA A CA  1 
ATOM   708 C C   . ALA A 1 86 ? 4.416   -10.939 0.754   1.00 15.70  ? 115  ALA A C   1 
ATOM   709 O O   . ALA A 1 86 ? 3.680   -11.416 1.599   1.00 15.83  ? 115  ALA A O   1 
ATOM   710 C CB  . ALA A 1 86 ? 4.671   -12.200 -1.469  1.00 15.31  ? 115  ALA A CB  1 
ATOM   711 N N   . PRO A 1 87 ? 5.566   -10.299 1.074   1.00 16.61  ? 116  PRO A N   1 
ATOM   712 C CA  . PRO A 1 87 ? 5.902   -10.159 2.513   1.00 18.15  ? 116  PRO A CA  1 
ATOM   713 C C   . PRO A 1 87 ? 4.890   -9.325  3.308   1.00 17.90  ? 116  PRO A C   1 
ATOM   714 O O   . PRO A 1 87 ? 4.482   -9.716  4.409   1.00 19.19  ? 116  PRO A O   1 
ATOM   715 C CB  . PRO A 1 87 ? 7.270   -9.481  2.474   1.00 19.73  ? 116  PRO A CB  1 
ATOM   716 C CG  . PRO A 1 87 ? 7.891   -9.997  1.181   1.00 19.99  ? 116  PRO A CG  1 
ATOM   717 C CD  . PRO A 1 87 ? 6.703   -9.913  0.216   1.00 17.82  ? 116  PRO A CD  1 
ATOM   718 N N   . PHE A 1 88 ? 4.449   -8.204  2.758   1.00 16.72  ? 117  PHE A N   1 
ATOM   719 C CA  . PHE A 1 88 ? 3.446   -7.378  3.422   1.00 17.11  ? 117  PHE A CA  1 
ATOM   720 C C   . PHE A 1 88 ? 2.169   -8.189  3.656   1.00 17.47  ? 117  PHE A C   1 
ATOM   721 O O   . PHE A 1 88 ? 1.558   -8.153  4.741   1.00 17.74  ? 117  PHE A O   1 
ATOM   722 C CB  . PHE A 1 88 ? 3.120   -6.118  2.628   1.00 16.58  ? 117  PHE A CB  1 
ATOM   723 C CG  . PHE A 1 88 ? 1.965   -5.305  3.201   1.00 17.01  ? 117  PHE A CG  1 
ATOM   724 C CD1 . PHE A 1 88 ? 1.989   -4.828  4.515   1.00 16.21  ? 117  PHE A CD1 1 
ATOM   725 C CD2 . PHE A 1 88 ? 0.885   -4.952  2.397   1.00 18.77  ? 117  PHE A CD2 1 
ATOM   726 C CE1 . PHE A 1 88 ? 0.937   -4.055  5.027   1.00 16.93  ? 117  PHE A CE1 1 
ATOM   727 C CE2 . PHE A 1 88 ? -0.170  -4.179  2.912   1.00 18.88  ? 117  PHE A CE2 1 
ATOM   728 C CZ  . PHE A 1 88 ? -0.129  -3.708  4.230   1.00 16.82  ? 117  PHE A CZ  1 
ATOM   729 N N   . ILE A 1 89 ? 1.719   -8.907  2.628   1.00 16.80  ? 118  ILE A N   1 
ATOM   730 C CA  . ILE A 1 89 ? 0.495   -9.677  2.745   1.00 17.66  ? 118  ILE A CA  1 
ATOM   731 C C   . ILE A 1 89 ? 0.620   -10.777 3.823   1.00 19.48  ? 118  ILE A C   1 
ATOM   732 O O   . ILE A 1 89 ? -0.324  -11.032 4.568   1.00 19.99  ? 118  ILE A O   1 
ATOM   733 C CB  . ILE A 1 89 ? 0.048   -10.218 1.358   1.00 17.11  ? 118  ILE A CB  1 
ATOM   734 C CG1 . ILE A 1 89 ? -0.376  -9.027  0.478   1.00 16.19  ? 118  ILE A CG1 1 
ATOM   735 C CG2 . ILE A 1 89 ? -1.085  -11.272 1.504   1.00 18.31  ? 118  ILE A CG2 1 
ATOM   736 C CD1 . ILE A 1 89 ? -0.508  -9.386  -1.024  1.00 15.41  ? 118  ILE A CD1 1 
ATOM   737 N N   . ASP A 1 90 ? 1.797   -11.386 3.937   1.00 21.11  ? 119  ASP A N   1 
ATOM   738 C CA  . ASP A 1 90 ? 2.017   -12.347 5.028   1.00 23.78  ? 119  ASP A CA  1 
ATOM   739 C C   . ASP A 1 90 ? 1.889   -11.698 6.413   1.00 24.81  ? 119  ASP A C   1 
ATOM   740 O O   . ASP A 1 90 ? 1.384   -12.350 7.335   1.00 26.23  ? 119  ASP A O   1 
ATOM   741 C CB  . ASP A 1 90 ? 3.354   -13.041 4.859   1.00 25.37  ? 119  ASP A CB  1 
ATOM   742 C CG  . ASP A 1 90 ? 3.325   -14.099 3.748   1.00 28.84  ? 119  ASP A CG  1 
ATOM   743 O OD1 . ASP A 1 90 ? 2.230   -14.600 3.373   1.00 35.64  ? 119  ASP A OD1 1 
ATOM   744 O OD2 . ASP A 1 90 ? 4.419   -14.431 3.248   1.00 36.61  ? 119  ASP A OD2 1 
ATOM   745 N N   . SER A 1 91 ? 2.297   -10.435 6.551   1.00 25.00  ? 120  SER A N   1 
ATOM   746 C CA  . SER A 1 91 ? 2.197   -9.733  7.840   1.00 26.04  ? 120  SER A CA  1 
ATOM   747 C C   . SER A 1 91 ? 0.754   -9.373  8.194   1.00 27.53  ? 120  SER A C   1 
ATOM   748 O O   . SER A 1 91 ? 0.349   -9.420  9.358   1.00 26.35  ? 120  SER A O   1 
ATOM   749 C CB  . SER A 1 91 ? 3.009   -8.447  7.802   1.00 25.24  ? 120  SER A CB  1 
ATOM   750 O OG  . SER A 1 91 ? 2.233   -7.404  7.221   1.00 25.11  ? 120  SER A OG  1 
ATOM   751 N N   . LEU A 1 92 ? -0.001  -8.949  7.187   1.00 29.60  ? 121  LEU A N   1 
ATOM   752 C CA  . LEU A 1 92 ? -1.368  -8.491  7.392   1.00 31.90  ? 121  LEU A CA  1 
ATOM   753 C C   . LEU A 1 92 ? -2.256  -9.677  7.761   1.00 33.26  ? 121  LEU A C   1 
ATOM   754 O O   . LEU A 1 92 ? -3.273  -9.514  8.436   1.00 33.87  ? 121  LEU A O   1 
ATOM   755 C CB  . LEU A 1 92 ? -1.841  -7.708  6.158   1.00 31.78  ? 121  LEU A CB  1 
ATOM   756 C CG  . LEU A 1 92 ? -3.166  -7.878  5.426   1.00 32.76  ? 121  LEU A CG  1 
ATOM   757 C CD1 . LEU A 1 92 ? -3.480  -6.623  4.628   1.00 32.21  ? 121  LEU A CD1 1 
ATOM   758 C CD2 . LEU A 1 92 ? -3.100  -9.081  4.486   1.00 35.04  ? 121  LEU A CD2 1 
ATOM   759 N N   . ARG A 1 93 ? -1.831  -10.872 7.358   1.00 34.89  ? 122  ARG A N   1 
ATOM   760 C CA  . ARG A 1 93 ? -2.516  -12.115 7.718   1.00 36.37  ? 122  ARG A CA  1 
ATOM   761 C C   . ARG A 1 93 ? -1.896  -12.684 8.985   1.00 37.86  ? 122  ARG A C   1 
ATOM   762 O O   . ARG A 1 93 ? -2.514  -13.493 9.681   1.00 39.05  ? 122  ARG A O   1 
ATOM   763 C CB  . ARG A 1 93 ? -2.449  -13.142 6.572   1.00 36.93  ? 122  ARG A CB  1 
ATOM   764 C CG  . ARG A 1 93 ? -3.312  -12.784 5.350   1.00 37.32  ? 122  ARG A CG  1 
ATOM   765 C CD  . ARG A 1 93 ? -3.156  -13.776 4.192   1.00 38.02  ? 122  ARG A CD  1 
ATOM   766 N NE  . ARG A 1 93 ? -3.716  -15.087 4.535   1.00 39.00  ? 122  ARG A NE  1 
ATOM   767 C CZ  . ARG A 1 93 ? -5.002  -15.424 4.422   1.00 38.65  ? 122  ARG A CZ  1 
ATOM   768 N NH1 . ARG A 1 93 ? -5.891  -14.545 3.962   1.00 38.27  ? 122  ARG A NH1 1 
ATOM   769 N NH2 . ARG A 1 93 ? -5.404  -16.649 4.765   1.00 39.14  ? 122  ARG A NH2 1 
HETATM 770 C C1  . MRD B 2 .  ? -7.374  -11.450 -16.984 1.00 104.48 ? 1123 MRD A C1  1 
HETATM 771 C C2  . MRD B 2 .  ? -7.048  -11.733 -15.524 1.00 104.61 ? 1123 MRD A C2  1 
HETATM 772 O O2  . MRD B 2 .  ? -6.065  -12.809 -15.393 1.00 104.62 ? 1123 MRD A O2  1 
HETATM 773 C CM  . MRD B 2 .  ? -8.322  -12.216 -14.843 1.00 104.25 ? 1123 MRD A CM  1 
HETATM 774 C C3  . MRD B 2 .  ? -6.414  -10.540 -14.786 0.50 105.04 ? 1123 MRD A C3  1 
HETATM 775 C C4  . MRD B 2 .  ? -5.982  -9.192  -15.384 1.00 105.56 ? 1123 MRD A C4  1 
HETATM 776 O O4  . MRD B 2 .  ? -6.636  -8.802  -16.566 1.00 105.99 ? 1123 MRD A O4  1 
HETATM 777 C C5  . MRD B 2 .  ? -4.491  -8.892  -15.429 1.00 105.56 ? 1123 MRD A C5  1 
HETATM 778 O O   . HOH C 3 .  ? 17.545  8.548   8.748   1.00 27.47  ? 2001 HOH A O   1 
HETATM 779 O O   . HOH C 3 .  ? 15.509  8.185   4.848   1.00 19.60  ? 2002 HOH A O   1 
HETATM 780 O O   . HOH C 3 .  ? 14.596  9.981   3.198   1.00 25.77  ? 2003 HOH A O   1 
HETATM 781 O O   . HOH C 3 .  ? 13.427  11.839  3.116   1.00 26.68  ? 2004 HOH A O   1 
HETATM 782 O O   . HOH C 3 .  ? 6.208   10.614  1.755   1.00 15.27  ? 2005 HOH A O   1 
HETATM 783 O O   . HOH C 3 .  ? 13.508  14.445  0.365   1.00 18.76  ? 2006 HOH A O   1 
HETATM 784 O O   . HOH C 3 .  ? 6.966   12.956  0.307   1.00 23.17  ? 2007 HOH A O   1 
HETATM 785 O O   . HOH C 3 .  ? 10.990  8.988   0.201   1.00 30.57  ? 2008 HOH A O   1 
HETATM 786 O O   . HOH C 3 .  ? 9.704   7.206   13.302  1.00 35.75  ? 2009 HOH A O   1 
HETATM 787 O O   . HOH C 3 .  ? 6.891   7.265   -4.630  1.00 29.95  ? 2010 HOH A O   1 
HETATM 788 O O   . HOH C 3 .  ? 15.438  12.934  4.025   1.00 24.27  ? 2011 HOH A O   1 
HETATM 789 O O   . HOH C 3 .  ? 12.607  15.784  -2.068  1.00 27.27  ? 2012 HOH A O   1 
HETATM 790 O O   . HOH C 3 .  ? -5.837  1.269   2.385   1.00 23.42  ? 2013 HOH A O   1 
HETATM 791 O O   . HOH C 3 .  ? -4.190  3.594   3.269   1.00 21.48  ? 2014 HOH A O   1 
HETATM 792 O O   . HOH C 3 .  ? -6.541  5.973   0.597   1.00 21.18  ? 2015 HOH A O   1 
HETATM 793 O O   . HOH C 3 .  ? -9.978  2.869   -5.092  1.00 32.29  ? 2016 HOH A O   1 
HETATM 794 O O   . HOH C 3 .  ? -8.362  5.694   -1.076  1.00 23.99  ? 2017 HOH A O   1 
HETATM 795 O O   . HOH C 3 .  ? -10.384 5.411   -6.438  1.00 39.11  ? 2018 HOH A O   1 
HETATM 796 O O   . HOH C 3 .  ? -6.216  0.675   -13.893 1.00 22.25  ? 2019 HOH A O   1 
HETATM 797 O O   . HOH C 3 .  ? -10.783 -7.664  -7.791  0.50 24.69  ? 2020 HOH A O   1 
HETATM 798 O O   . HOH C 3 .  ? -11.573 0.192   -2.640  1.00 10.13  ? 2021 HOH A O   1 
HETATM 799 O O   . HOH C 3 .  ? -12.536 2.856   3.060   1.00 28.11  ? 2022 HOH A O   1 
HETATM 800 O O   . HOH C 3 .  ? -9.958  -7.477  -9.824  0.50 19.52  ? 2023 HOH A O   1 
HETATM 801 O O   . HOH C 3 .  ? -6.430  -4.740  -13.881 1.00 11.76  ? 2024 HOH A O   1 
HETATM 802 O O   . HOH C 3 .  ? -3.911  -12.292 -8.619  0.50 11.57  ? 2025 HOH A O   1 
HETATM 803 O O   . HOH C 3 .  ? -6.130  -12.046 -11.613 1.00 24.55  ? 2026 HOH A O   1 
HETATM 804 O O   . HOH C 3 .  ? 1.290   -11.897 -2.877  1.00 13.43  ? 2027 HOH A O   1 
HETATM 805 O O   . HOH C 3 .  ? -0.380  -14.142 -0.550  1.00 18.18  ? 2028 HOH A O   1 
HETATM 806 O O   . HOH C 3 .  ? -11.374 -8.437  -0.749  0.50 23.13  ? 2029 HOH A O   1 
HETATM 807 O O   . HOH C 3 .  ? -5.976  -11.032 4.111   1.00 33.82  ? 2030 HOH A O   1 
HETATM 808 O O   . HOH C 3 .  ? -3.844  -13.926 1.872   1.00 30.00  ? 2031 HOH A O   1 
HETATM 809 O O   . HOH C 3 .  ? -12.077 -7.136  0.973   0.50 28.93  ? 2032 HOH A O   1 
HETATM 810 O O   . HOH C 3 .  ? 1.047   14.885  1.473   0.50 30.00  ? 2033 HOH A O   1 
HETATM 811 O O   . HOH C 3 .  ? -11.555 -6.418  5.926   1.00 23.17  ? 2034 HOH A O   1 
HETATM 812 O O   . HOH C 3 .  ? -12.456 0.286   4.013   1.00 11.66  ? 2035 HOH A O   1 
HETATM 813 O O   . HOH C 3 .  ? -11.483 3.548   0.329   1.00 25.83  ? 2036 HOH A O   1 
HETATM 814 O O   . HOH C 3 .  ? -9.159  1.979   10.279  1.00 25.68  ? 2037 HOH A O   1 
HETATM 815 O O   . HOH C 3 .  ? -12.403 -4.401  7.469   1.00 17.60  ? 2038 HOH A O   1 
HETATM 816 O O   . HOH C 3 .  ? -3.507  1.805   -18.982 1.00 25.43  ? 2039 HOH A O   1 
HETATM 817 O O   . HOH C 3 .  ? -5.539  -5.125  9.472   1.00 28.91  ? 2040 HOH A O   1 
HETATM 818 O O   . HOH C 3 .  ? -6.168  2.958   10.143  1.00 31.11  ? 2041 HOH A O   1 
HETATM 819 O O   . HOH C 3 .  ? -5.397  -3.031  13.777  1.00 31.94  ? 2042 HOH A O   1 
HETATM 820 O O   . HOH C 3 .  ? 0.718   -5.815  9.080   1.00 16.05  ? 2043 HOH A O   1 
HETATM 821 O O   . HOH C 3 .  ? 3.031   3.181   12.132  1.00 22.96  ? 2044 HOH A O   1 
HETATM 822 O O   . HOH C 3 .  ? -1.319  -6.383  10.833  1.00 21.36  ? 2045 HOH A O   1 
HETATM 823 O O   . HOH C 3 .  ? 7.373   -4.492  10.333  1.00 32.06  ? 2046 HOH A O   1 
HETATM 824 O O   . HOH C 3 .  ? 5.100   3.570   13.518  1.00 28.29  ? 2047 HOH A O   1 
HETATM 825 O O   . HOH C 3 .  ? 13.539  -0.112  12.220  1.00 18.05  ? 2048 HOH A O   1 
HETATM 826 O O   . HOH C 3 .  ? -1.001  5.312   14.397  1.00 33.59  ? 2049 HOH A O   1 
HETATM 827 O O   . HOH C 3 .  ? 2.347   11.483  11.088  1.00 34.62  ? 2050 HOH A O   1 
HETATM 828 O O   . HOH C 3 .  ? -5.696  11.776  12.160  1.00 24.68  ? 2051 HOH A O   1 
HETATM 829 O O   . HOH C 3 .  ? -2.069  11.312  14.703  1.00 19.15  ? 2052 HOH A O   1 
HETATM 830 O O   . HOH C 3 .  ? -3.789  7.804   13.415  1.00 22.06  ? 2053 HOH A O   1 
HETATM 831 O O   . HOH C 3 .  ? -8.435  10.299  5.692   1.00 22.96  ? 2054 HOH A O   1 
HETATM 832 O O   . HOH C 3 .  ? -4.834  12.388  -1.350  1.00 10.45  ? 2055 HOH A O   1 
HETATM 833 O O   . HOH C 3 .  ? -7.579  12.864  5.600   1.00 13.55  ? 2056 HOH A O   1 
HETATM 834 O O   . HOH C 3 .  ? 0.415   12.968  -1.836  1.00 23.36  ? 2057 HOH A O   1 
HETATM 835 O O   . HOH C 3 .  ? 3.817   11.814  -6.047  1.00 15.72  ? 2058 HOH A O   1 
HETATM 836 O O   . HOH C 3 .  ? 6.500   11.449  -6.121  1.00 33.55  ? 2059 HOH A O   1 
HETATM 837 O O   . HOH C 3 .  ? -10.351 1.691   -8.148  1.00 27.38  ? 2060 HOH A O   1 
HETATM 838 O O   . HOH C 3 .  ? -10.386 6.949   -9.655  1.00 25.14  ? 2061 HOH A O   1 
HETATM 839 O O   . HOH C 3 .  ? 2.839   6.307   -12.618 0.50 28.14  ? 2062 HOH A O   1 
HETATM 840 O O   . HOH C 3 .  ? 5.850   8.783   -6.881  1.00 22.98  ? 2063 HOH A O   1 
HETATM 841 O O   . HOH C 3 .  ? 4.121   5.421   -13.103 0.50 30.00  ? 2064 HOH A O   1 
HETATM 842 O O   . HOH C 3 .  ? -10.519 3.936   -9.531  1.00 30.00  ? 2065 HOH A O   1 
HETATM 843 O O   . HOH C 3 .  ? -2.495  5.152   -19.077 1.00 16.21  ? 2066 HOH A O   1 
HETATM 844 O O   . HOH C 3 .  ? -7.423  6.133   -15.349 1.00 31.59  ? 2067 HOH A O   1 
HETATM 845 O O   . HOH C 3 .  ? 5.289   3.818   -16.670 1.00 22.40  ? 2068 HOH A O   1 
HETATM 846 O O   . HOH C 3 .  ? 4.206   -0.048  -12.394 1.00 40.66  ? 2069 HOH A O   1 
HETATM 847 O O   . HOH C 3 .  ? -0.944  1.447   -22.423 1.00 15.59  ? 2070 HOH A O   1 
HETATM 848 O O   . HOH C 3 .  ? 1.156   -0.397  -22.422 1.00 28.58  ? 2071 HOH A O   1 
HETATM 849 O O   . HOH C 3 .  ? -2.779  -0.808  -18.218 1.00 9.40   ? 2072 HOH A O   1 
HETATM 850 O O   . HOH C 3 .  ? 6.483   -0.907  -15.823 1.00 26.11  ? 2073 HOH A O   1 
HETATM 851 O O   . HOH C 3 .  ? 5.432   1.893   -18.915 1.00 29.78  ? 2074 HOH A O   1 
HETATM 852 O O   . HOH C 3 .  ? 3.764   -9.101  -19.234 1.00 15.99  ? 2075 HOH A O   1 
HETATM 853 O O   . HOH C 3 .  ? 4.614   -5.321  -20.076 1.00 16.40  ? 2076 HOH A O   1 
HETATM 854 O O   . HOH C 3 .  ? 7.548   -12.698 -3.676  1.00 27.02  ? 2077 HOH A O   1 
HETATM 855 O O   . HOH C 3 .  ? 5.891   -6.522  0.839   1.00 15.75  ? 2078 HOH A O   1 
HETATM 856 O O   . HOH C 3 .  ? 5.256   -1.073  -6.423  0.50 29.33  ? 2079 HOH A O   1 
HETATM 857 O O   . HOH C 3 .  ? 4.894   -0.822  -5.729  0.50 30.00  ? 2080 HOH A O   1 
HETATM 858 O O   . HOH C 3 .  ? 1.921   -13.616 0.945   1.00 22.13  ? 2081 HOH A O   1 
HETATM 859 O O   . HOH C 3 .  ? -7.180  -13.857 -18.533 1.00 22.79  ? 2082 HOH A O   1 
HETATM 860 O O   . HOH C 3 .  ? -4.931  -8.711  -18.833 1.00 31.67  ? 2083 HOH A O   1 
# 
loop_
_atom_site_anisotrop.id 
_atom_site_anisotrop.type_symbol 
_atom_site_anisotrop.pdbx_label_atom_id 
_atom_site_anisotrop.pdbx_label_alt_id 
_atom_site_anisotrop.pdbx_label_comp_id 
_atom_site_anisotrop.pdbx_label_asym_id 
_atom_site_anisotrop.pdbx_label_seq_id 
_atom_site_anisotrop.pdbx_PDB_ins_code 
_atom_site_anisotrop.U[1][1] 
_atom_site_anisotrop.U[2][2] 
_atom_site_anisotrop.U[3][3] 
_atom_site_anisotrop.U[1][2] 
_atom_site_anisotrop.U[1][3] 
_atom_site_anisotrop.U[2][3] 
_atom_site_anisotrop.pdbx_auth_seq_id 
_atom_site_anisotrop.pdbx_auth_comp_id 
_atom_site_anisotrop.pdbx_auth_asym_id 
_atom_site_anisotrop.pdbx_auth_atom_id 
1   N N   . VAL A 1  ? 0.2198 0.2580 0.2980 -0.0182 -0.0372 -0.0212 30  VAL A N   
2   C CA  . VAL A 1  ? 0.2053 0.2363 0.2771 -0.0188 -0.0322 -0.0181 30  VAL A CA  
3   C C   . VAL A 1  ? 0.1967 0.2186 0.2587 -0.0227 -0.0301 -0.0152 30  VAL A C   
4   O O   . VAL A 1  ? 0.2036 0.2189 0.2595 -0.0216 -0.0333 -0.0131 30  VAL A O   
5   C CB  . VAL A 1  ? 0.2153 0.2402 0.2829 -0.0135 -0.0342 -0.0154 30  VAL A CB  
6   C CG1 . VAL A 1  ? 0.2065 0.2268 0.2696 -0.0142 -0.0290 -0.0132 30  VAL A CG1 
7   C CG2 . VAL A 1  ? 0.2424 0.2740 0.3177 -0.0085 -0.0376 -0.0181 30  VAL A CG2 
8   N N   . SER A 2  ? 0.1753 0.1958 0.2348 -0.0272 -0.0249 -0.0154 31  SER A N   
9   C CA  . SER A 2  ? 0.1693 0.1801 0.2183 -0.0305 -0.0231 -0.0132 31  SER A CA  
10  C C   . SER A 2  ? 0.1574 0.1588 0.1976 -0.0270 -0.0234 -0.0094 31  SER A C   
11  O O   . SER A 2  ? 0.1485 0.1502 0.1898 -0.0235 -0.0231 -0.0084 31  SER A O   
12  C CB  . SER A 2  ? 0.1729 0.1820 0.2189 -0.0358 -0.0177 -0.0142 31  SER A CB  
13  O OG  . SER A 2  ? 0.1676 0.1737 0.2111 -0.0338 -0.0145 -0.0129 31  SER A OG  
14  N N   . GLY A 3  ? 0.1645 0.1577 0.1958 -0.0280 -0.0237 -0.0075 32  GLY A N   
15  C CA  . GLY A 3  ? 0.1702 0.1558 0.1932 -0.0251 -0.0232 -0.0047 32  GLY A CA  
16  C C   . GLY A 3  ? 0.1544 0.1379 0.1749 -0.0244 -0.0191 -0.0042 32  GLY A C   
17  O O   . GLY A 3  ? 0.1666 0.1488 0.1853 -0.0210 -0.0191 -0.0028 32  GLY A O   
18  N N   . GLN A 4  ? 0.1534 0.1363 0.1731 -0.0280 -0.0158 -0.0055 33  GLN A N   
19  C CA  . GLN A 4  ? 0.1570 0.1372 0.1736 -0.0275 -0.0121 -0.0052 33  GLN A CA  
20  C C   . GLN A 4  ? 0.1480 0.1353 0.1727 -0.0247 -0.0120 -0.0055 33  GLN A C   
21  O O   . GLN A 4  ? 0.1596 0.1444 0.1814 -0.0219 -0.0110 -0.0043 33  GLN A O   
22  C CB  . GLN A 4  ? 0.1696 0.1475 0.1835 -0.0328 -0.0084 -0.0068 33  GLN A CB  
23  C CG  . GLN A 4  ? 0.1980 0.1724 0.2080 -0.0326 -0.0046 -0.0067 33  GLN A CG  
24  C CD  . GLN A 4  ? 0.2003 0.1701 0.2049 -0.0385 -0.0008 -0.0081 33  GLN A CD  
25  O OE1 . GLN A 4  ? 0.2077 0.1840 0.2186 -0.0432 0.0001  -0.0106 33  GLN A OE1 
26  N NE2 . GLN A 4  ? 0.2313 0.1892 0.2231 -0.0385 0.0012  -0.0070 33  GLN A NE2 
27  N N   . ALA A 5  ? 0.1565 0.1525 0.1910 -0.0253 -0.0133 -0.0077 34  ALA A N   
28  C CA  . ALA A 5  ? 0.1495 0.1517 0.1913 -0.0224 -0.0135 -0.0084 34  ALA A CA  
29  C C   . ALA A 5  ? 0.1374 0.1375 0.1778 -0.0179 -0.0168 -0.0064 34  ALA A C   
30  O O   . ALA A 5  ? 0.1508 0.1513 0.1919 -0.0155 -0.0160 -0.0059 34  ALA A O   
31  C CB  . ALA A 5  ? 0.1610 0.1732 0.2132 -0.0234 -0.0146 -0.0117 34  ALA A CB  
32  N N   . GLN A 6  ? 0.1472 0.1449 0.1850 -0.0173 -0.0202 -0.0054 35  GLN A N   
33  C CA  A GLN A 6  ? 0.1483 0.1428 0.1828 -0.0142 -0.0229 -0.0035 35  GLN A CA  
34  C CA  B GLN A 6  ? 0.1490 0.1434 0.1835 -0.0142 -0.0228 -0.0036 35  GLN A CA  
35  C C   . GLN A 6  ? 0.1450 0.1346 0.1728 -0.0134 -0.0203 -0.0018 35  GLN A C   
36  O O   . GLN A 6  ? 0.1447 0.1343 0.1721 -0.0113 -0.0203 -0.0012 35  GLN A O   
37  C CB  A GLN A 6  ? 0.1587 0.1500 0.1896 -0.0146 -0.0263 -0.0028 35  GLN A CB  
38  C CB  B GLN A 6  ? 0.1605 0.1522 0.1919 -0.0145 -0.0264 -0.0030 35  GLN A CB  
39  C CG  A GLN A 6  ? 0.1795 0.1757 0.2167 -0.0147 -0.0301 -0.0047 35  GLN A CG  
40  C CG  B GLN A 6  ? 0.1827 0.1793 0.2207 -0.0144 -0.0302 -0.0049 35  GLN A CG  
41  C CD  A GLN A 6  ? 0.1685 0.1607 0.2013 -0.0155 -0.0333 -0.0040 35  GLN A CD  
42  C CD  B GLN A 6  ? 0.1800 0.1732 0.2141 -0.0154 -0.0335 -0.0044 35  GLN A CD  
43  N NE2 A GLN A 6  ? 0.1490 0.1454 0.1865 -0.0171 -0.0354 -0.0062 35  GLN A NE2 
44  N NE2 B GLN A 6  ? 0.1258 0.1123 0.1520 -0.0148 -0.0340 -0.0022 35  GLN A NE2 
45  N N   . LEU A 7  ? 0.1452 0.1307 0.1670 -0.0148 -0.0184 -0.0013 36  LEU A N   
46  C CA  . LEU A 7  ? 0.1425 0.1242 0.1580 -0.0133 -0.0164 -0.0003 36  LEU A CA  
47  C C   . LEU A 7  ? 0.1395 0.1233 0.1576 -0.0124 -0.0139 -0.0007 36  LEU A C   
48  O O   . LEU A 7  ? 0.1469 0.1305 0.1630 -0.0104 -0.0134 -0.0001 36  LEU A O   
49  C CB  . LEU A 7  ? 0.1552 0.1313 0.1633 -0.0143 -0.0153 -0.0001 36  LEU A CB  
50  C CG  . LEU A 7  ? 0.1797 0.1520 0.1809 -0.0117 -0.0136 0.0003  36  LEU A CG  
51  C CD1 . LEU A 7  ? 0.2164 0.1902 0.2161 -0.0093 -0.0151 0.0008  36  LEU A CD1 
52  C CD2 . LEU A 7  ? 0.2033 0.1683 0.1961 -0.0122 -0.0127 0.0002  36  LEU A CD2 
53  N N   . GLU A 8  ? 0.1474 0.1331 0.1692 -0.0144 -0.0119 -0.0020 37  GLU A N   
54  C CA  . GLU A 8  ? 0.1508 0.1377 0.1740 -0.0139 -0.0091 -0.0025 37  GLU A CA  
55  C C   . GLU A 8  ? 0.1486 0.1397 0.1772 -0.0116 -0.0104 -0.0025 37  GLU A C   
56  O O   . GLU A 8  ? 0.1514 0.1417 0.1782 -0.0099 -0.0090 -0.0020 37  GLU A O   
57  C CB  . GLU A 8  ? 0.1708 0.1593 0.1967 -0.0172 -0.0064 -0.0042 37  GLU A CB  
58  C CG  . GLU A 8  ? 0.1838 0.1704 0.2075 -0.0172 -0.0028 -0.0045 37  GLU A CG  
59  C CD  . GLU A 8  ? 0.1931 0.1711 0.2062 -0.0166 -0.0014 -0.0034 37  GLU A CD  
60  O OE1 . GLU A 8  ? 0.1866 0.1602 0.1939 -0.0160 -0.0031 -0.0025 37  GLU A OE1 
61  O OE2 . GLU A 8  ? 0.2360 0.2109 0.2454 -0.0166 0.0012  -0.0035 37  GLU A OE2 
62  N N   . GLN A 9  ? 0.1358 0.1307 0.1699 -0.0112 -0.0132 -0.0031 38  GLN A N   
63  C CA  . GLN A 9  ? 0.1392 0.1362 0.1766 -0.0086 -0.0148 -0.0032 38  GLN A CA  
64  C C   . GLN A 9  ? 0.1423 0.1352 0.1738 -0.0073 -0.0160 -0.0015 38  GLN A C   
65  O O   . GLN A 9  ? 0.1518 0.1442 0.1828 -0.0059 -0.0153 -0.0011 38  GLN A O   
66  C CB  . GLN A 9  ? 0.1601 0.1609 0.2033 -0.0078 -0.0185 -0.0046 38  GLN A CB  
67  C CG  . GLN A 9  ? 0.2101 0.2180 0.2614 -0.0090 -0.0172 -0.0074 38  GLN A CG  
68  C CD  . GLN A 9  ? 0.2637 0.2764 0.3210 -0.0076 -0.0214 -0.0094 38  GLN A CD  
69  O OE1 . GLN A 9  ? 0.3126 0.3228 0.3683 -0.0047 -0.0254 -0.0087 38  GLN A OE1 
70  N NE2 . GLN A 9  ? 0.3069 0.3267 0.3708 -0.0099 -0.0204 -0.0122 38  GLN A NE2 
71  N N   . LEU A 10 ? 0.1375 0.1277 0.1646 -0.0079 -0.0176 -0.0005 39  LEU A N   
72  C CA  . LEU A 10 ? 0.1355 0.1226 0.1570 -0.0074 -0.0182 0.0007  39  LEU A CA  
73  C C   . LEU A 10 ? 0.1283 0.1153 0.1464 -0.0071 -0.0152 0.0008  39  LEU A C   
74  O O   . LEU A 10 ? 0.1367 0.1236 0.1528 -0.0066 -0.0149 0.0010  39  LEU A O   
75  C CB  . LEU A 10 ? 0.1482 0.1329 0.1656 -0.0082 -0.0202 0.0014  39  LEU A CB  
76  C CG  . LEU A 10 ? 0.1692 0.1531 0.1886 -0.0082 -0.0239 0.0013  39  LEU A CG  
77  C CD1 . LEU A 10 ? 0.2004 0.1811 0.2145 -0.0094 -0.0256 0.0020  39  LEU A CD1 
78  C CD2 . LEU A 10 ? 0.1954 0.1781 0.2154 -0.0067 -0.0260 0.0012  39  LEU A CD2 
79  N N   . ALA A 11 ? 0.1283 0.1146 0.1451 -0.0073 -0.0133 0.0004  40  ALA A N   
80  C CA  . ALA A 11 ? 0.1289 0.1144 0.1418 -0.0062 -0.0111 0.0003  40  ALA A CA  
81  C C   . ALA A 11 ? 0.1373 0.1243 0.1528 -0.0055 -0.0094 0.0000  40  ALA A C   
82  O O   . ALA A 11 ? 0.1370 0.1243 0.1501 -0.0044 -0.0085 -0.0002 40  ALA A O   
83  C CB  . ALA A 11 ? 0.1425 0.1246 0.1514 -0.0063 -0.0099 0.0000  40  ALA A CB  
84  N N   . SER A 12 ? 0.1350 0.1234 0.1557 -0.0062 -0.0091 -0.0004 41  SER A N   
85  C CA  A SER A 12 ? 0.1335 0.1232 0.1568 -0.0055 -0.0074 -0.0010 41  SER A CA  
86  C CA  B SER A 12 ? 0.1482 0.1378 0.1712 -0.0056 -0.0073 -0.0010 41  SER A CA  
87  C C   . SER A 12 ? 0.1333 0.1235 0.1566 -0.0046 -0.0088 -0.0006 41  SER A C   
88  O O   . SER A 12 ? 0.1371 0.1270 0.1588 -0.0039 -0.0073 -0.0007 41  SER A O   
89  C CB  A SER A 12 ? 0.1246 0.1171 0.1543 -0.0064 -0.0068 -0.0021 41  SER A CB  
90  C CB  B SER A 12 ? 0.1560 0.1481 0.1849 -0.0064 -0.0062 -0.0022 41  SER A CB  
91  O OG  A SER A 12 ? 0.1228 0.1144 0.1516 -0.0084 -0.0045 -0.0029 41  SER A OG  
92  O OG  B SER A 12 ? 0.2247 0.2196 0.2586 -0.0060 -0.0089 -0.0026 41  SER A OG  
93  N N   . VAL A 13 ? 0.1315 0.1215 0.1557 -0.0046 -0.0115 -0.0003 42  VAL A N   
94  C CA  . VAL A 13 ? 0.1442 0.1324 0.1661 -0.0043 -0.0127 0.0002  42  VAL A CA  
95  C C   . VAL A 13 ? 0.1312 0.1190 0.1477 -0.0053 -0.0120 0.0005  42  VAL A C   
96  O O   . VAL A 13 ? 0.1365 0.1236 0.1507 -0.0056 -0.0113 0.0004  42  VAL A O   
97  C CB  . VAL A 13 ? 0.1851 0.1712 0.2075 -0.0039 -0.0162 0.0004  42  VAL A CB  
98  C CG1 . VAL A 13 ? 0.2035 0.1921 0.2324 -0.0021 -0.0171 -0.0009 42  VAL A CG1 
99  C CG2 . VAL A 13 ? 0.1993 0.1838 0.2187 -0.0050 -0.0182 0.0010  42  VAL A CG2 
100 N N   . ALA A 14 ? 0.1285 0.1168 0.1426 -0.0058 -0.0121 0.0006  43  ALA A N   
101 C CA  . ALA A 14 ? 0.1264 0.1163 0.1363 -0.0065 -0.0113 0.0001  43  ALA A CA  
102 C C   . ALA A 14 ? 0.1177 0.1096 0.1273 -0.0052 -0.0092 -0.0008 43  ALA A C   
103 O O   . ALA A 14 ? 0.1213 0.1152 0.1289 -0.0058 -0.0085 -0.0015 43  ALA A O   
104 C CB  . ALA A 14 ? 0.1338 0.1240 0.1412 -0.0066 -0.0120 -0.0001 43  ALA A CB  
105 N N   . ALA A 15 ? 0.1122 0.1032 0.1230 -0.0038 -0.0081 -0.0008 44  ALA A N   
106 C CA  . ALA A 15 ? 0.1190 0.1102 0.1281 -0.0023 -0.0064 -0.0016 44  ALA A CA  
107 C C   . ALA A 15 ? 0.1093 0.1010 0.1202 -0.0026 -0.0055 -0.0015 44  ALA A C   
108 O O   . ALA A 15 ? 0.1211 0.1143 0.1300 -0.0021 -0.0048 -0.0024 44  ALA A O   
109 C CB  . ALA A 15 ? 0.1246 0.1126 0.1329 -0.0014 -0.0051 -0.0015 44  ALA A CB  
110 N N   . GLY A 16 ? 0.1112 0.1016 0.1257 -0.0032 -0.0057 -0.0010 45  GLY A N   
111 C CA  . GLY A 16 ? 0.1134 0.1031 0.1289 -0.0031 -0.0051 -0.0011 45  GLY A CA  
112 C C   . GLY A 16 ? 0.1096 0.0993 0.1221 -0.0044 -0.0060 -0.0011 45  GLY A C   
113 O O   . GLY A 16 ? 0.1169 0.1064 0.1278 -0.0046 -0.0050 -0.0016 45  GLY A O   
114 N N   . ALA A 17 ? 0.1164 0.1055 0.1273 -0.0058 -0.0077 -0.0007 46  ALA A N   
115 C CA  . ALA A 17 ? 0.1194 0.1077 0.1258 -0.0083 -0.0083 -0.0010 46  ALA A CA  
116 C C   . ALA A 17 ? 0.1230 0.1159 0.1273 -0.0090 -0.0069 -0.0024 46  ALA A C   
117 O O   . ALA A 17 ? 0.1264 0.1199 0.1283 -0.0109 -0.0062 -0.0031 46  ALA A O   
118 C CB  . ALA A 17 ? 0.1389 0.1243 0.1428 -0.0099 -0.0102 -0.0003 46  ALA A CB  
119 N N   . ARG A 18 ? 0.1205 0.1168 0.1257 -0.0076 -0.0066 -0.0031 47  ARG A N   
120 C CA  A ARG A 18 ? 0.1217 0.1238 0.1254 -0.0071 -0.0057 -0.0051 47  ARG A CA  
121 C CA  B ARG A 18 ? 0.1192 0.1213 0.1229 -0.0071 -0.0057 -0.0051 47  ARG A CA  
122 C C   . ARG A 18 ? 0.1170 0.1193 0.1210 -0.0056 -0.0046 -0.0057 47  ARG A C   
123 O O   . ARG A 18 ? 0.1175 0.1239 0.1202 -0.0063 -0.0042 -0.0073 47  ARG A O   
124 C CB  A ARG A 18 ? 0.1329 0.1372 0.1364 -0.0046 -0.0061 -0.0058 47  ARG A CB  
125 C CB  B ARG A 18 ? 0.1290 0.1332 0.1325 -0.0046 -0.0062 -0.0058 47  ARG A CB  
126 C CG  A ARG A 18 ? 0.1455 0.1516 0.1478 -0.0063 -0.0070 -0.0062 47  ARG A CG  
127 C CG  B ARG A 18 ? 0.1258 0.1361 0.1277 -0.0028 -0.0060 -0.0085 47  ARG A CG  
128 C CD  A ARG A 18 ? 0.2091 0.2193 0.2100 -0.0034 -0.0073 -0.0081 47  ARG A CD  
129 C CD  B ARG A 18 ? 0.1690 0.1790 0.1694 0.0007  -0.0068 -0.0090 47  ARG A CD  
130 N NE  A ARG A 18 ? 0.1978 0.2045 0.1981 0.0003  -0.0076 -0.0076 47  ARG A NE  
131 N NE  B ARG A 18 ? 0.2216 0.2375 0.2203 0.0039  -0.0073 -0.0120 47  ARG A NE  
132 C CZ  A ARG A 18 ? 0.1953 0.1965 0.1959 0.0003  -0.0079 -0.0057 47  ARG A CZ  
133 C CZ  B ARG A 18 ? 0.2673 0.2813 0.2628 0.0083  -0.0083 -0.0129 47  ARG A CZ  
134 N NH1 A ARG A 18 ? 0.1719 0.1710 0.1741 -0.0024 -0.0085 -0.0042 47  ARG A NH1 
135 N NH1 B ARG A 18 ? 0.3150 0.3208 0.3085 0.0094  -0.0085 -0.0107 47  ARG A NH1 
136 N NH2 A ARG A 18 ? 0.1713 0.1682 0.1696 0.0029  -0.0079 -0.0055 47  ARG A NH2 
137 N NH2 B ARG A 18 ? 0.2889 0.3088 0.2829 0.0119  -0.0093 -0.0162 47  ARG A NH2 
138 N N   . TYR A 19 ? 0.1168 0.1152 0.1224 -0.0037 -0.0041 -0.0044 48  TYR A N   
139 C CA  . TYR A 19 ? 0.1132 0.1105 0.1184 -0.0024 -0.0029 -0.0048 48  TYR A CA  
140 C C   . TYR A 19 ? 0.1060 0.1026 0.1105 -0.0047 -0.0026 -0.0049 48  TYR A C   
141 O O   . TYR A 19 ? 0.1104 0.1089 0.1133 -0.0050 -0.0021 -0.0061 48  TYR A O   
142 C CB  . TYR A 19 ? 0.2698 0.2626 0.2765 -0.0009 -0.0019 -0.0038 48  TYR A CB  
143 C CG  . TYR A 19 ? 0.2715 0.2628 0.2760 0.0008  -0.0005 -0.0044 48  TYR A CG  
144 C CD1 . TYR A 19 ? 0.2722 0.2620 0.2772 0.0003  0.0006  -0.0043 48  TYR A CD1 
145 C CD2 . TYR A 19 ? 0.2738 0.2639 0.2745 0.0032  -0.0006 -0.0052 48  TYR A CD2 
146 C CE1 . TYR A 19 ? 0.2744 0.2622 0.2767 0.0017  0.0018  -0.0048 48  TYR A CE1 
147 C CE2 . TYR A 19 ? 0.2768 0.2641 0.2741 0.0048  0.0004  -0.0057 48  TYR A CE2 
148 C CZ  . TYR A 19 ? 0.2768 0.2631 0.2751 0.0039  0.0017  -0.0056 48  TYR A CZ  
149 O OH  . TYR A 19 ? 0.2807 0.2634 0.2746 0.0055  0.0026  -0.0061 48  TYR A OH  
150 N N   . LEU A 20 ? 0.1059 0.0991 0.1110 -0.0063 -0.0033 -0.0036 49  LEU A N   
151 C CA  . LEU A 20 ? 0.1172 0.1074 0.1197 -0.0085 -0.0033 -0.0036 49  LEU A CA  
152 C C   . LEU A 20 ? 0.1168 0.1108 0.1155 -0.0118 -0.0032 -0.0052 49  LEU A C   
153 O O   . LEU A 20 ? 0.1193 0.1131 0.1156 -0.0133 -0.0024 -0.0061 49  LEU A O   
154 C CB  . LEU A 20 ? 0.2781 0.2629 0.2801 -0.0091 -0.0048 -0.0023 49  LEU A CB  
155 C CG  . LEU A 20 ? 0.2778 0.2598 0.2838 -0.0062 -0.0050 -0.0016 49  LEU A CG  
156 C CD1 . LEU A 20 ? 0.2820 0.2588 0.2868 -0.0061 -0.0075 -0.0008 49  LEU A CD1 
157 C CD2 . LEU A 20 ? 0.2790 0.2593 0.2848 -0.0051 -0.0036 -0.0020 49  LEU A CD2 
158 N N   . LYS A 21 ? 0.1182 0.1156 0.1165 -0.0132 -0.0037 -0.0057 50  LYS A N   
159 C CA  . LYS A 21 ? 0.1335 0.1359 0.1289 -0.0169 -0.0032 -0.0078 50  LYS A CA  
160 C C   . LYS A 21 ? 0.1449 0.1546 0.1416 -0.0155 -0.0024 -0.0102 50  LYS A C   
161 O O   . LYS A 21 ? 0.1557 0.1688 0.1502 -0.0188 -0.0017 -0.0122 50  LYS A O   
162 C CB  . LYS A 21 ? 0.1475 0.1534 0.1427 -0.0179 -0.0036 -0.0084 50  LYS A CB  
163 C CG  . LYS A 21 ? 0.1809 0.1957 0.1746 -0.0215 -0.0026 -0.0118 50  LYS A CG  
164 C CD  . LYS A 21 ? 0.1758 0.1935 0.1686 -0.0233 -0.0026 -0.0126 50  LYS A CD  
165 C CE  . LYS A 21 ? 0.1315 0.1516 0.1277 -0.0184 -0.0036 -0.0125 50  LYS A CE  
166 N NZ  . LYS A 21 ? 0.1257 0.1554 0.1246 -0.0149 -0.0035 -0.0157 50  LYS A NZ  
167 N N   . ASN A 22 ? 0.1260 0.1380 0.1254 -0.0110 -0.0027 -0.0105 51  ASN A N   
168 C CA  . ASN A 22 ? 0.1357 0.1543 0.1354 -0.0087 -0.0028 -0.0131 51  ASN A CA  
169 C C   . ASN A 22 ? 0.1413 0.1572 0.1403 -0.0073 -0.0024 -0.0130 51  ASN A C   
170 O O   . ASN A 22 ? 0.1729 0.1944 0.1712 -0.0074 -0.0025 -0.0154 51  ASN A O   
171 C CB  . ASN A 22 ? 0.1344 0.1547 0.1352 -0.0040 -0.0039 -0.0136 51  ASN A CB  
172 C CG  . ASN A 22 ? 0.1224 0.1480 0.1235 -0.0048 -0.0043 -0.0149 51  ASN A CG  
173 O OD1 . ASN A 22 ? 0.1270 0.1563 0.1277 -0.0093 -0.0037 -0.0161 51  ASN A OD1 
174 N ND2 . ASN A 22 ? 0.1448 0.1695 0.1456 -0.0010 -0.0053 -0.0149 51  ASN A ND2 
175 N N   . LYS A 23 ? 0.1315 0.1398 0.1308 -0.0061 -0.0019 -0.0104 52  LYS A N   
176 C CA  . LYS A 23 ? 0.1388 0.1437 0.1370 -0.0041 -0.0012 -0.0103 52  LYS A CA  
177 C C   . LYS A 23 ? 0.1289 0.1282 0.1262 -0.0063 -0.0003 -0.0089 52  LYS A C   
178 O O   . LYS A 23 ? 0.1383 0.1353 0.1345 -0.0052 0.0005  -0.0091 52  LYS A O   
179 C CB  . LYS A 23 ? 0.1556 0.1562 0.1541 -0.0005 -0.0009 -0.0090 52  LYS A CB  
180 C CG  . LYS A 23 ? 0.2165 0.2194 0.2141 0.0026  -0.0020 -0.0100 52  LYS A CG  
181 C CD  . LYS A 23 ? 0.2447 0.2468 0.2385 0.0064  -0.0026 -0.0114 52  LYS A CD  
182 C CE  . LYS A 23 ? 0.2882 0.2914 0.2795 0.0101  -0.0042 -0.0127 52  LYS A CE  
183 N NZ  . LYS A 23 ? 0.3374 0.3359 0.3229 0.0143  -0.0049 -0.0136 52  LYS A NZ  
184 N N   . CYS A 24 ? 0.1213 0.1180 0.1186 -0.0091 -0.0005 -0.0078 53  CYS A N   
185 C CA  . CYS A 24 ? 0.1318 0.1216 0.1274 -0.0102 -0.0002 -0.0065 53  CYS A CA  
186 C C   . CYS A 24 ? 0.1421 0.1302 0.1329 -0.0148 -0.0005 -0.0070 53  CYS A C   
187 O O   . CYS A 24 ? 0.1571 0.1379 0.1450 -0.0158 -0.0009 -0.0058 53  CYS A O   
188 C CB  . CYS A 24 ? 0.1338 0.1188 0.1320 -0.0082 -0.0005 -0.0047 53  CYS A CB  
189 S SG  . CYS A 24 ? 0.1310 0.1172 0.1336 -0.0043 0.0006  -0.0044 53  CYS A SG  
190 N N   . ASN A 25 ? 0.1325 0.1274 0.1222 -0.0176 -0.0004 -0.0090 54  ASN A N   
191 C CA  . ASN A 25 ? 0.1500 0.1440 0.1341 -0.0235 -0.0001 -0.0102 54  ASN A CA  
192 C C   . ASN A 25 ? 0.1434 0.1308 0.1237 -0.0261 -0.0008 -0.0087 54  ASN A C   
193 O O   . ASN A 25 ? 0.1633 0.1451 0.1366 -0.0310 -0.0006 -0.0089 54  ASN A O   
194 C CB  . ASN A 25 ? 0.1727 0.1629 0.1528 -0.0251 0.0007  -0.0106 54  ASN A CB  
195 C CG  . ASN A 25 ? 0.1675 0.1648 0.1507 -0.0227 0.0010  -0.0125 54  ASN A CG  
196 O OD1 . ASN A 25 ? 0.2526 0.2456 0.2358 -0.0198 0.0013  -0.0117 54  ASN A OD1 
197 N ND2 . ASN A 25 ? 0.1850 0.1927 0.1704 -0.0233 0.0009  -0.0153 54  ASN A ND2 
198 N N   . ARG A 26 ? 0.1415 0.1287 0.1252 -0.0234 -0.0018 -0.0073 55  ARG A N   
199 C CA  . ARG A 26 ? 0.1469 0.1276 0.1264 -0.0256 -0.0030 -0.0061 55  ARG A CA  
200 C C   . ARG A 26 ? 0.1529 0.1388 0.1301 -0.0302 -0.0023 -0.0077 55  ARG A C   
201 O O   . ARG A 26 ? 0.1627 0.1509 0.1420 -0.0294 -0.0030 -0.0074 55  ARG A O   
202 C CB  . ARG A 26 ? 0.1495 0.1273 0.1334 -0.0209 -0.0045 -0.0041 55  ARG A CB  
203 C CG  . ARG A 26 ? 0.1411 0.1131 0.1265 -0.0171 -0.0050 -0.0029 55  ARG A CG  
204 C CD  . ARG A 26 ? 0.1655 0.1269 0.1435 -0.0186 -0.0063 -0.0021 55  ARG A CD  
205 N NE  . ARG A 26 ? 0.1789 0.1342 0.1518 -0.0202 -0.0084 -0.0013 55  ARG A NE  
206 C CZ  . ARG A 26 ? 0.1775 0.1278 0.1513 -0.0167 -0.0109 -0.0002 55  ARG A CZ  
207 N NH1 . ARG A 26 ? 0.1902 0.1426 0.1712 -0.0116 -0.0112 -0.0001 55  ARG A NH1 
208 N NH2 . ARG A 26 ? 0.2034 0.1469 0.1704 -0.0187 -0.0129 0.0004  55  ARG A NH2 
209 N N   . SER A 27 ? 0.1662 0.1540 0.1386 -0.0355 -0.0009 -0.0097 56  SER A N   
210 C CA  . SER A 27 ? 0.1848 0.1792 0.1549 -0.0411 0.0004  -0.0122 56  SER A CA  
211 C C   . SER A 27 ? 0.1920 0.1774 0.1541 -0.0454 0.0000  -0.0111 56  SER A C   
212 O O   . SER A 27 ? 0.2036 0.1941 0.1634 -0.0503 0.0014  -0.0131 56  SER A O   
213 C CB  . SER A 27 ? 0.2074 0.2077 0.1751 -0.0460 0.0023  -0.0154 56  SER A CB  
214 O OG  . SER A 27 ? 0.2453 0.2336 0.2042 -0.0499 0.0024  -0.0141 56  SER A OG  
215 N N   . ASP A 28 ? 0.1871 0.1596 0.1448 -0.0435 -0.0020 -0.0081 57  ASP A N   
216 C CA  . ASP A 28 ? 0.2000 0.1619 0.1498 -0.0457 -0.0034 -0.0065 57  ASP A CA  
217 C C   . ASP A 28 ? 0.1945 0.1601 0.1501 -0.0420 -0.0047 -0.0056 57  ASP A C   
218 O O   . ASP A 28 ? 0.2186 0.1771 0.1679 -0.0441 -0.0058 -0.0046 57  ASP A O   
219 C CB  . ASP A 28 ? 0.2168 0.1635 0.1598 -0.0436 -0.0058 -0.0041 57  ASP A CB  
220 C CG  . ASP A 28 ? 0.2036 0.1514 0.1554 -0.0356 -0.0075 -0.0026 57  ASP A CG  
221 O OD1 . ASP A 28 ? 0.1896 0.1460 0.1492 -0.0331 -0.0061 -0.0035 57  ASP A OD1 
222 O OD2 . ASP A 28 ? 0.2279 0.1672 0.1780 -0.0320 -0.0102 -0.0009 57  ASP A OD2 
223 N N   . LEU A 29 ? 0.1784 0.1531 0.1444 -0.0365 -0.0047 -0.0057 58  LEU A N   
224 C CA  . LEU A 29 ? 0.1702 0.1478 0.1410 -0.0333 -0.0059 -0.0050 58  LEU A CA  
225 C C   . LEU A 29 ? 0.1730 0.1600 0.1445 -0.0365 -0.0041 -0.0074 58  LEU A C   
226 O O   . LEU A 29 ? 0.1894 0.1848 0.1617 -0.0390 -0.0021 -0.0102 58  LEU A O   
227 C CB  . LEU A 29 ? 0.1658 0.1477 0.1458 -0.0268 -0.0066 -0.0042 58  LEU A CB  
228 C CG  . LEU A 29 ? 0.1971 0.1712 0.1776 -0.0234 -0.0081 -0.0024 58  LEU A CG  
229 C CD1 . LEU A 29 ? 0.1897 0.1687 0.1787 -0.0182 -0.0078 -0.0020 58  LEU A CD1 
230 C CD2 . LEU A 29 ? 0.2320 0.1967 0.2083 -0.0230 -0.0108 -0.0007 58  LEU A CD2 
231 N N   . PRO A 30 ? 0.1890 0.1755 0.1605 -0.0359 -0.0050 -0.0068 59  PRO A N   
232 C CA  . PRO A 30 ? 0.1936 0.1888 0.1651 -0.0388 -0.0033 -0.0094 59  PRO A CA  
233 C C   . PRO A 30 ? 0.1596 0.1658 0.1397 -0.0336 -0.0032 -0.0109 59  PRO A C   
234 O O   . PRO A 30 ? 0.1520 0.1582 0.1372 -0.0286 -0.0040 -0.0097 59  PRO A O   
235 C CB  . PRO A 30 ? 0.2189 0.2062 0.1850 -0.0404 -0.0047 -0.0078 59  PRO A CB  
236 C CG  . PRO A 30 ? 0.1954 0.1766 0.1651 -0.0347 -0.0076 -0.0049 59  PRO A CG  
237 C CD  . PRO A 30 ? 0.1996 0.1772 0.1700 -0.0331 -0.0079 -0.0041 59  PRO A CD  
238 N N   . ALA A 31 ? 0.1566 0.1715 0.1374 -0.0350 -0.0018 -0.0136 60  ALA A N   
239 C CA  . ALA A 31 ? 0.1525 0.1773 0.1396 -0.0300 -0.0019 -0.0156 60  ALA A CA  
240 C C   . ALA A 31 ? 0.1326 0.1529 0.1225 -0.0245 -0.0040 -0.0131 60  ALA A C   
241 O O   . ALA A 31 ? 0.1371 0.1490 0.1248 -0.0251 -0.0052 -0.0104 60  ALA A O   
242 C CB  . ALA A 31 ? 0.1675 0.2028 0.1542 -0.0328 -0.0001 -0.0197 60  ALA A CB  
243 N N   . ASP A 32 ? 0.1245 0.1502 0.1187 -0.0192 -0.0044 -0.0143 61  ASP A N   
244 C CA  . ASP A 32 ? 0.1277 0.1486 0.1236 -0.0145 -0.0060 -0.0121 61  ASP A CA  
245 C C   . ASP A 32 ? 0.1272 0.1444 0.1208 -0.0155 -0.0068 -0.0110 61  ASP A C   
246 O O   . ASP A 32 ? 0.1309 0.1410 0.1249 -0.0144 -0.0082 -0.0082 61  ASP A O   
247 C CB  . ASP A 32 ? 0.1323 0.1587 0.1302 -0.0090 -0.0063 -0.0141 61  ASP A CB  
248 C CG  . ASP A 32 ? 0.1439 0.1718 0.1434 -0.0070 -0.0061 -0.0147 61  ASP A CG  
249 O OD1 . ASP A 32 ? 0.1340 0.1585 0.1336 -0.0096 -0.0055 -0.0133 61  ASP A OD1 
250 O OD2 . ASP A 32 ? 0.1583 0.1899 0.1581 -0.0024 -0.0067 -0.0166 61  ASP A OD2 
251 N N   . GLU A 33 ? 0.1274 0.1502 0.1192 -0.0178 -0.0058 -0.0134 62  GLU A N   
252 C CA  . GLU A 33 ? 0.1419 0.1612 0.1310 -0.0187 -0.0066 -0.0126 62  GLU A CA  
253 C C   . GLU A 33 ? 0.1448 0.1544 0.1301 -0.0226 -0.0074 -0.0097 62  GLU A C   
254 O O   . GLU A 33 ? 0.1498 0.1533 0.1341 -0.0218 -0.0091 -0.0076 62  GLU A O   
255 C CB  . GLU A 33 ? 0.2818 0.3098 0.2693 -0.0205 -0.0049 -0.0164 62  GLU A CB  
256 C CG  . GLU A 33 ? 0.2858 0.3169 0.2700 -0.0274 -0.0027 -0.0183 62  GLU A CG  
257 C CD  . GLU A 33 ? 0.2923 0.3142 0.2700 -0.0326 -0.0028 -0.0162 62  GLU A CD  
258 O OE1 . GLU A 33 ? 0.2932 0.3089 0.2695 -0.0308 -0.0044 -0.0141 62  GLU A OE1 
259 O OE2 . GLU A 33 ? 0.2976 0.3178 0.2704 -0.0387 -0.0011 -0.0168 62  GLU A OE2 
260 N N   . ALA A 34 ? 0.1399 0.1478 0.1226 -0.0266 -0.0066 -0.0097 63  ALA A N   
261 C CA  . ALA A 34 ? 0.1478 0.1448 0.1253 -0.0297 -0.0079 -0.0071 63  ALA A CA  
262 C C   . ALA A 34 ? 0.1339 0.1246 0.1147 -0.0257 -0.0102 -0.0043 63  ALA A C   
263 O O   . ALA A 34 ? 0.1495 0.1321 0.1279 -0.0257 -0.0125 -0.0022 63  ALA A O   
264 C CB  . ALA A 34 ? 0.1528 0.1482 0.1246 -0.0354 -0.0062 -0.0082 63  ALA A CB  
265 N N   . ILE A 35 ? 0.1333 0.1279 0.1195 -0.0225 -0.0097 -0.0045 64  ILE A N   
266 C CA  . ILE A 35 ? 0.1436 0.1340 0.1339 -0.0188 -0.0113 -0.0024 64  ILE A CA  
267 C C   . ILE A 35 ? 0.1424 0.1319 0.1350 -0.0163 -0.0128 -0.0016 64  ILE A C   
268 O O   . ILE A 35 ? 0.1485 0.1327 0.1421 -0.0153 -0.0149 0.0001  64  ILE A O   
269 C CB  . ILE A 35 ? 0.1392 0.1340 0.1338 -0.0162 -0.0099 -0.0032 64  ILE A CB  
270 C CG1 . ILE A 35 ? 0.1509 0.1450 0.1429 -0.0190 -0.0089 -0.0038 64  ILE A CG1 
271 C CG2 . ILE A 35 ? 0.1467 0.1386 0.1460 -0.0128 -0.0109 -0.0016 64  ILE A CG2 
272 C CD1 . ILE A 35 ? 0.1585 0.1572 0.1539 -0.0169 -0.0075 -0.0048 64  ILE A CD1 
273 N N   . ASN A 36 ? 0.1520 0.1463 0.1450 -0.0153 -0.0119 -0.0028 65  ASN A N   
274 C CA  . ASN A 36 ? 0.1536 0.1463 0.1474 -0.0134 -0.0133 -0.0021 65  ASN A CA  
275 C C   . ASN A 36 ? 0.1579 0.1450 0.1481 -0.0158 -0.0151 -0.0009 65  ASN A C   
276 O O   . ASN A 36 ? 0.1634 0.1463 0.1551 -0.0146 -0.0173 0.0005  65  ASN A O   
277 C CB  . ASN A 36 ? 0.1608 0.1590 0.1539 -0.0116 -0.0121 -0.0042 65  ASN A CB  
278 C CG  . ASN A 36 ? 0.2296 0.2252 0.2218 -0.0098 -0.0134 -0.0036 65  ASN A CG  
279 O OD1 . ASN A 36 ? 0.2680 0.2612 0.2574 -0.0117 -0.0143 -0.0033 65  ASN A OD1 
280 N ND2 . ASN A 36 ? 0.2753 0.2702 0.2687 -0.0067 -0.0133 -0.0036 65  ASN A ND2 
281 N N   . ARG A 37 ? 0.1615 0.1481 0.1463 -0.0193 -0.0145 -0.0018 66  ARG A N   
282 C CA  . ARG A 37 ? 0.1779 0.1576 0.1573 -0.0218 -0.0164 -0.0006 66  ARG A CA  
283 C C   . ARG A 37 ? 0.1766 0.1486 0.1555 -0.0213 -0.0191 0.0013  66  ARG A C   
284 O O   . ARG A 37 ? 0.1842 0.1509 0.1621 -0.0205 -0.0220 0.0025  66  ARG A O   
285 C CB  . ARG A 37 ? 0.1936 0.1732 0.1661 -0.0267 -0.0147 -0.0021 66  ARG A CB  
286 C CG  . ARG A 37 ? 0.2382 0.2254 0.2105 -0.0271 -0.0126 -0.0045 66  ARG A CG  
287 C CD  . ARG A 37 ? 0.2651 0.2521 0.2300 -0.0329 -0.0106 -0.0062 66  ARG A CD  
288 N NE  . ARG A 37 ? 0.2479 0.2401 0.2122 -0.0361 -0.0079 -0.0083 66  ARG A NE  
289 C CZ  . ARG A 37 ? 0.2908 0.2769 0.2489 -0.0410 -0.0073 -0.0078 66  ARG A CZ  
290 N NH1 . ARG A 37 ? 0.3536 0.3269 0.3041 -0.0429 -0.0097 -0.0053 66  ARG A NH1 
291 N NH2 . ARG A 37 ? 0.2912 0.2830 0.2491 -0.0442 -0.0047 -0.0101 66  ARG A NH2 
292 N N   . ALA A 38 ? 0.1729 0.1447 0.1529 -0.0212 -0.0184 0.0013  67  ALA A N   
293 C CA  . ALA A 38 ? 0.1796 0.1446 0.1592 -0.0198 -0.0211 0.0027  67  ALA A CA  
294 C C   . ALA A 38 ? 0.1676 0.1344 0.1548 -0.0157 -0.0229 0.0033  67  ALA A C   
295 O O   . ALA A 38 ? 0.1775 0.1392 0.1643 -0.0142 -0.0263 0.0039  67  ALA A O   
296 C CB  . ALA A 38 ? 0.1895 0.1539 0.1683 -0.0204 -0.0198 0.0023  67  ALA A CB  
297 N N   . ALA A 39 ? 0.1546 0.1283 0.1481 -0.0140 -0.0210 0.0026  68  ALA A N   
298 C CA  . ALA A 39 ? 0.1551 0.1306 0.1550 -0.0113 -0.0220 0.0029  68  ALA A CA  
299 C C   . ALA A 39 ? 0.1673 0.1409 0.1661 -0.0115 -0.0242 0.0032  68  ALA A C   
300 O O   . ALA A 39 ? 0.1753 0.1478 0.1774 -0.0102 -0.0268 0.0033  68  ALA A O   
301 C CB  . ALA A 39 ? 0.1566 0.1374 0.1605 -0.0101 -0.0192 0.0021  68  ALA A CB  
302 N N   . ILE A 40 ? 0.1709 0.1446 0.1655 -0.0132 -0.0234 0.0030  69  ILE A N   
303 C CA  A ILE A 40 ? 0.1947 0.1654 0.1867 -0.0138 -0.0256 0.0034  69  ILE A CA  
304 C CA  B ILE A 40 ? 0.1933 0.1640 0.1853 -0.0138 -0.0256 0.0034  69  ILE A CA  
305 C C   . ILE A 40 ? 0.2085 0.1724 0.1967 -0.0142 -0.0291 0.0042  69  ILE A C   
306 O O   . ILE A 40 ? 0.2076 0.1698 0.1973 -0.0132 -0.0322 0.0044  69  ILE A O   
307 C CB  A ILE A 40 ? 0.1904 0.1620 0.1771 -0.0157 -0.0238 0.0028  69  ILE A CB  
308 C CB  B ILE A 40 ? 0.1868 0.1586 0.1737 -0.0155 -0.0238 0.0027  69  ILE A CB  
309 C CG1 A ILE A 40 ? 0.1966 0.1735 0.1860 -0.0140 -0.0215 0.0018  69  ILE A CG1 
310 C CG1 B ILE A 40 ? 0.1944 0.1716 0.1844 -0.0137 -0.0213 0.0018  69  ILE A CG1 
311 C CG2 A ILE A 40 ? 0.2170 0.1835 0.1987 -0.0170 -0.0262 0.0034  69  ILE A CG2 
312 C CG2 B ILE A 40 ? 0.2100 0.1778 0.1931 -0.0164 -0.0260 0.0032  69  ILE A CG2 
313 C CD1 A ILE A 40 ? 0.1997 0.1792 0.1848 -0.0148 -0.0197 0.0005  69  ILE A CD1 
314 C CD1 B ILE A 40 ? 0.1969 0.1732 0.1889 -0.0124 -0.0223 0.0022  69  ILE A CD1 
315 N N   . ASN A 41 ? 0.2066 0.1663 0.1894 -0.0157 -0.0291 0.0044  70  ASN A N   
316 C CA  . ASN A 41 ? 0.2306 0.1815 0.2073 -0.0158 -0.0329 0.0051  70  ASN A CA  
317 C C   . ASN A 41 ? 0.2219 0.1724 0.2041 -0.0119 -0.0361 0.0050  70  ASN A C   
318 O O   . ASN A 41 ? 0.2239 0.1690 0.2036 -0.0104 -0.0405 0.0052  70  ASN A O   
319 C CB  . ASN A 41 ? 0.2471 0.1921 0.2150 -0.0189 -0.0317 0.0053  70  ASN A CB  
320 C CG  . ASN A 41 ? 0.3046 0.2494 0.2656 -0.0233 -0.0291 0.0049  70  ASN A CG  
321 O OD1 . ASN A 41 ? 0.3483 0.2949 0.3094 -0.0238 -0.0291 0.0047  70  ASN A OD1 
322 N ND2 . ASN A 41 ? 0.3368 0.2795 0.2917 -0.0270 -0.0267 0.0043  70  ASN A ND2 
323 N N   . VAL A 42 ? 0.2167 0.1733 0.2066 -0.0101 -0.0343 0.0044  71  VAL A N   
324 C CA  . VAL A 42 ? 0.2285 0.1874 0.2255 -0.0063 -0.0368 0.0035  71  VAL A CA  
325 C C   . VAL A 42 ? 0.2115 0.1740 0.2136 -0.0055 -0.0388 0.0029  71  VAL A C   
326 O O   . VAL A 42 ? 0.2214 0.1823 0.2248 -0.0030 -0.0431 0.0021  71  VAL A O   
327 C CB  . VAL A 42 ? 0.2360 0.2015 0.2403 -0.0052 -0.0336 0.0027  71  VAL A CB  
328 C CG1 . VAL A 42 ? 0.2455 0.2162 0.2588 -0.0020 -0.0353 0.0011  71  VAL A CG1 
329 C CG2 . VAL A 42 ? 0.2833 0.2448 0.2826 -0.0057 -0.0323 0.0031  71  VAL A CG2 
330 N N   . GLY A 43 ? 0.2014 0.1682 0.2055 -0.0074 -0.0360 0.0030  72  GLY A N   
331 C CA  . GLY A 43 ? 0.2126 0.1819 0.2203 -0.0075 -0.0375 0.0025  72  GLY A CA  
332 C C   . GLY A 43 ? 0.2107 0.1736 0.2122 -0.0077 -0.0417 0.0030  72  GLY A C   
333 O O   . GLY A 43 ? 0.2190 0.1827 0.2238 -0.0061 -0.0455 0.0021  72  GLY A O   
334 N N   . LYS A 44 ? 0.2251 0.1817 0.2174 -0.0097 -0.0413 0.0042  73  LYS A N   
335 C CA  . LYS A 44 ? 0.2457 0.1947 0.2304 -0.0103 -0.0450 0.0048  73  LYS A CA  
336 C C   . LYS A 44 ? 0.2508 0.1945 0.2338 -0.0074 -0.0502 0.0044  73  LYS A C   
337 O O   . LYS A 44 ? 0.2509 0.1920 0.2328 -0.0061 -0.0547 0.0039  73  LYS A O   
338 C CB  . LYS A 44 ? 0.2661 0.2094 0.2405 -0.0138 -0.0428 0.0058  73  LYS A CB  
339 C CG  . LYS A 44 ? 0.3205 0.2685 0.2954 -0.0159 -0.0391 0.0056  73  LYS A CG  
340 C CD  . LYS A 44 ? 0.3782 0.3231 0.3443 -0.0194 -0.0364 0.0057  73  LYS A CD  
341 C CE  . LYS A 44 ? 0.4163 0.3651 0.3818 -0.0206 -0.0336 0.0051  73  LYS A CE  
342 N NZ  . LYS A 44 ? 0.4658 0.4131 0.4234 -0.0243 -0.0309 0.0045  73  LYS A NZ  
343 N N   . LYS A 45 ? 0.2439 0.1860 0.2266 -0.0058 -0.0500 0.0043  74  LYS A N   
344 C CA  . LYS A 45 ? 0.2760 0.2123 0.2562 -0.0020 -0.0553 0.0035  74  LYS A CA  
345 C C   . LYS A 45 ? 0.2654 0.2097 0.2564 0.0020  -0.0585 0.0014  74  LYS A C   
346 O O   . LYS A 45 ? 0.2707 0.2109 0.2597 0.0056  -0.0643 0.0003  74  LYS A O   
347 C CB  . LYS A 45 ? 0.2968 0.2305 0.2750 -0.0010 -0.0539 0.0036  74  LYS A CB  
348 C CG  . LYS A 45 ? 0.3674 0.2904 0.3322 -0.0046 -0.0523 0.0052  74  LYS A CG  
349 C CD  . LYS A 45 ? 0.4467 0.3670 0.4097 -0.0038 -0.0511 0.0051  74  LYS A CD  
350 C CE  . LYS A 45 ? 0.5060 0.4162 0.4553 -0.0087 -0.0489 0.0063  74  LYS A CE  
351 N NZ  . LYS A 45 ? 0.5190 0.4275 0.4668 -0.0088 -0.0469 0.0062  74  LYS A NZ  
352 N N   . ARG A 46 ? 0.2517 0.2074 0.2538 0.0013  -0.0550 0.0004  75  ARG A N   
353 C CA  . ARG A 46 ? 0.2522 0.2173 0.2655 0.0037  -0.0569 -0.0022 75  ARG A CA  
354 C C   . ARG A 46 ? 0.2472 0.2136 0.2611 0.0022  -0.0591 -0.0025 75  ARG A C   
355 O O   . ARG A 46 ? 0.2497 0.2238 0.2720 0.0035  -0.0613 -0.0051 75  ARG A O   
356 C CB  . ARG A 46 ? 0.2550 0.2300 0.2779 0.0025  -0.0517 -0.0031 75  ARG A CB  
357 C CG  . ARG A 46 ? 0.2824 0.2573 0.3063 0.0050  -0.0506 -0.0035 75  ARG A CG  
358 C CD  . ARG A 46 ? 0.3563 0.3401 0.3886 0.0038  -0.0456 -0.0045 75  ARG A CD  
359 N NE  . ARG A 46 ? 0.4464 0.4291 0.4786 0.0063  -0.0446 -0.0048 75  ARG A NE  
360 C CZ  . ARG A 46 ? 0.4864 0.4741 0.5233 0.0055  -0.0401 -0.0052 75  ARG A CZ  
361 N NH1 . ARG A 46 ? 0.5004 0.4939 0.5416 0.0024  -0.0361 -0.0053 75  ARG A NH1 
362 N NH2 . ARG A 46 ? 0.4960 0.4818 0.5321 0.0078  -0.0397 -0.0054 75  ARG A NH2 
363 N N   . GLY A 47 ? 0.2316 0.1911 0.2368 -0.0009 -0.0583 -0.0004 76  GLY A N   
364 C CA  . GLY A 47 ? 0.2582 0.2172 0.2621 -0.0026 -0.0602 -0.0004 76  GLY A CA  
365 C C   . GLY A 47 ? 0.2608 0.2271 0.2705 -0.0058 -0.0558 -0.0007 76  GLY A C   
366 O O   . GLY A 47 ? 0.2833 0.2511 0.2941 -0.0073 -0.0571 -0.0013 76  GLY A O   
367 N N   . TRP A 48 ? 0.2596 0.2293 0.2718 -0.0069 -0.0507 -0.0002 77  TRP A N   
368 C CA  . TRP A 48 ? 0.2774 0.2520 0.2934 -0.0094 -0.0465 -0.0004 77  TRP A CA  
369 C C   . TRP A 48 ? 0.3145 0.2841 0.3229 -0.0118 -0.0454 0.0011  77  TRP A C   
370 O O   . TRP A 48 ? 0.3345 0.2979 0.3351 -0.0120 -0.0457 0.0025  77  TRP A O   
371 C CB  . TRP A 48 ? 0.2478 0.2259 0.2668 -0.0094 -0.0419 -0.0003 77  TRP A CB  
372 C CG  . TRP A 48 ? 0.2233 0.2081 0.2512 -0.0074 -0.0424 -0.0024 77  TRP A CG  
373 C CD1 . TRP A 48 ? 0.2247 0.2145 0.2592 -0.0057 -0.0462 -0.0048 77  TRP A CD1 
374 C CD2 . TRP A 48 ? 0.2095 0.1981 0.2413 -0.0070 -0.0387 -0.0028 77  TRP A CD2 
375 N NE1 . TRP A 48 ? 0.2233 0.2198 0.2655 -0.0040 -0.0450 -0.0067 77  TRP A NE1 
376 C CE2 . TRP A 48 ? 0.2201 0.2155 0.2606 -0.0051 -0.0402 -0.0054 77  TRP A CE2 
377 C CE3 . TRP A 48 ? 0.1931 0.1801 0.2219 -0.0077 -0.0344 -0.0015 77  TRP A CE3 
378 C CZ2 . TRP A 48 ? 0.2205 0.2207 0.2663 -0.0041 -0.0373 -0.0066 77  TRP A CZ2 
379 C CZ3 . TRP A 48 ? 0.1860 0.1773 0.2198 -0.0069 -0.0319 -0.0024 77  TRP A CZ3 
380 C CH2 . TRP A 48 ? 0.2248 0.2220 0.2665 -0.0053 -0.0331 -0.0048 77  TRP A CH2 
381 N N   . ALA A 49 ? 0.3404 0.3121 0.3504 -0.0140 -0.0438 0.0005  78  ALA A N   
382 C CA  . ALA A 49 ? 0.3639 0.3308 0.3666 -0.0158 -0.0423 0.0017  78  ALA A CA  
383 C C   . ALA A 49 ? 0.3728 0.3381 0.3710 -0.0153 -0.0386 0.0028  78  ALA A C   
384 O O   . ALA A 49 ? 0.3769 0.3457 0.3787 -0.0144 -0.0361 0.0026  78  ALA A O   
385 C CB  . ALA A 49 ? 0.3721 0.3410 0.3766 -0.0180 -0.0406 0.0008  78  ALA A CB  
386 N N   . ASN A 50 ? 0.3876 0.3482 0.3782 -0.0159 -0.0383 0.0036  79  ASN A N   
387 C CA  . ASN A 50 ? 0.4048 0.3655 0.3915 -0.0157 -0.0350 0.0040  79  ASN A CA  
388 C C   . ASN A 50 ? 0.3853 0.3494 0.3748 -0.0148 -0.0315 0.0034  79  ASN A C   
389 O O   . ASN A 50 ? 0.3902 0.3534 0.3791 -0.0153 -0.0308 0.0030  79  ASN A O   
390 C CB  . ASN A 50 ? 0.4247 0.3814 0.4034 -0.0165 -0.0348 0.0042  79  ASN A CB  
391 C CG  . ASN A 50 ? 0.4666 0.4195 0.4401 -0.0176 -0.0362 0.0047  79  ASN A CG  
392 O OD1 . ASN A 50 ? 0.5293 0.4826 0.4986 -0.0184 -0.0338 0.0043  79  ASN A OD1 
393 N ND2 . ASN A 50 ? 0.5108 0.4601 0.4842 -0.0177 -0.0401 0.0051  79  ASN A ND2 
394 N N   . ILE A 51 ? 0.3650 0.3321 0.3567 -0.0139 -0.0296 0.0033  80  ILE A N   
395 C CA  . ILE A 51 ? 0.3379 0.3077 0.3314 -0.0128 -0.0265 0.0028  80  ILE A CA  
396 C C   . ILE A 51 ? 0.2899 0.2597 0.2779 -0.0117 -0.0246 0.0023  80  ILE A C   
397 O O   . ILE A 51 ? 0.2983 0.2692 0.2845 -0.0122 -0.0243 0.0021  80  ILE A O   
398 C CB  . ILE A 51 ? 0.3459 0.3191 0.3451 -0.0121 -0.0257 0.0027  80  ILE A CB  
399 C CG1 . ILE A 51 ? 0.3720 0.3466 0.3772 -0.0125 -0.0281 0.0024  80  ILE A CG1 
400 C CG2 . ILE A 51 ? 0.3497 0.3247 0.3497 -0.0110 -0.0226 0.0022  80  ILE A CG2 
401 C CD1 . ILE A 51 ? 0.4090 0.3862 0.4191 -0.0132 -0.0268 0.0015  80  ILE A CD1 
402 N N   . ASP A 52 ? 0.2469 0.2156 0.2319 -0.0104 -0.0232 0.0017  81  ASP A N   
403 C CA  . ASP A 52 ? 0.2117 0.1818 0.1922 -0.0085 -0.0216 0.0005  81  ASP A CA  
404 C C   . ASP A 52 ? 0.1804 0.1557 0.1637 -0.0072 -0.0196 -0.0003 81  ASP A C   
405 O O   . ASP A 52 ? 0.1791 0.1545 0.1650 -0.0064 -0.0187 -0.0001 81  ASP A O   
406 C CB  . ASP A 52 ? 0.2996 0.2658 0.2753 -0.0065 -0.0212 -0.0002 81  ASP A CB  
407 C CG  . ASP A 52 ? 0.3014 0.2694 0.2723 -0.0033 -0.0201 -0.0021 81  ASP A CG  
408 O OD1 . ASP A 52 ? 0.2992 0.2708 0.2713 -0.0011 -0.0189 -0.0031 81  ASP A OD1 
409 O OD2 . ASP A 52 ? 0.3052 0.2715 0.2713 -0.0027 -0.0207 -0.0028 81  ASP A OD2 
410 N N   . ALA A 53 ? 0.1693 0.1483 0.1514 -0.0075 -0.0189 -0.0014 82  ALA A N   
411 C CA  . ALA A 53 ? 0.1681 0.1523 0.1527 -0.0071 -0.0172 -0.0023 82  ALA A CA  
412 C C   . ALA A 53 ? 0.1625 0.1489 0.1466 -0.0035 -0.0160 -0.0038 82  ALA A C   
413 O O   . ALA A 53 ? 0.1515 0.1401 0.1381 -0.0028 -0.0151 -0.0039 82  ALA A O   
414 C CB  . ALA A 53 ? 0.2052 0.1933 0.1878 -0.0091 -0.0165 -0.0036 82  ALA A CB  
415 N N   . ASN A 54 ? 0.1642 0.1490 0.1438 -0.0009 -0.0163 -0.0049 83  ASN A N   
416 C CA  . ASN A 54 ? 0.1618 0.1466 0.1387 0.0034  -0.0158 -0.0065 83  ASN A CA  
417 C C   . ASN A 54 ? 0.1573 0.1354 0.1335 0.0039  -0.0158 -0.0049 83  ASN A C   
418 O O   . ASN A 54 ? 0.1577 0.1362 0.1337 0.0061  -0.0150 -0.0056 83  ASN A O   
419 C CB  . ASN A 54 ? 0.1818 0.1668 0.1530 0.0070  -0.0163 -0.0087 83  ASN A CB  
420 C CG  . ASN A 54 ? 0.1932 0.1873 0.1658 0.0065  -0.0155 -0.0114 83  ASN A CG  
421 O OD1 . ASN A 54 ? 0.2469 0.2409 0.2171 0.0050  -0.0157 -0.0118 83  ASN A OD1 
422 N ND2 . ASN A 54 ? 0.1983 0.2000 0.1740 0.0072  -0.0145 -0.0133 83  ASN A ND2 
423 N N   . LEU A 55 ? 0.1602 0.1328 0.1362 0.0013  -0.0166 -0.0031 84  LEU A N   
424 C CA  . LEU A 55 ? 0.1640 0.1317 0.1404 0.0002  -0.0159 -0.0019 84  LEU A CA  
425 C C   . LEU A 55 ? 0.1444 0.1165 0.1276 -0.0011 -0.0149 -0.0014 84  LEU A C   
426 O O   . LEU A 55 ? 0.1545 0.1247 0.1373 -0.0004 -0.0135 -0.0014 84  LEU A O   
427 C CB  . LEU A 55 ? 0.1801 0.1434 0.1566 -0.0029 -0.0169 -0.0007 84  LEU A CB  
428 C CG  . LEU A 55 ? 0.2082 0.1644 0.1766 -0.0022 -0.0178 -0.0010 84  LEU A CG  
429 C CD1 . LEU A 55 ? 0.2402 0.1929 0.2096 -0.0063 -0.0185 0.0001  84  LEU A CD1 
430 C CD2 . LEU A 55 ? 0.2430 0.1927 0.2036 0.0008  -0.0169 -0.0018 84  LEU A CD2 
431 N N   . LEU A 56 ? 0.1368 0.1133 0.1250 -0.0031 -0.0155 -0.0009 85  LEU A N   
432 C CA  A LEU A 56 ? 0.1369 0.1168 0.1305 -0.0040 -0.0147 -0.0004 85  LEU A CA  
433 C CA  B LEU A 56 ? 0.1452 0.1252 0.1390 -0.0041 -0.0148 -0.0005 85  LEU A CA  
434 C C   . LEU A 56 ? 0.1448 0.1275 0.1373 -0.0016 -0.0132 -0.0017 85  LEU A C   
435 O O   . LEU A 56 ? 0.1516 0.1342 0.1461 -0.0013 -0.0121 -0.0015 85  LEU A O   
436 C CB  A LEU A 56 ? 0.1377 0.1200 0.1341 -0.0060 -0.0160 0.0001  85  LEU A CB  
437 C CB  B LEU A 56 ? 0.1521 0.1344 0.1483 -0.0060 -0.0160 0.0000  85  LEU A CB  
438 C CG  A LEU A 56 ? 0.1283 0.1130 0.1286 -0.0066 -0.0154 0.0004  85  LEU A CG  
439 C CG  B LEU A 56 ? 0.1873 0.1715 0.1882 -0.0070 -0.0159 0.0006  85  LEU A CG  
440 C CD1 A LEU A 56 ? 0.1095 0.0932 0.1144 -0.0070 -0.0153 0.0009  85  LEU A CD1 
441 C CD1 B LEU A 56 ? 0.1793 0.1625 0.1799 -0.0089 -0.0178 0.0012  85  LEU A CD1 
442 C CD2 A LEU A 56 ? 0.1447 0.1295 0.1447 -0.0086 -0.0168 0.0007  85  LEU A CD2 
443 C CD2 B LEU A 56 ? 0.2361 0.2235 0.2369 -0.0061 -0.0142 -0.0003 85  LEU A CD2 
444 N N   . SER A 57 ? 0.1392 0.1251 0.1288 0.0002  -0.0134 -0.0032 86  SER A N   
445 C CA  A SER A 57 ? 0.1530 0.1431 0.1418 0.0028  -0.0125 -0.0051 86  SER A CA  
446 C CA  B SER A 57 ? 0.1589 0.1490 0.1482 0.0026  -0.0124 -0.0049 86  SER A CA  
447 C C   . SER A 57 ? 0.1482 0.1335 0.1331 0.0059  -0.0122 -0.0054 86  SER A C   
448 O O   . SER A 57 ? 0.1588 0.1451 0.1444 0.0071  -0.0113 -0.0058 86  SER A O   
449 C CB  A SER A 57 ? 0.1578 0.1533 0.1444 0.0043  -0.0128 -0.0075 86  SER A CB  
450 C CB  B SER A 57 ? 0.1710 0.1674 0.1589 0.0035  -0.0126 -0.0072 86  SER A CB  
451 O OG  A SER A 57 ? 0.1772 0.1782 0.1640 0.0068  -0.0122 -0.0098 86  SER A OG  
452 O OG  B SER A 57 ? 0.2328 0.2273 0.2157 0.0068  -0.0134 -0.0086 86  SER A OG  
453 N N   . GLN A 58 ? 0.1535 0.1324 0.1331 0.0072  -0.0128 -0.0052 87  GLN A N   
454 C CA  . GLN A 58 ? 0.1564 0.1280 0.1296 0.0098  -0.0126 -0.0053 87  GLN A CA  
455 C C   . GLN A 58 ? 0.1501 0.1184 0.1257 0.0069  -0.0109 -0.0038 87  GLN A C   
456 O O   . GLN A 58 ? 0.1553 0.1209 0.1282 0.0085  -0.0101 -0.0042 87  GLN A O   
457 C CB  . GLN A 58 ? 0.1664 0.1301 0.1319 0.0110  -0.0136 -0.0054 87  GLN A CB  
458 C CG  . GLN A 58 ? 0.1715 0.1376 0.1330 0.0152  -0.0153 -0.0077 87  GLN A CG  
459 C CD  . GLN A 58 ? 0.1713 0.1366 0.1267 0.0214  -0.0162 -0.0101 87  GLN A CD  
460 O OE1 . GLN A 58 ? 0.1845 0.1447 0.1363 0.0227  -0.0158 -0.0099 87  GLN A OE1 
461 N NE2 . GLN A 58 ? 0.1783 0.1484 0.1317 0.0254  -0.0175 -0.0128 87  GLN A NE2 
462 N N   . ARG A 59 ? 0.1557 0.1242 0.1364 0.0028  -0.0106 -0.0023 88  ARG A N   
463 C CA  . ARG A 59 ? 0.1482 0.1152 0.1322 0.0000  -0.0088 -0.0015 88  ARG A CA  
464 C C   . ARG A 59 ? 0.1394 0.1118 0.1288 0.0003  -0.0081 -0.0016 88  ARG A C   
465 O O   . ARG A 59 ? 0.1499 0.1204 0.1388 0.0001  -0.0063 -0.0017 88  ARG A O   
466 C CB  . ARG A 59 ? 0.1651 0.1324 0.1537 -0.0038 -0.0091 -0.0006 88  ARG A CB  
467 C CG  . ARG A 59 ? 0.1478 0.1150 0.1403 -0.0067 -0.0071 -0.0006 88  ARG A CG  
468 C CD  . ARG A 59 ? 0.1931 0.1521 0.1776 -0.0075 -0.0051 -0.0009 88  ARG A CD  
469 N NE  . ARG A 59 ? 0.2057 0.1657 0.1942 -0.0107 -0.0026 -0.0013 88  ARG A NE  
470 C CZ  . ARG A 59 ? 0.2427 0.1961 0.2246 -0.0117 -0.0001 -0.0017 88  ARG A CZ  
471 N NH1 . ARG A 59 ? 0.2783 0.2226 0.2489 -0.0092 -0.0004 -0.0016 88  ARG A NH1 
472 N NH2 . ARG A 59 ? 0.2635 0.2190 0.2499 -0.0151 0.0025  -0.0024 88  ARG A NH2 
473 N N   . SER A 60 ? 0.1319 0.1105 0.1253 0.0004  -0.0091 -0.0018 89  SER A N   
474 C CA  A SER A 60 ? 0.1296 0.1128 0.1270 0.0004  -0.0084 -0.0020 89  SER A CA  
475 C CA  B SER A 60 ? 0.1277 0.1105 0.1252 0.0003  -0.0083 -0.0019 89  SER A CA  
476 C CA  C SER A 60 ? 0.1409 0.1238 0.1383 0.0004  -0.0083 -0.0018 89  SER A CA  
477 C C   . SER A 60 ? 0.1414 0.1241 0.1349 0.0033  -0.0076 -0.0031 89  SER A C   
478 O O   . SER A 60 ? 0.1348 0.1178 0.1299 0.0032  -0.0064 -0.0030 89  SER A O   
479 C CB  A SER A 60 ? 0.1302 0.1186 0.1298 -0.0004 -0.0095 -0.0022 89  SER A CB  
480 C CB  B SER A 60 ? 0.1270 0.1146 0.1278 -0.0010 -0.0093 -0.0018 89  SER A CB  
481 C CB  C SER A 60 ? 0.1448 0.1326 0.1448 -0.0007 -0.0095 -0.0020 89  SER A CB  
482 O OG  A SER A 60 ? 0.1071 0.0951 0.1097 -0.0029 -0.0106 -0.0011 89  SER A OG  
483 O OG  B SER A 60 ? 0.0927 0.0835 0.0905 0.0004  -0.0099 -0.0032 89  SER A OG  
484 O OG  C SER A 60 ? 0.1813 0.1714 0.1849 -0.0016 -0.0089 -0.0018 89  SER A OG  
485 N N   . ALA A 61 ? 0.1338 0.1159 0.1217 0.0064  -0.0086 -0.0044 90  ALA A N   
486 C CA  . ALA A 61 ? 0.1357 0.1175 0.1193 0.0101  -0.0086 -0.0060 90  ALA A CA  
487 C C   . ALA A 61 ? 0.1374 0.1106 0.1162 0.0104  -0.0074 -0.0053 90  ALA A C   
488 O O   . ALA A 61 ? 0.1509 0.1237 0.1285 0.0118  -0.0068 -0.0058 90  ALA A O   
489 C CB  . ALA A 61 ? 0.1461 0.1290 0.1246 0.0142  -0.0104 -0.0082 90  ALA A CB  
490 N N   . GLN A 62 ? 0.1383 0.1044 0.1140 0.0086  -0.0069 -0.0041 91  GLN A N   
491 C CA  . GLN A 62 ? 0.1543 0.1119 0.1249 0.0074  -0.0050 -0.0036 91  GLN A CA  
492 C C   . GLN A 62 ? 0.1489 0.1102 0.1266 0.0044  -0.0028 -0.0029 91  GLN A C   
493 O O   . GLN A 62 ? 0.1514 0.1091 0.1260 0.0049  -0.0014 -0.0031 91  GLN A O   
494 C CB  . GLN A 62 ? 0.1566 0.1073 0.1232 0.0048  -0.0047 -0.0028 91  GLN A CB  
495 C CG  . GLN A 62 ? 0.2150 0.1573 0.1765 0.0018  -0.0020 -0.0024 91  GLN A CG  
496 C CD  . GLN A 62 ? 0.2909 0.2230 0.2402 0.0049  -0.0021 -0.0030 91  GLN A CD  
497 O OE1 . GLN A 62 ? 0.3190 0.2473 0.2607 0.0096  -0.0045 -0.0039 91  GLN A OE1 
498 N NE2 . GLN A 62 ? 0.3453 0.2723 0.2916 0.0024  0.0007  -0.0029 91  GLN A NE2 
499 N N   . LEU A 63 ? 0.1347 0.1021 0.1212 0.0016  -0.0028 -0.0022 92  LEU A N   
500 C CA  . LEU A 63 ? 0.1343 0.1051 0.1274 -0.0005 -0.0011 -0.0020 92  LEU A CA  
501 C C   . LEU A 63 ? 0.1338 0.1081 0.1280 0.0015  -0.0011 -0.0025 92  LEU A C   
502 O O   . LEU A 63 ? 0.1434 0.1169 0.1385 0.0010  0.0007  -0.0026 92  LEU A O   
503 C CB  . LEU A 63 ? 0.1413 0.1173 0.1426 -0.0029 -0.0018 -0.0015 92  LEU A CB  
504 C CG  . LEU A 63 ? 0.1419 0.1156 0.1432 -0.0055 -0.0016 -0.0014 92  LEU A CG  
505 C CD1 . LEU A 63 ? 0.1697 0.1489 0.1790 -0.0070 -0.0031 -0.0013 92  LEU A CD1 
506 C CD2 . LEU A 63 ? 0.2126 0.1820 0.2116 -0.0079 0.0014  -0.0020 92  LEU A CD2 
507 N N   . TYR A 64 ? 0.1326 0.1109 0.1263 0.0036  -0.0030 -0.0031 93  TYR A N   
508 C CA  . TYR A 64 ? 0.1284 0.1103 0.1225 0.0051  -0.0031 -0.0040 93  TYR A CA  
509 C C   . TYR A 64 ? 0.1341 0.1108 0.1216 0.0077  -0.0024 -0.0047 93  TYR A C   
510 O O   . TYR A 64 ? 0.1424 0.1195 0.1304 0.0076  -0.0014 -0.0049 93  TYR A O   
511 C CB  . TYR A 64 ? 0.2778 0.2657 0.2721 0.0063  -0.0049 -0.0052 93  TYR A CB  
512 C CG  . TYR A 64 ? 0.2759 0.2691 0.2711 0.0070  -0.0050 -0.0066 93  TYR A CG  
513 C CD1 . TYR A 64 ? 0.2791 0.2728 0.2698 0.0106  -0.0058 -0.0085 93  TYR A CD1 
514 C CD2 . TYR A 64 ? 0.2721 0.2693 0.2716 0.0041  -0.0047 -0.0063 93  TYR A CD2 
515 C CE1 . TYR A 64 ? 0.2773 0.2772 0.2693 0.0108  -0.0060 -0.0103 93  TYR A CE1 
516 C CE2 . TYR A 64 ? 0.2711 0.2732 0.2708 0.0038  -0.0047 -0.0078 93  TYR A CE2 
517 C CZ  . TYR A 64 ? 0.2732 0.2773 0.2698 0.0070  -0.0053 -0.0099 93  TYR A CZ  
518 O OH  . TYR A 64 ? 0.2721 0.2822 0.2695 0.0063  -0.0053 -0.0118 93  TYR A OH  
519 N N   . GLN A 65 ? 0.1444 0.1154 0.1244 0.0100  -0.0032 -0.0052 94  GLN A N   
520 C CA  . GLN A 65 ? 0.1536 0.1169 0.1250 0.0126  -0.0029 -0.0058 94  GLN A CA  
521 C C   . GLN A 65 ? 0.1605 0.1184 0.1315 0.0093  0.0001  -0.0047 94  GLN A C   
522 O O   . GLN A 65 ? 0.1571 0.1125 0.1252 0.0103  0.0009  -0.0051 94  GLN A O   
523 C CB  . GLN A 65 ? 0.1748 0.1302 0.1365 0.0154  -0.0045 -0.0063 94  GLN A CB  
524 C CG  . GLN A 65 ? 0.1932 0.1535 0.1531 0.0203  -0.0076 -0.0084 94  GLN A CG  
525 C CD  . GLN A 65 ? 0.1899 0.1550 0.1498 0.0238  -0.0089 -0.0104 94  GLN A CD  
526 O OE1 . GLN A 65 ? 0.1993 0.1580 0.1529 0.0254  -0.0087 -0.0106 94  GLN A OE1 
527 N NE2 . GLN A 65 ? 0.2162 0.1930 0.1825 0.0244  -0.0101 -0.0121 94  GLN A NE2 
528 N N   . GLN A 66 ? 0.1562 0.1134 0.1309 0.0054  0.0017  -0.0037 95  GLN A N   
529 C CA  A GLN A 66 ? 0.1586 0.1129 0.1346 0.0020  0.0050  -0.0033 95  GLN A CA  
530 C CA  B GLN A 66 ? 0.1652 0.1194 0.1409 0.0021  0.0050  -0.0033 95  GLN A CA  
531 C C   . GLN A 66 ? 0.1591 0.1194 0.1417 0.0018  0.0059  -0.0034 95  GLN A C   
532 O O   . GLN A 66 ? 0.1712 0.1277 0.1511 0.0012  0.0081  -0.0037 95  GLN A O   
533 C CB  A GLN A 66 ? 0.1553 0.1109 0.1360 -0.0021 0.0062  -0.0029 95  GLN A CB  
534 C CB  B GLN A 66 ? 0.1661 0.1216 0.1467 -0.0019 0.0062  -0.0029 95  GLN A CB  
535 C CG  A GLN A 66 ? 0.1513 0.0992 0.1236 -0.0025 0.0057  -0.0028 95  GLN A CG  
536 C CG  B GLN A 66 ? 0.1917 0.1464 0.1744 -0.0057 0.0098  -0.0034 95  GLN A CG  
537 C CD  A GLN A 66 ? 0.1603 0.1086 0.1359 -0.0069 0.0070  -0.0027 95  GLN A CD  
538 C CD  B GLN A 66 ? 0.2488 0.2060 0.2366 -0.0098 0.0110  -0.0037 95  GLN A CD  
539 O OE1 A GLN A 66 ? 0.2130 0.1675 0.1973 -0.0100 0.0086  -0.0032 95  GLN A OE1 
540 O OE1 B GLN A 66 ? 0.2379 0.1930 0.2232 -0.0104 0.0097  -0.0034 95  GLN A OE1 
541 N NE2 A GLN A 66 ? 0.1509 0.0925 0.1189 -0.0071 0.0061  -0.0026 95  GLN A NE2 
542 N NE2 B GLN A 66 ? 0.2934 0.2554 0.2881 -0.0126 0.0136  -0.0048 95  GLN A NE2 
543 N N   . LEU A 67 ? 0.1397 0.1081 0.1299 0.0022  0.0043  -0.0033 96  LEU A N   
544 C CA  . LEU A 67 ? 0.1461 0.1187 0.1413 0.0019  0.0048  -0.0034 96  LEU A CA  
545 C C   . LEU A 67 ? 0.1388 0.1099 0.1291 0.0044  0.0044  -0.0041 96  LEU A C   
546 O O   . LEU A 67 ? 0.1547 0.1251 0.1455 0.0040  0.0061  -0.0043 96  LEU A O   
547 C CB  . LEU A 67 ? 0.1499 0.1292 0.1515 0.0014  0.0029  -0.0032 96  LEU A CB  
548 C CG  . LEU A 67 ? 0.1737 0.1550 0.1806 -0.0005 0.0024  -0.0026 96  LEU A CG  
549 C CD1 . LEU A 67 ? 0.2169 0.2026 0.2277 -0.0006 0.0003  -0.0022 96  LEU A CD1 
550 C CD2 . LEU A 67 ? 0.2016 0.1826 0.2125 -0.0022 0.0047  -0.0029 96  LEU A CD2 
551 N N   . GLN A 68 ? 0.1452 0.1163 0.1307 0.0071  0.0023  -0.0048 97  GLN A N   
552 C CA  . GLN A 68 ? 0.1657 0.1362 0.1463 0.0101  0.0013  -0.0061 97  GLN A CA  
553 C C   . GLN A 68 ? 0.1629 0.1239 0.1353 0.0109  0.0028  -0.0061 97  GLN A C   
554 O O   . GLN A 68 ? 0.1718 0.1319 0.1426 0.0116  0.0035  -0.0066 97  GLN A O   
555 C CB  . GLN A 68 ? 0.1537 0.1276 0.1316 0.0135  -0.0017 -0.0076 97  GLN A CB  
556 C CG  . GLN A 68 ? 0.2132 0.1880 0.1866 0.0171  -0.0033 -0.0097 97  GLN A CG  
557 C CD  . GLN A 68 ? 0.2422 0.2228 0.2144 0.0208  -0.0064 -0.0120 97  GLN A CD  
558 O OE1 . GLN A 68 ? 0.3041 0.2792 0.2694 0.0243  -0.0079 -0.0126 97  GLN A OE1 
559 N NE2 . GLN A 68 ? 0.2505 0.2418 0.2288 0.0198  -0.0071 -0.0135 97  GLN A NE2 
560 N N   . GLN A 69 ? 0.1582 0.1114 0.1243 0.0107  0.0035  -0.0057 98  GLN A N   
561 C CA  A GLN A 69 ? 0.1570 0.0989 0.1123 0.0113  0.0048  -0.0058 98  GLN A CA  
562 C CA  B GLN A 69 ? 0.1682 0.1100 0.1238 0.0110  0.0049  -0.0057 98  GLN A CA  
563 C C   . GLN A 69 ? 0.1591 0.0989 0.1168 0.0072  0.0089  -0.0051 98  GLN A C   
564 O O   . GLN A 69 ? 0.1762 0.1076 0.1257 0.0073  0.0103  -0.0054 98  GLN A O   
565 C CB  A GLN A 69 ? 0.1624 0.0943 0.1075 0.0121  0.0042  -0.0056 98  GLN A CB  
566 C CB  B GLN A 69 ? 0.1739 0.1075 0.1220 0.0107  0.0048  -0.0053 98  GLN A CB  
567 C CG  A GLN A 69 ? 0.1539 0.0819 0.0899 0.0183  0.0002  -0.0070 98  GLN A CG  
568 C CG  B GLN A 69 ? 0.2191 0.1522 0.1619 0.0159  0.0008  -0.0064 98  GLN A CG  
569 C CD  A GLN A 69 ? 0.1785 0.1174 0.1216 0.0209  -0.0029 -0.0080 98  GLN A CD  
570 C CD  B GLN A 69 ? 0.2436 0.1726 0.1782 0.0208  -0.0013 -0.0078 98  GLN A CD  
571 O OE1 A GLN A 69 ? 0.2048 0.1440 0.1485 0.0206  -0.0036 -0.0077 98  GLN A OE1 
572 O OE1 B GLN A 69 ? 0.2958 0.2120 0.2182 0.0217  -0.0009 -0.0078 98  GLN A OE1 
573 N NE2 A GLN A 69 ? 0.1695 0.1176 0.1178 0.0230  -0.0044 -0.0094 98  GLN A NE2 
574 N NE2 B GLN A 69 ? 0.2546 0.1940 0.1953 0.0236  -0.0036 -0.0093 98  GLN A NE2 
575 N N   . ASP A 70 ? 0.1595 0.1060 0.1273 0.0038  0.0105  -0.0047 99  ASP A N   
576 C CA  A ASP A 70 ? 0.1683 0.1145 0.1393 0.0003  0.0144  -0.0047 99  ASP A CA  
577 C CA  B ASP A 70 ? 0.1679 0.1145 0.1393 0.0003  0.0143  -0.0047 99  ASP A CA  
578 C C   . ASP A 70 ? 0.1640 0.1104 0.1342 0.0018  0.0148  -0.0052 99  ASP A C   
579 O O   . ASP A 70 ? 0.1582 0.1095 0.1312 0.0041  0.0124  -0.0053 99  ASP A O   
580 C CB  A ASP A 70 ? 0.3029 0.2584 0.2861 -0.0020 0.0148  -0.0048 99  ASP A CB  
581 C CB  B ASP A 70 ? 0.3024 0.2583 0.2857 -0.0018 0.0144  -0.0047 99  ASP A CB  
582 C CG  A ASP A 70 ? 0.3030 0.2600 0.2906 -0.0048 0.0184  -0.0055 99  ASP A CG  
583 C CG  B ASP A 70 ? 0.3021 0.2599 0.2905 -0.0048 0.0179  -0.0054 99  ASP A CG  
584 O OD1 A ASP A 70 ? 0.3094 0.2617 0.2931 -0.0079 0.0216  -0.0061 99  ASP A OD1 
585 O OD1 B ASP A 70 ? 0.3004 0.2600 0.2910 -0.0039 0.0188  -0.0058 99  ASP A OD1 
586 O OD2 A ASP A 70 ? 0.2974 0.2602 0.2919 -0.0040 0.0182  -0.0058 99  ASP A OD2 
587 O OD2 B ASP A 70 ? 0.3037 0.2619 0.2939 -0.0079 0.0199  -0.0060 99  ASP A OD2 
588 N N   . SER A 71 ? 0.1625 0.1023 0.1275 -0.0001 0.0181  -0.0055 100 SER A N   
589 C CA  . SER A 71 ? 0.1736 0.1109 0.1352 0.0013  0.0187  -0.0059 100 SER A CA  
590 C C   . SER A 71 ? 0.1836 0.1280 0.1545 0.0001  0.0203  -0.0062 100 SER A C   
591 O O   . SER A 71 ? 0.1961 0.1384 0.1643 0.0010  0.0209  -0.0066 100 SER A O   
592 C CB  . SER A 71 ? 0.1825 0.1074 0.1317 -0.0001 0.0215  -0.0062 100 SER A CB  
593 O OG  . SER A 71 ? 0.1888 0.1050 0.1269 0.0021  0.0191  -0.0060 100 SER A OG  
594 N N   . THR A 72 ? 0.1677 0.1197 0.1487 -0.0016 0.0207  -0.0063 101 THR A N   
595 C CA  . THR A 72 ? 0.1682 0.1264 0.1573 -0.0016 0.0213  -0.0067 101 THR A CA  
596 C C   . THR A 72 ? 0.1597 0.1193 0.1480 0.0010  0.0185  -0.0063 101 THR A C   
597 O O   . THR A 72 ? 0.1532 0.1145 0.1404 0.0025  0.0153  -0.0059 101 THR A O   
598 C CB  . THR A 72 ? 0.1706 0.1362 0.1696 -0.0024 0.0205  -0.0068 101 THR A CB  
599 O OG1 . THR A 72 ? 0.1940 0.1595 0.1942 -0.0052 0.0232  -0.0077 101 THR A OG1 
600 C CG2 . THR A 72 ? 0.1793 0.1500 0.1854 -0.0017 0.0205  -0.0074 101 THR A CG2 
601 N N   . PRO A 73 ? 0.1581 0.1175 0.1470 0.0012  0.0197  -0.0068 102 PRO A N   
602 C CA  . PRO A 73 ? 0.1504 0.1113 0.1385 0.0028  0.0170  -0.0066 102 PRO A CA  
603 C C   . PRO A 73 ? 0.1433 0.1103 0.1369 0.0028  0.0140  -0.0061 102 PRO A C   
604 O O   . PRO A 73 ? 0.1363 0.1064 0.1359 0.0021  0.0141  -0.0059 102 PRO A O   
605 C CB  . PRO A 73 ? 0.1554 0.1149 0.1443 0.0026  0.0191  -0.0072 102 PRO A CB  
606 C CG  . PRO A 73 ? 0.1891 0.1440 0.1749 0.0014  0.0231  -0.0079 102 PRO A CG  
607 C CD  . PRO A 73 ? 0.1821 0.1389 0.1708 -0.0001 0.0236  -0.0078 102 PRO A CD  
608 N N   . GLU A 74 ? 0.1358 0.1045 0.1269 0.0036  0.0116  -0.0061 103 GLU A N   
609 C CA  . GLU A 74 ? 0.1309 0.1046 0.1256 0.0028  0.0090  -0.0059 103 GLU A CA  
610 C C   . GLU A 74 ? 0.1311 0.1055 0.1297 0.0017  0.0090  -0.0055 103 GLU A C   
611 O O   . GLU A 74 ? 0.1271 0.1038 0.1292 0.0011  0.0076  -0.0051 103 GLU A O   
612 C CB  . GLU A 74 ? 0.1329 0.1095 0.1244 0.0032  0.0068  -0.0068 103 GLU A CB  
613 C CG  . GLU A 74 ? 0.1401 0.1168 0.1275 0.0055  0.0057  -0.0076 103 GLU A CG  
614 C CD  . GLU A 74 ? 0.1398 0.1175 0.1292 0.0057  0.0051  -0.0070 103 GLU A CD  
615 O OE1 . GLU A 74 ? 0.1462 0.1285 0.1396 0.0044  0.0039  -0.0067 103 GLU A OE1 
616 O OE2 . GLU A 74 ? 0.1437 0.1166 0.1296 0.0068  0.0060  -0.0067 103 GLU A OE2 
617 N N   . ALA A 75 ? 0.1314 0.1030 0.1285 0.0018  0.0101  -0.0059 104 ALA A N   
618 C CA  . ALA A 75 ? 0.1417 0.1122 0.1410 0.0014  0.0097  -0.0057 104 ALA A CA  
619 C C   . ALA A 75 ? 0.1245 0.0962 0.1295 0.0023  0.0102  -0.0057 104 ALA A C   
620 O O   . ALA A 75 ? 0.1462 0.1181 0.1533 0.0025  0.0083  -0.0055 104 ALA A O   
621 C CB  . ALA A 75 ? 0.1600 0.1266 0.1561 0.0017  0.0108  -0.0062 104 ALA A CB  
622 N N   . THR A 76 ? 0.1281 0.1002 0.1348 0.0027  0.0127  -0.0062 105 THR A N   
623 C CA  . THR A 76 ? 0.1436 0.1185 0.1565 0.0031  0.0135  -0.0069 105 THR A CA  
624 C C   . THR A 76 ? 0.1353 0.1133 0.1509 0.0025  0.0112  -0.0062 105 THR A C   
625 O O   . THR A 76 ? 0.1401 0.1205 0.1604 0.0032  0.0097  -0.0065 105 THR A O   
626 C CB  . THR A 76 ? 0.1437 0.1183 0.1568 0.0024  0.0172  -0.0079 105 THR A CB  
627 O OG1 . THR A 76 ? 0.1820 0.1531 0.1917 0.0029  0.0192  -0.0086 105 THR A OG1 
628 C CG2 . THR A 76 ? 0.1777 0.1571 0.1982 0.0023  0.0185  -0.0094 105 THR A CG2 
629 N N   . LYS A 77 ? 0.1312 0.1090 0.1434 0.0018  0.0108  -0.0053 106 LYS A N   
630 C CA  . LYS A 77 ? 0.1257 0.1058 0.1394 0.0012  0.0086  -0.0047 106 LYS A CA  
631 C C   . LYS A 77 ? 0.1288 0.1097 0.1433 0.0012  0.0058  -0.0041 106 LYS A C   
632 O O   . LYS A 77 ? 0.1344 0.1168 0.1523 0.0012  0.0041  -0.0040 106 LYS A O   
633 C CB  . LYS A 77 ? 0.1240 0.1037 0.1329 0.0011  0.0080  -0.0043 106 LYS A CB  
634 C CG  . LYS A 77 ? 0.1374 0.1141 0.1430 0.0012  0.0101  -0.0046 106 LYS A CG  
635 C CD  . LYS A 77 ? 0.1415 0.1169 0.1413 0.0023  0.0085  -0.0045 106 LYS A CD  
636 C CE  . LYS A 77 ? 0.1420 0.1114 0.1354 0.0027  0.0102  -0.0048 106 LYS A CE  
637 N NZ  . LYS A 77 ? 0.1413 0.1094 0.1285 0.0052  0.0079  -0.0051 106 LYS A NZ  
638 N N   . CYS A 78 ? 0.1151 0.0944 0.1254 0.0006  0.0051  -0.0040 107 CYS A N   
639 C CA  . CYS A 78 ? 0.1249 0.1034 0.1335 -0.0005 0.0027  -0.0036 107 CYS A CA  
640 C C   . CYS A 78 ? 0.1249 0.1005 0.1354 0.0007  0.0017  -0.0036 107 CYS A C   
641 O O   . CYS A 78 ? 0.1343 0.1089 0.1447 0.0005  -0.0006 -0.0031 107 CYS A O   
642 C CB  . CYS A 78 ? 0.1267 0.1040 0.1301 -0.0021 0.0027  -0.0039 107 CYS A CB  
643 S SG  . CYS A 78 ? 0.1429 0.1251 0.1441 -0.0028 0.0027  -0.0047 107 CYS A SG  
644 N N   . SER A 79 ? 0.1267 0.1008 0.1383 0.0024  0.0033  -0.0044 108 SER A N   
645 C CA  . SER A 79 ? 0.1415 0.1137 0.1554 0.0047  0.0020  -0.0051 108 SER A CA  
646 C C   . SER A 79 ? 0.1406 0.1169 0.1607 0.0060  0.0008  -0.0056 108 SER A C   
647 O O   . SER A 79 ? 0.1475 0.1219 0.1679 0.0074  -0.0021 -0.0057 108 SER A O   
648 C CB  . SER A 79 ? 0.1382 0.1093 0.1527 0.0064  0.0043  -0.0064 108 SER A CB  
649 O OG  . SER A 79 ? 0.1894 0.1596 0.2066 0.0096  0.0030  -0.0077 108 SER A OG  
650 N N   . GLN A 80 ? 0.1373 0.1184 0.1618 0.0053  0.0031  -0.0061 109 GLN A N   
651 C CA  . GLN A 80 ? 0.1491 0.1348 0.1798 0.0058  0.0024  -0.0069 109 GLN A CA  
652 C C   . GLN A 80 ? 0.1371 0.1221 0.1663 0.0050  -0.0008 -0.0056 109 GLN A C   
653 O O   . GLN A 80 ? 0.1455 0.1314 0.1776 0.0064  -0.0034 -0.0061 109 GLN A O   
654 C CB  . GLN A 80 ? 0.1688 0.1579 0.2020 0.0042  0.0058  -0.0075 109 GLN A CB  
655 C CG  . GLN A 80 ? 0.2491 0.2431 0.2882 0.0035  0.0053  -0.0085 109 GLN A CG  
656 C CD  . GLN A 80 ? 0.3169 0.3123 0.3562 0.0010  0.0089  -0.0091 109 GLN A CD  
657 O OE1 . GLN A 80 ? 0.3678 0.3628 0.4063 0.0003  0.0124  -0.0101 109 GLN A OE1 
658 N NE2 . GLN A 80 ? 0.3432 0.3395 0.3825 -0.0007 0.0082  -0.0085 109 GLN A NE2 
659 N N   . PHE A 81 ? 0.1323 0.1159 0.1567 0.0028  -0.0006 -0.0041 110 PHE A N   
660 C CA  . PHE A 81 ? 0.1433 0.1268 0.1663 0.0016  -0.0029 -0.0031 110 PHE A CA  
661 C C   . PHE A 81 ? 0.1257 0.1045 0.1445 0.0018  -0.0060 -0.0026 110 PHE A C   
662 O O   . PHE A 81 ? 0.1376 0.1154 0.1562 0.0018  -0.0086 -0.0022 110 PHE A O   
663 C CB  . PHE A 81 ? 0.1522 0.1364 0.1713 -0.0003 -0.0021 -0.0024 110 PHE A CB  
664 C CG  . PHE A 81 ? 0.1650 0.1512 0.1852 -0.0003 0.0004  -0.0027 110 PHE A CG  
665 C CD1 . PHE A 81 ? 0.1786 0.1664 0.2030 0.0000  0.0018  -0.0035 110 PHE A CD1 
666 C CD2 . PHE A 81 ? 0.1802 0.1663 0.1961 -0.0006 0.0012  -0.0027 110 PHE A CD2 
667 C CE1 . PHE A 81 ? 0.2047 0.1919 0.2276 -0.0007 0.0043  -0.0038 110 PHE A CE1 
668 C CE2 . PHE A 81 ? 0.1821 0.1674 0.1964 -0.0002 0.0030  -0.0030 110 PHE A CE2 
669 C CZ  . PHE A 81 ? 0.2090 0.1940 0.2262 -0.0006 0.0047  -0.0033 110 PHE A CZ  
670 N N   . ASN A 82 ? 0.1297 0.1042 0.1438 0.0016  -0.0057 -0.0025 111 ASN A N   
671 C CA  . ASN A 82 ? 0.1399 0.1077 0.1478 0.0013  -0.0084 -0.0021 111 ASN A CA  
672 C C   . ASN A 82 ? 0.1472 0.1131 0.1579 0.0049  -0.0113 -0.0028 111 ASN A C   
673 O O   . ASN A 82 ? 0.1629 0.1236 0.1691 0.0050  -0.0144 -0.0022 111 ASN A O   
674 C CB  . ASN A 82 ? 0.1419 0.1047 0.1439 0.0004  -0.0075 -0.0022 111 ASN A CB  
675 C CG  . ASN A 82 ? 0.1427 0.1061 0.1398 -0.0038 -0.0062 -0.0017 111 ASN A CG  
676 O OD1 . ASN A 82 ? 0.1740 0.1374 0.1692 -0.0046 -0.0044 -0.0022 111 ASN A OD1 
677 N ND2 . ASN A 82 ? 0.1369 0.1009 0.1317 -0.0064 -0.0073 -0.0013 111 ASN A ND2 
678 N N   . ARG A 83 ? 0.1496 0.1193 0.1667 0.0079  -0.0101 -0.0044 112 ARG A N   
679 C CA  . ARG A 83 ? 0.1748 0.1451 0.1960 0.0120  -0.0130 -0.0059 112 ARG A CA  
680 C C   . ARG A 83 ? 0.1738 0.1491 0.2000 0.0118  -0.0145 -0.0060 112 ARG A C   
681 O O   . ARG A 83 ? 0.2021 0.1742 0.2264 0.0137  -0.0185 -0.0061 112 ARG A O   
682 C CB  . ARG A 83 ? 0.1966 0.1722 0.2246 0.0147  -0.0106 -0.0082 112 ARG A CB  
683 C CG  . ARG A 83 ? 0.2552 0.2329 0.2881 0.0198  -0.0135 -0.0108 112 ARG A CG  
684 C CD  . ARG A 83 ? 0.3638 0.3470 0.4028 0.0222  -0.0106 -0.0136 112 ARG A CD  
685 N NE  . ARG A 83 ? 0.4195 0.3997 0.4545 0.0200  -0.0068 -0.0125 112 ARG A NE  
686 C CZ  . ARG A 83 ? 0.4504 0.4358 0.4889 0.0172  -0.0022 -0.0128 112 ARG A CZ  
687 N NH1 . ARG A 83 ? 0.4633 0.4567 0.5091 0.0158  -0.0006 -0.0140 112 ARG A NH1 
688 N NH2 . ARG A 83 ? 0.4509 0.4325 0.4847 0.0156  0.0006  -0.0118 112 ARG A NH2 
689 N N   . GLN A 84 ? 0.1553 0.1372 0.1865 0.0095  -0.0117 -0.0060 113 GLN A N   
690 C CA  . GLN A 84 ? 0.1821 0.1687 0.2181 0.0091  -0.0129 -0.0063 113 GLN A CA  
691 C C   . GLN A 84 ? 0.1843 0.1664 0.2147 0.0075  -0.0158 -0.0045 113 GLN A C   
692 O O   . GLN A 84 ? 0.2031 0.1864 0.2357 0.0084  -0.0186 -0.0049 113 GLN A O   
693 C CB  . GLN A 84 ? 0.1904 0.1828 0.2305 0.0065  -0.0090 -0.0065 113 GLN A CB  
694 C CG  . GLN A 84 ? 0.2293 0.2271 0.2754 0.0069  -0.0056 -0.0087 113 GLN A CG  
695 C CD  . GLN A 84 ? 0.2697 0.2698 0.3164 0.0036  -0.0020 -0.0085 113 GLN A CD  
696 O OE1 . GLN A 84 ? 0.3135 0.3101 0.3545 0.0019  -0.0007 -0.0067 113 GLN A OE1 
697 N NE2 . GLN A 84 ? 0.3558 0.3618 0.4087 0.0026  -0.0004 -0.0105 113 GLN A NE2 
698 N N   . LEU A 85 ? 0.1692 0.1467 0.1922 0.0049  -0.0149 -0.0028 114 LEU A N   
699 C CA  . LEU A 85 ? 0.1622 0.1363 0.1798 0.0025  -0.0167 -0.0013 114 LEU A CA  
700 C C   . LEU A 85 ? 0.1780 0.1433 0.1875 0.0027  -0.0199 -0.0007 114 LEU A C   
701 O O   . LEU A 85 ? 0.1844 0.1459 0.1879 0.0001  -0.0211 0.0004  114 LEU A O   
702 C CB  . LEU A 85 ? 0.1694 0.1454 0.1842 -0.0008 -0.0137 -0.0005 114 LEU A CB  
703 C CG  . LEU A 85 ? 0.1781 0.1604 0.1987 -0.0008 -0.0114 -0.0009 114 LEU A CG  
704 C CD1 . LEU A 85 ? 0.2333 0.2171 0.2507 -0.0027 -0.0091 -0.0005 114 LEU A CD1 
705 C CD2 . LEU A 85 ? 0.2362 0.2209 0.2602 -0.0007 -0.0130 -0.0009 114 LEU A CD2 
706 N N   . ALA A 86 ? 0.1814 0.1425 0.1893 0.0055  -0.0210 -0.0015 115 ALA A N   
707 C CA  . ALA A 86 ? 0.2085 0.1585 0.2061 0.0057  -0.0244 -0.0009 115 ALA A CA  
708 C C   . ALA A 86 ? 0.2187 0.1646 0.2132 0.0065  -0.0286 -0.0005 115 ALA A C   
709 O O   . ALA A 86 ? 0.2266 0.1641 0.2110 0.0035  -0.0298 0.0007  115 ALA A O   
710 C CB  . ALA A 86 ? 0.2138 0.1586 0.2094 0.0098  -0.0258 -0.0020 115 ALA A CB  
711 N N   . PRO A 87 ? 0.2254 0.1774 0.2283 0.0099  -0.0305 -0.0018 116 PRO A N   
712 C CA  . PRO A 87 ? 0.2473 0.1954 0.2470 0.0104  -0.0346 -0.0014 116 PRO A CA  
713 C C   . PRO A 87 ? 0.2450 0.1936 0.2417 0.0053  -0.0330 0.0003  116 PRO A C   
714 O O   . PRO A 87 ? 0.2674 0.2074 0.2545 0.0035  -0.0353 0.0013  116 PRO A O   
715 C CB  . PRO A 87 ? 0.2602 0.2179 0.2716 0.0143  -0.0360 -0.0036 116 PRO A CB  
716 C CG  . PRO A 87 ? 0.2603 0.2219 0.2772 0.0177  -0.0347 -0.0056 116 PRO A CG  
717 C CD  . PRO A 87 ? 0.2338 0.1952 0.2481 0.0136  -0.0296 -0.0040 116 PRO A CD  
718 N N   . PHE A 88 ? 0.2250 0.1824 0.2280 0.0030  -0.0290 0.0004  117 PHE A N   
719 C CA  . PHE A 88 ? 0.2303 0.1889 0.2307 -0.0012 -0.0274 0.0016  117 PHE A CA  
720 C C   . PHE A 88 ? 0.2408 0.1924 0.2307 -0.0050 -0.0265 0.0025  117 PHE A C   
721 O O   . PHE A 88 ? 0.2478 0.1953 0.2310 -0.0081 -0.0272 0.0032  117 PHE A O   
722 C CB  . PHE A 88 ? 0.2182 0.1861 0.2257 -0.0023 -0.0235 0.0013  117 PHE A CB  
723 C CG  . PHE A 88 ? 0.2241 0.1936 0.2286 -0.0057 -0.0218 0.0020  117 PHE A CG  
724 C CD1 . PHE A 88 ? 0.2154 0.1830 0.2173 -0.0068 -0.0238 0.0025  117 PHE A CD1 
725 C CD2 . PHE A 88 ? 0.2452 0.2184 0.2495 -0.0075 -0.0184 0.0018  117 PHE A CD2 
726 C CE1 . PHE A 88 ? 0.2248 0.1945 0.2240 -0.0095 -0.0222 0.0028  117 PHE A CE1 
727 C CE2 . PHE A 88 ? 0.2466 0.2223 0.2485 -0.0099 -0.0171 0.0018  117 PHE A CE2 
728 C CZ  . PHE A 88 ? 0.2219 0.1959 0.2213 -0.0108 -0.0188 0.0022  117 PHE A CZ  
729 N N   . ILE A 89 ? 0.2333 0.1837 0.2214 -0.0056 -0.0244 0.0023  118 ILE A N   
730 C CA  . ILE A 89 ? 0.2492 0.1941 0.2277 -0.0100 -0.0230 0.0027  118 ILE A CA  
731 C C   . ILE A 89 ? 0.2805 0.2124 0.2471 -0.0111 -0.0265 0.0034  118 ILE A C   
732 O O   . ILE A 89 ? 0.2915 0.2187 0.2493 -0.0160 -0.0258 0.0038  118 ILE A O   
733 C CB  . ILE A 89 ? 0.2414 0.1880 0.2205 -0.0104 -0.0203 0.0022  118 ILE A CB  
734 C CG1 . ILE A 89 ? 0.2231 0.1810 0.2109 -0.0104 -0.0170 0.0016  118 ILE A CG1 
735 C CG2 . ILE A 89 ? 0.2629 0.2021 0.2307 -0.0156 -0.0194 0.0023  118 ILE A CG2 
736 C CD1 . ILE A 89 ? 0.2118 0.1718 0.2020 -0.0095 -0.0148 0.0009  118 ILE A CD1 
737 N N   . ASP A 90 ? 0.3035 0.2294 0.2694 -0.0063 -0.0304 0.0033  119 ASP A N   
738 C CA  . ASP A 90 ? 0.3462 0.2580 0.2995 -0.0063 -0.0345 0.0039  119 ASP A CA  
739 C C   . ASP A 90 ? 0.3605 0.2711 0.3110 -0.0083 -0.0359 0.0045  119 ASP A C   
740 O O   . ASP A 90 ? 0.3867 0.2857 0.3240 -0.0118 -0.0372 0.0053  119 ASP A O   
741 C CB  . ASP A 90 ? 0.3677 0.2745 0.3217 0.0006  -0.0390 0.0030  119 ASP A CB  
742 C CG  . ASP A 90 ? 0.4143 0.3164 0.3649 0.0020  -0.0382 0.0025  119 ASP A CG  
743 O OD1 . ASP A 90 ? 0.5043 0.4024 0.4476 -0.0032 -0.0351 0.0031  119 ASP A OD1 
744 O OD2 . ASP A 90 ? 0.5109 0.4139 0.4663 0.0083  -0.0406 0.0011  119 ASP A OD2 
745 N N   . SER A 91 ? 0.3555 0.2771 0.3172 -0.0067 -0.0356 0.0042  120 SER A N   
746 C CA  . SER A 91 ? 0.3698 0.2905 0.3290 -0.0085 -0.0369 0.0048  120 SER A CA  
747 C C   . SER A 91 ? 0.3898 0.3120 0.3443 -0.0150 -0.0329 0.0052  120 SER A C   
748 O O   . SER A 91 ? 0.3798 0.2957 0.3258 -0.0183 -0.0338 0.0057  120 SER A O   
749 C CB  . SER A 91 ? 0.3517 0.2835 0.3238 -0.0055 -0.0372 0.0042  120 SER A CB  
750 O OG  . SER A 91 ? 0.3445 0.2865 0.3232 -0.0081 -0.0326 0.0041  120 SER A OG  
751 N N   . LEU A 92 ? 0.4108 0.3424 0.3715 -0.0167 -0.0286 0.0046  121 LEU A N   
752 C CA  . LEU A 92 ? 0.4390 0.3753 0.3975 -0.0220 -0.0249 0.0041  121 LEU A CA  
753 C C   . LEU A 92 ? 0.4638 0.3908 0.4092 -0.0275 -0.0240 0.0041  121 LEU A C   
754 O O   . LEU A 92 ? 0.4730 0.4008 0.4131 -0.0328 -0.0217 0.0034  121 LEU A O   
755 C CB  . LEU A 92 ? 0.4302 0.3787 0.3986 -0.0211 -0.0214 0.0031  121 LEU A CB  
756 C CG  . LEU A 92 ? 0.4411 0.3951 0.4086 -0.0248 -0.0174 0.0019  121 LEU A CG  
757 C CD1 . LEU A 92 ? 0.4270 0.3928 0.4042 -0.0227 -0.0152 0.0008  121 LEU A CD1 
758 C CD2 . LEU A 92 ? 0.4728 0.4217 0.4370 -0.0250 -0.0172 0.0018  121 LEU A CD2 
759 N N   . ARG A 93 ? 0.4897 0.4071 0.4290 -0.0265 -0.0257 0.0044  122 ARG A N   
760 C CA  . ARG A 93 ? 0.5175 0.4226 0.4417 -0.0319 -0.0253 0.0045  122 ARG A CA  
761 C C   . ARG A 93 ? 0.5453 0.4354 0.4576 -0.0316 -0.0297 0.0056  122 ARG A C   
762 O O   . ARG A 93 ? 0.5692 0.4477 0.4668 -0.0372 -0.0294 0.0059  122 ARG A O   
763 C CB  . ARG A 93 ? 0.5267 0.4278 0.4488 -0.0311 -0.0250 0.0044  122 ARG A CB  
764 C CG  . ARG A 93 ? 0.5246 0.4382 0.4550 -0.0329 -0.0205 0.0030  122 ARG A CG  
765 C CD  . ARG A 93 ? 0.5358 0.4449 0.4640 -0.0317 -0.0204 0.0030  122 ARG A CD  
766 N NE  . ARG A 93 ? 0.5583 0.4533 0.4702 -0.0374 -0.0204 0.0030  122 ARG A NE  
767 C CZ  . ARG A 93 ? 0.5551 0.4518 0.4615 -0.0450 -0.0166 0.0017  122 ARG A CZ  
768 N NH1 . ARG A 93 ? 0.5417 0.4545 0.4581 -0.0470 -0.0129 0.0001  122 ARG A NH1 
769 N NH2 . ARG A 93 ? 0.5716 0.4538 0.4618 -0.0507 -0.0166 0.0018  122 ARG A NH2 
# 
